data_8F38
#
_entry.id   8F38
#
_cell.length_a   1.00
_cell.length_b   1.00
_cell.length_c   1.00
_cell.angle_alpha   90.00
_cell.angle_beta   90.00
_cell.angle_gamma   90.00
#
_symmetry.space_group_name_H-M   'P 1'
#
loop_
_entity.id
_entity.type
_entity.pdbx_description
1 polymer 'CR6261 Fab light chain'
2 polymer 'CR6261 Fab heavy chain'
3 polymer hemagglutinin
4 branched beta-D-mannopyranose-(1-4)-2-acetamido-2-deoxy-beta-D-glucopyranose-(1-4)-2-acetamido-2-deoxy-beta-D-glucopyranose
5 branched 2-acetamido-2-deoxy-beta-D-glucopyranose-(1-4)-2-acetamido-2-deoxy-beta-D-glucopyranose
6 non-polymer 2-acetamido-2-deoxy-beta-D-glucopyranose
7 water water
#
loop_
_entity_poly.entity_id
_entity_poly.type
_entity_poly.pdbx_seq_one_letter_code
_entity_poly.pdbx_strand_id
1 'polypeptide(L)'
;QSVLTQPPSVSAAPGQKVTISCSGSSSNIGNDYVSWYQQLPGTAPKLLIYDNNKRPSGIPDRFSGSKSGTSATLGITGLQ
TGDEANYYCATWDRRPTAYVVFGGGTKLTVLGAAAGQPKAAPSVTLFPPSSEELQANKATLVCLISDFYPGAVTVAWKAD
SSPVKAGVETTTPSKQSNNKYAASSYLSLTPEQWKSHRSYSCQVTHEGSTVEKTVAPTECS
;
G,H,I
2 'polypeptide(L)'
;EVQLVESGAEVKKPGSSVKVSCKASGGPFRSYAISWVRQAPGQGPEWMGGIIPIFGTTKYAPKFQGRVTITADDFAGTVY
MELSSLRSEDTAMYYCAKHMGYQVRETMDVWGKGTTVTVSSASTKGPSVFPLAPSSKSTSGGTAALGCLVKDYFPEPVTV
SWNSGALTSGVHTFPAVLQSSGLYSLSSVVTVPSSSLGTQTYICNVNHKPSNTKVDKRVEPKSCDKHHHHHH
;
D,E,F
3 'polypeptide(L)'
;MEARLLVLLCAFAATNADTICIGYHANNSTDTVDTVLEKNVTVTHSVNLLEDSHNGKLCLLKGIAPLQLGNCSVAGWILG
NPECELLISKESWSYIVETPNPENGTCYPGYFADYEELREQLSSVSSFERFEIFPKESSWPNHTVTGVSASCSHNGKSSF
YRNLLWLTGKNGLYPNLSKSYANNKEKEVLVLWGVHHPPNIGDQRALYHTENAYVSVVSSHYSRKFTPEIAKRPKVRDQE
GRINYYWTLLEPGDTIIFEANGNLIAPRYAFALSRGFGSGIITSNAPMDECDAKCQTPQGAINSSLPFQNVHPVTIGECP
KYVRSAKLRMVTGLRNIPSIQSRGLFGAIAGFIEGGWTGMVDGWYGYHHQNEQGSGYAADQKSTQNAINGITNKVNSVIE
KMNTQFTAVGKEFNKLERRMENLNKKVDDGFLDIWTYNAELLVLLENERTLDFHDSNVKNLYEKVKSQLKNNAKEIGNGC
FEFYHKCNNECMESVKNGTYDYPKYSEESKLNREKIDGVKLESMGVYQILAIYSTVASSLVLLVSLGAISFWMCSNGSLQ
CRICI
;
A,B,C
#
# COMPACT_ATOMS: atom_id res chain seq x y z
N VAL A 3 50.01 -14.95 31.93
CA VAL A 3 48.97 -14.95 32.94
C VAL A 3 49.14 -13.75 33.86
N LEU A 4 48.10 -13.45 34.64
CA LEU A 4 48.13 -12.34 35.59
C LEU A 4 48.14 -12.91 37.00
N THR A 5 49.09 -12.46 37.82
CA THR A 5 49.28 -12.96 39.17
C THR A 5 48.72 -11.98 40.18
N GLN A 6 47.95 -12.49 41.13
CA GLN A 6 47.37 -11.72 42.21
C GLN A 6 47.66 -12.42 43.53
N PRO A 7 47.65 -11.68 44.65
CA PRO A 7 47.73 -12.33 45.95
C PRO A 7 46.54 -13.23 46.18
N PRO A 8 46.75 -14.42 46.76
CA PRO A 8 45.64 -15.37 46.93
C PRO A 8 44.57 -14.91 47.91
N SER A 9 44.93 -14.11 48.92
CA SER A 9 43.95 -13.74 49.94
C SER A 9 44.42 -12.47 50.65
N VAL A 10 43.50 -11.53 50.84
CA VAL A 10 43.74 -10.32 51.61
C VAL A 10 42.54 -10.08 52.53
N SER A 11 42.80 -9.63 53.75
CA SER A 11 41.76 -9.44 54.75
C SER A 11 41.97 -8.14 55.49
N ALA A 12 40.86 -7.53 55.92
CA ALA A 12 40.90 -6.28 56.67
C ALA A 12 39.58 -6.11 57.40
N ALA A 13 39.58 -5.17 58.36
CA ALA A 13 38.43 -4.87 59.19
C ALA A 13 37.43 -4.00 58.45
N PRO A 14 36.16 -4.02 58.86
CA PRO A 14 35.16 -3.16 58.22
C PRO A 14 35.51 -1.69 58.32
N GLY A 15 35.18 -0.94 57.27
CA GLY A 15 35.45 0.48 57.23
C GLY A 15 36.87 0.86 56.89
N GLN A 16 37.70 -0.11 56.51
CA GLN A 16 39.10 0.13 56.19
C GLN A 16 39.26 0.28 54.68
N LYS A 17 40.52 0.33 54.23
CA LYS A 17 40.84 0.46 52.81
C LYS A 17 41.72 -0.71 52.39
N VAL A 18 41.36 -1.34 51.27
CA VAL A 18 42.07 -2.51 50.77
C VAL A 18 42.48 -2.28 49.33
N THR A 19 43.73 -2.62 49.02
CA THR A 19 44.25 -2.59 47.66
C THR A 19 44.61 -4.00 47.23
N ILE A 20 44.11 -4.42 46.07
CA ILE A 20 44.41 -5.72 45.49
C ILE A 20 45.23 -5.49 44.23
N SER A 21 46.37 -6.18 44.14
CA SER A 21 47.31 -6.00 43.06
C SER A 21 47.17 -7.11 42.01
N CYS A 22 48.21 -7.16 41.16
CA CYS A 22 48.20 -8.12 40.03
C CYS A 22 49.37 -7.76 39.11
N SER A 23 50.35 -8.65 38.97
CA SER A 23 51.55 -8.30 38.16
C SER A 23 51.64 -9.22 36.94
N GLY A 24 51.40 -8.68 35.74
CA GLY A 24 51.55 -9.48 34.55
C GLY A 24 52.90 -9.22 33.90
N SER A 25 52.86 -9.05 32.57
CA SER A 25 54.06 -8.80 31.78
C SER A 25 53.76 -7.67 30.80
N SER A 26 54.77 -7.32 29.99
CA SER A 26 54.63 -6.25 29.02
C SER A 26 53.69 -6.59 27.87
N SER A 27 53.36 -7.88 27.69
CA SER A 27 52.50 -8.30 26.60
C SER A 27 51.02 -8.22 26.97
N ASN A 28 50.67 -8.50 28.23
CA ASN A 28 49.27 -8.52 28.65
C ASN A 28 48.83 -7.18 29.23
N ILE A 29 49.49 -6.72 30.30
CA ILE A 29 49.07 -5.50 30.98
C ILE A 29 49.86 -4.29 30.48
N GLY A 30 51.13 -4.47 30.15
CA GLY A 30 51.96 -3.37 29.72
C GLY A 30 51.61 -2.78 28.37
N ASN A 31 50.70 -3.40 27.62
CA ASN A 31 50.32 -2.89 26.31
C ASN A 31 48.81 -2.93 26.09
N ASP A 32 48.01 -3.03 27.16
CA ASP A 32 46.56 -3.10 27.02
C ASP A 32 45.92 -2.67 28.33
N TYR A 33 44.60 -2.50 28.28
CA TYR A 33 43.83 -2.07 29.43
C TYR A 33 43.53 -3.25 30.35
N VAL A 34 43.05 -2.92 31.56
CA VAL A 34 42.75 -3.91 32.58
C VAL A 34 41.32 -3.69 33.06
N SER A 35 40.60 -4.79 33.30
CA SER A 35 39.24 -4.73 33.82
C SER A 35 39.16 -5.54 35.10
N TRP A 36 38.25 -5.13 35.98
CA TRP A 36 38.08 -5.76 37.29
C TRP A 36 36.64 -6.22 37.45
N TYR A 37 36.49 -7.51 37.79
CA TYR A 37 35.19 -8.15 38.00
C TYR A 37 35.08 -8.67 39.42
N GLN A 38 33.86 -8.68 39.93
CA GLN A 38 33.53 -9.25 41.23
C GLN A 38 32.56 -10.41 41.07
N GLN A 39 32.79 -11.47 41.84
CA GLN A 39 31.97 -12.68 41.79
C GLN A 39 31.57 -13.07 43.20
N LEU A 40 30.27 -12.97 43.50
CA LEU A 40 29.63 -13.48 44.70
C LEU A 40 29.32 -14.95 44.54
N PRO A 41 29.16 -15.70 45.64
CA PRO A 41 28.89 -17.14 45.50
C PRO A 41 27.49 -17.40 44.95
N GLY A 42 27.42 -18.25 43.94
CA GLY A 42 26.16 -18.60 43.31
C GLY A 42 25.69 -17.66 42.23
N THR A 43 26.48 -16.65 41.85
CA THR A 43 26.10 -15.69 40.84
C THR A 43 27.21 -15.55 39.81
N ALA A 44 26.85 -14.98 38.65
CA ALA A 44 27.81 -14.70 37.60
C ALA A 44 28.70 -13.53 38.00
N PRO A 45 29.91 -13.45 37.45
CA PRO A 45 30.78 -12.31 37.75
C PRO A 45 30.14 -11.00 37.34
N LYS A 46 30.39 -9.96 38.13
CA LYS A 46 29.85 -8.63 37.91
C LYS A 46 30.98 -7.67 37.60
N LEU A 47 30.83 -6.90 36.53
CA LEU A 47 31.87 -5.95 36.13
C LEU A 47 31.95 -4.80 37.13
N LEU A 48 33.17 -4.50 37.58
CA LEU A 48 33.41 -3.42 38.53
C LEU A 48 34.12 -2.23 37.88
N ILE A 49 35.27 -2.47 37.24
CA ILE A 49 36.07 -1.40 36.65
C ILE A 49 36.41 -1.76 35.22
N TYR A 50 36.33 -0.78 34.32
CA TYR A 50 36.79 -0.95 32.94
C TYR A 50 37.51 0.31 32.51
N ASP A 51 38.24 0.21 31.40
CA ASP A 51 39.06 1.30 30.87
C ASP A 51 40.08 1.79 31.90
N ASN A 52 40.38 0.93 32.87
CA ASN A 52 41.47 1.06 33.83
C ASN A 52 41.21 2.11 34.90
N ASN A 53 40.20 2.96 34.73
CA ASN A 53 39.73 3.79 35.83
C ASN A 53 38.23 4.03 35.84
N LYS A 54 37.49 3.56 34.85
CA LYS A 54 36.08 3.94 34.71
C LYS A 54 35.18 2.96 35.43
N ARG A 55 34.00 3.44 35.84
CA ARG A 55 33.02 2.65 36.53
C ARG A 55 31.69 2.64 35.77
N PRO A 56 31.04 1.49 35.66
CA PRO A 56 29.71 1.46 35.03
C PRO A 56 28.66 2.08 35.94
N SER A 57 27.49 2.32 35.35
CA SER A 57 26.37 2.87 36.11
C SER A 57 25.94 1.91 37.20
N GLY A 58 25.70 2.43 38.41
CA GLY A 58 25.31 1.63 39.55
C GLY A 58 26.45 1.19 40.44
N ILE A 59 27.69 1.45 40.05
CA ILE A 59 28.86 1.10 40.86
C ILE A 59 29.17 2.24 41.82
N PRO A 60 29.29 1.98 43.12
CA PRO A 60 29.53 3.06 44.08
C PRO A 60 30.92 3.65 43.92
N ASP A 61 31.06 4.87 44.45
CA ASP A 61 32.31 5.62 44.31
C ASP A 61 33.46 5.01 45.09
N ARG A 62 33.17 4.16 46.09
CA ARG A 62 34.21 3.60 46.93
C ARG A 62 35.11 2.61 46.19
N PHE A 63 34.71 2.18 44.99
CA PHE A 63 35.54 1.33 44.16
C PHE A 63 36.37 2.20 43.22
N SER A 64 37.66 1.91 43.10
CA SER A 64 38.51 2.66 42.18
C SER A 64 39.59 1.74 41.65
N GLY A 65 40.21 2.15 40.54
CA GLY A 65 41.25 1.35 39.93
C GLY A 65 42.31 2.22 39.30
N SER A 66 43.51 1.65 39.18
CA SER A 66 44.62 2.34 38.54
C SER A 66 45.60 1.30 38.02
N LYS A 67 46.52 1.75 37.16
CA LYS A 67 47.55 0.88 36.63
C LYS A 67 48.83 1.67 36.41
N SER A 68 49.92 1.21 37.01
CA SER A 68 51.23 1.81 36.84
C SER A 68 52.16 0.79 36.21
N GLY A 69 52.73 1.15 35.05
CA GLY A 69 53.66 0.28 34.37
C GLY A 69 53.08 -1.07 34.04
N THR A 70 53.52 -2.09 34.76
CA THR A 70 53.07 -3.46 34.56
C THR A 70 51.99 -3.89 35.55
N SER A 71 51.86 -3.22 36.69
CA SER A 71 50.99 -3.67 37.77
C SER A 71 49.76 -2.78 37.90
N ALA A 72 48.61 -3.41 38.04
CA ALA A 72 47.35 -2.71 38.27
C ALA A 72 46.88 -2.92 39.71
N THR A 73 46.07 -1.99 40.19
CA THR A 73 45.61 -2.01 41.57
C THR A 73 44.13 -1.63 41.61
N LEU A 74 43.37 -2.39 42.41
CA LEU A 74 41.98 -2.09 42.69
C LEU A 74 41.83 -1.72 44.16
N GLY A 75 41.23 -0.56 44.41
CA GLY A 75 41.09 -0.06 45.76
C GLY A 75 39.65 0.04 46.19
N ILE A 76 39.38 -0.43 47.40
CA ILE A 76 38.03 -0.44 47.98
C ILE A 76 38.09 0.20 49.36
N THR A 77 37.20 1.17 49.59
CA THR A 77 37.09 1.85 50.87
C THR A 77 35.69 1.67 51.44
N GLY A 78 35.56 1.91 52.74
CA GLY A 78 34.28 1.76 53.41
C GLY A 78 33.75 0.34 53.36
N LEU A 79 34.61 -0.62 53.71
CA LEU A 79 34.26 -2.03 53.60
C LEU A 79 33.03 -2.36 54.44
N GLN A 80 32.16 -3.19 53.89
CA GLN A 80 30.97 -3.69 54.58
C GLN A 80 31.03 -5.21 54.67
N THR A 81 29.97 -5.79 55.23
CA THR A 81 29.88 -7.24 55.30
C THR A 81 29.58 -7.85 53.93
N GLY A 82 28.89 -7.10 53.06
CA GLY A 82 28.54 -7.58 51.74
C GLY A 82 29.61 -7.44 50.69
N ASP A 83 30.79 -6.92 51.04
CA ASP A 83 31.90 -6.76 50.11
C ASP A 83 32.91 -7.90 50.24
N GLU A 84 32.45 -9.10 50.59
CA GLU A 84 33.31 -10.28 50.69
C GLU A 84 32.94 -11.23 49.55
N ALA A 85 33.84 -11.36 48.59
CA ALA A 85 33.61 -12.16 47.39
C ALA A 85 34.95 -12.38 46.70
N ASN A 86 34.91 -12.94 45.49
CA ASN A 86 36.11 -13.13 44.68
C ASN A 86 36.28 -11.95 43.73
N TYR A 87 37.53 -11.58 43.46
CA TYR A 87 37.84 -10.47 42.57
C TYR A 87 38.84 -10.93 41.52
N TYR A 88 38.58 -10.56 40.26
CA TYR A 88 39.38 -11.03 39.14
C TYR A 88 39.80 -9.86 38.27
N CYS A 89 41.07 -9.88 37.83
CA CYS A 89 41.57 -8.94 36.85
C CYS A 89 41.69 -9.63 35.50
N ALA A 90 41.23 -8.93 34.46
CA ALA A 90 41.20 -9.48 33.11
C ALA A 90 41.83 -8.50 32.14
N THR A 91 42.45 -9.04 31.09
CA THR A 91 43.04 -8.21 30.06
C THR A 91 43.03 -8.96 28.74
N TRP A 92 43.39 -8.25 27.67
CA TRP A 92 43.32 -8.77 26.30
C TRP A 92 44.75 -9.03 25.81
N ASP A 93 45.24 -10.24 26.08
CA ASP A 93 46.58 -10.61 25.63
C ASP A 93 46.59 -10.70 24.11
N ARG A 94 47.68 -10.25 23.50
CA ARG A 94 47.76 -10.23 22.04
C ARG A 94 49.24 -10.29 21.62
N ARG A 95 49.68 -11.47 21.19
CA ARG A 95 50.95 -11.58 20.49
C ARG A 95 50.90 -12.77 19.53
N PRO A 96 50.97 -14.03 19.98
CA PRO A 96 50.87 -15.14 19.02
C PRO A 96 49.46 -15.33 18.46
N THR A 97 48.49 -15.50 19.35
CA THR A 97 47.07 -15.52 19.03
C THR A 97 46.36 -14.82 20.18
N ALA A 98 45.73 -13.69 19.91
CA ALA A 98 45.15 -12.87 20.98
C ALA A 98 44.00 -13.59 21.65
N TYR A 99 43.89 -13.41 22.97
CA TYR A 99 42.77 -13.98 23.72
C TYR A 99 42.61 -13.23 25.03
N VAL A 100 41.43 -13.37 25.63
CA VAL A 100 41.16 -12.79 26.95
C VAL A 100 41.81 -13.66 28.01
N VAL A 101 42.53 -13.04 28.93
CA VAL A 101 43.15 -13.74 30.06
C VAL A 101 42.62 -13.14 31.36
N PHE A 102 42.13 -14.00 32.24
CA PHE A 102 41.70 -13.63 33.58
C PHE A 102 42.83 -13.87 34.59
N GLY A 103 42.73 -13.19 35.72
CA GLY A 103 43.69 -13.39 36.79
C GLY A 103 43.41 -14.64 37.60
N GLY A 104 44.33 -14.91 38.54
CA GLY A 104 44.17 -16.06 39.39
C GLY A 104 43.04 -15.94 40.40
N GLY A 105 42.66 -14.72 40.75
CA GLY A 105 41.60 -14.50 41.71
C GLY A 105 42.14 -14.21 43.10
N THR A 106 41.38 -13.43 43.86
CA THR A 106 41.77 -13.03 45.21
C THR A 106 40.54 -13.05 46.11
N LYS A 107 40.63 -13.77 47.22
CA LYS A 107 39.55 -13.83 48.19
C LYS A 107 39.69 -12.68 49.18
N LEU A 108 38.62 -11.88 49.30
CA LEU A 108 38.57 -10.76 50.23
C LEU A 108 37.72 -11.19 51.42
N THR A 109 38.36 -11.36 52.58
CA THR A 109 37.68 -11.75 53.80
C THR A 109 37.60 -10.56 54.74
N VAL A 110 36.42 -10.33 55.30
CA VAL A 110 36.20 -9.22 56.23
C VAL A 110 36.12 -9.77 57.64
N LEU A 111 36.44 -8.91 58.61
CA LEU A 111 36.41 -9.30 60.01
C LEU A 111 35.55 -8.33 60.82
N VAL B 2 19.07 -5.72 28.34
CA VAL B 2 19.30 -6.93 27.56
C VAL B 2 19.48 -8.12 28.47
N GLN B 3 18.72 -9.18 28.21
CA GLN B 3 18.78 -10.42 28.99
C GLN B 3 19.25 -11.55 28.11
N LEU B 4 20.17 -12.36 28.63
CA LEU B 4 20.68 -13.54 27.95
C LEU B 4 20.24 -14.78 28.69
N VAL B 5 19.62 -15.71 27.96
CA VAL B 5 19.07 -16.94 28.54
C VAL B 5 19.74 -18.13 27.86
N GLU B 6 20.29 -19.03 28.68
CA GLU B 6 20.91 -20.24 28.17
C GLU B 6 19.89 -21.37 28.10
N SER B 7 20.34 -22.52 27.60
CA SER B 7 19.50 -23.70 27.51
C SER B 7 19.56 -24.47 28.83
N GLY B 8 19.00 -25.68 28.84
CA GLY B 8 18.95 -26.48 30.05
C GLY B 8 20.25 -27.23 30.32
N ALA B 9 20.28 -27.89 31.46
CA ALA B 9 21.45 -28.67 31.88
C ALA B 9 21.54 -29.96 31.07
N GLU B 10 22.76 -30.47 30.96
CA GLU B 10 23.04 -31.67 30.19
C GLU B 10 23.88 -32.64 31.00
N VAL B 11 23.63 -33.94 30.78
CA VAL B 11 24.42 -35.02 31.34
C VAL B 11 24.93 -35.85 30.17
N LYS B 12 26.23 -35.84 29.95
CA LYS B 12 26.84 -36.50 28.80
C LYS B 12 27.85 -37.54 29.25
N LYS B 13 28.25 -38.38 28.31
CA LYS B 13 29.22 -39.43 28.49
C LYS B 13 30.54 -39.04 27.84
N PRO B 14 31.68 -39.51 28.36
CA PRO B 14 32.97 -39.15 27.76
C PRO B 14 33.04 -39.59 26.30
N GLY B 15 33.65 -38.75 25.47
CA GLY B 15 33.74 -39.00 24.05
C GLY B 15 32.57 -38.47 23.24
N SER B 16 31.54 -37.93 23.88
CA SER B 16 30.38 -37.41 23.17
C SER B 16 30.54 -35.91 22.94
N SER B 17 29.51 -35.29 22.37
CA SER B 17 29.52 -33.87 22.06
C SER B 17 28.22 -33.25 22.57
N VAL B 18 28.30 -31.96 22.92
CA VAL B 18 27.17 -31.23 23.47
C VAL B 18 27.08 -29.86 22.80
N LYS B 19 25.86 -29.46 22.45
CA LYS B 19 25.59 -28.15 21.86
C LYS B 19 24.66 -27.38 22.77
N VAL B 20 25.00 -26.12 23.04
CA VAL B 20 24.24 -25.24 23.90
C VAL B 20 23.91 -23.96 23.14
N SER B 21 22.84 -23.30 23.57
CA SER B 21 22.35 -22.10 22.89
C SER B 21 22.12 -20.97 23.89
N CYS B 22 22.28 -19.75 23.40
CA CYS B 22 22.05 -18.53 24.16
C CYS B 22 21.13 -17.63 23.35
N LYS B 23 20.08 -17.12 23.99
CA LYS B 23 19.10 -16.26 23.35
C LYS B 23 19.13 -14.89 24.01
N ALA B 24 19.15 -13.84 23.19
CA ALA B 24 19.27 -12.47 23.67
C ALA B 24 18.00 -11.69 23.37
N SER B 25 17.52 -10.94 24.36
CA SER B 25 16.31 -10.15 24.21
C SER B 25 16.57 -8.92 23.36
N GLY B 26 15.50 -8.43 22.74
CA GLY B 26 15.57 -7.27 21.87
C GLY B 26 15.40 -7.64 20.40
N GLY B 27 15.88 -6.76 19.54
CA GLY B 27 15.85 -7.00 18.12
C GLY B 27 16.70 -8.18 17.74
N PRO B 28 16.31 -8.89 16.68
CA PRO B 28 17.06 -10.10 16.28
C PRO B 28 18.52 -9.82 15.94
N PHE B 29 18.84 -8.66 15.38
CA PHE B 29 20.19 -8.33 14.99
C PHE B 29 20.85 -7.47 16.07
N ARG B 30 22.05 -7.85 16.48
CA ARG B 30 22.78 -7.16 17.53
CA ARG B 30 22.78 -7.16 17.53
C ARG B 30 23.98 -6.43 16.95
N SER B 31 24.39 -5.36 17.64
CA SER B 31 25.55 -4.57 17.26
C SER B 31 26.73 -4.80 18.19
N TYR B 32 26.73 -5.91 18.93
CA TYR B 32 27.78 -6.23 19.88
C TYR B 32 28.21 -7.68 19.70
N ALA B 33 29.46 -7.97 20.08
CA ALA B 33 29.99 -9.31 20.00
C ALA B 33 29.52 -10.14 21.19
N ILE B 34 29.58 -11.47 21.04
CA ILE B 34 29.11 -12.38 22.08
C ILE B 34 30.19 -13.43 22.34
N SER B 35 30.49 -13.66 23.61
CA SER B 35 31.56 -14.57 24.02
C SER B 35 31.01 -15.65 24.94
N TRP B 36 31.75 -16.76 25.02
CA TRP B 36 31.41 -17.88 25.87
C TRP B 36 32.50 -18.08 26.92
N VAL B 37 32.09 -18.21 28.18
CA VAL B 37 33.02 -18.40 29.29
C VAL B 37 32.59 -19.64 30.06
N ARG B 38 33.54 -20.27 30.74
CA ARG B 38 33.24 -21.45 31.55
C ARG B 38 34.01 -21.37 32.86
N GLN B 39 33.50 -22.09 33.86
CA GLN B 39 34.13 -22.10 35.18
C GLN B 39 33.89 -23.46 35.82
N ALA B 40 34.96 -24.11 36.23
CA ALA B 40 34.87 -25.35 36.99
C ALA B 40 34.73 -25.05 38.48
N PRO B 41 34.12 -25.95 39.25
CA PRO B 41 33.98 -25.72 40.68
C PRO B 41 35.35 -25.64 41.35
N GLY B 42 35.52 -24.62 42.19
CA GLY B 42 36.78 -24.39 42.87
C GLY B 42 37.88 -23.79 42.01
N GLN B 43 37.56 -23.29 40.82
CA GLN B 43 38.54 -22.72 39.91
C GLN B 43 38.04 -21.36 39.42
N GLY B 44 38.82 -20.75 38.53
CA GLY B 44 38.49 -19.47 37.98
C GLY B 44 37.93 -19.55 36.58
N PRO B 45 37.38 -18.45 36.08
CA PRO B 45 36.79 -18.44 34.74
C PRO B 45 37.85 -18.64 33.65
N GLU B 46 37.41 -19.24 32.55
CA GLU B 46 38.26 -19.46 31.38
C GLU B 46 37.50 -19.03 30.13
N TRP B 47 38.14 -18.21 29.31
CA TRP B 47 37.52 -17.71 28.09
C TRP B 47 37.68 -18.75 26.98
N MET B 48 36.58 -19.07 26.31
CA MET B 48 36.57 -20.08 25.25
C MET B 48 36.66 -19.47 23.87
N GLY B 49 35.73 -18.59 23.52
CA GLY B 49 35.74 -17.97 22.21
C GLY B 49 34.55 -17.06 22.03
N GLY B 50 34.61 -16.26 20.97
CA GLY B 50 33.57 -15.28 20.70
C GLY B 50 33.30 -15.10 19.22
N ILE B 51 32.20 -14.41 18.95
CA ILE B 51 31.73 -14.16 17.59
C ILE B 51 31.35 -12.69 17.45
N ILE B 52 31.54 -12.17 16.24
CA ILE B 52 31.45 -10.75 15.90
C ILE B 52 30.26 -10.52 14.97
N PRO B 53 29.47 -9.47 15.18
CA PRO B 53 28.31 -9.23 14.30
C PRO B 53 28.72 -8.71 12.92
N ILE B 54 27.79 -8.85 11.98
CA ILE B 54 27.93 -8.37 10.60
C ILE B 54 29.06 -9.07 9.88
N PHE B 55 30.30 -8.90 10.35
CA PHE B 55 31.43 -9.52 9.70
C PHE B 55 31.38 -11.04 9.83
N GLY B 56 30.96 -11.54 10.99
CA GLY B 56 30.85 -12.97 11.21
C GLY B 56 32.12 -13.67 11.61
N THR B 57 33.17 -12.92 11.95
CA THR B 57 34.42 -13.53 12.35
C THR B 57 34.27 -14.21 13.70
N THR B 58 34.94 -15.35 13.86
CA THR B 58 34.92 -16.12 15.11
C THR B 58 36.35 -16.28 15.61
N LYS B 59 36.54 -16.10 16.91
CA LYS B 59 37.84 -16.26 17.55
C LYS B 59 37.74 -17.30 18.66
N TYR B 60 38.81 -18.08 18.83
CA TYR B 60 38.87 -19.14 19.83
C TYR B 60 40.14 -19.00 20.63
N ALA B 61 40.22 -19.80 21.70
CA ALA B 61 41.40 -19.85 22.57
C ALA B 61 42.30 -21.01 22.18
N PRO B 62 43.62 -20.85 22.34
CA PRO B 62 44.53 -21.94 21.97
C PRO B 62 44.26 -23.24 22.72
N LYS B 63 43.83 -23.16 23.97
CA LYS B 63 43.49 -24.37 24.72
C LYS B 63 42.30 -25.09 24.10
N PHE B 64 41.29 -24.33 23.67
CA PHE B 64 40.06 -24.89 23.14
C PHE B 64 40.03 -24.93 21.61
N GLN B 65 41.10 -24.54 20.94
CA GLN B 65 41.09 -24.49 19.48
C GLN B 65 41.10 -25.90 18.91
N GLY B 66 40.12 -26.18 18.04
CA GLY B 66 40.03 -27.49 17.41
C GLY B 66 38.81 -28.27 17.83
N ARG B 67 38.38 -28.12 19.08
CA ARG B 67 37.28 -28.90 19.63
C ARG B 67 35.99 -28.13 19.76
N VAL B 68 36.02 -26.80 19.67
CA VAL B 68 34.84 -25.98 19.91
C VAL B 68 34.46 -25.26 18.62
N THR B 69 33.17 -25.07 18.42
CA THR B 69 32.65 -24.38 17.24
C THR B 69 31.51 -23.46 17.66
N ILE B 70 31.61 -22.18 17.29
CA ILE B 70 30.61 -21.18 17.64
C ILE B 70 29.94 -20.71 16.35
N THR B 71 28.61 -20.73 16.35
CA THR B 71 27.82 -20.27 15.21
C THR B 71 26.71 -19.35 15.73
N ALA B 72 26.08 -18.64 14.80
CA ALA B 72 25.01 -17.73 15.16
C ALA B 72 23.89 -17.81 14.12
N ASP B 73 22.67 -17.59 14.58
CA ASP B 73 21.51 -17.46 13.70
C ASP B 73 20.86 -16.12 14.02
N ASP B 74 20.86 -15.22 13.04
CA ASP B 74 20.55 -13.81 13.27
C ASP B 74 19.06 -13.50 13.23
N PHE B 75 18.29 -14.17 12.37
CA PHE B 75 16.87 -13.89 12.27
C PHE B 75 16.07 -14.44 13.45
N ALA B 76 16.68 -15.30 14.28
CA ALA B 76 16.08 -15.72 15.53
C ALA B 76 16.83 -15.21 16.74
N GLY B 77 17.98 -14.55 16.55
CA GLY B 77 18.74 -14.00 17.65
C GLY B 77 19.34 -15.03 18.59
N THR B 78 19.92 -16.09 18.05
CA THR B 78 20.46 -17.17 18.86
C THR B 78 21.93 -17.40 18.55
N VAL B 79 22.67 -17.84 19.55
CA VAL B 79 24.08 -18.17 19.40
C VAL B 79 24.31 -19.59 19.91
N TYR B 80 24.95 -20.42 19.11
CA TYR B 80 25.16 -21.83 19.43
C TYR B 80 26.64 -22.10 19.63
N MET B 81 26.95 -22.95 20.61
CA MET B 81 28.30 -23.42 20.88
C MET B 81 28.29 -24.94 20.95
N GLU B 82 29.17 -25.58 20.20
CA GLU B 82 29.28 -27.03 20.16
C GLU B 82 30.67 -27.45 20.63
N LEU B 83 30.72 -28.39 21.57
CA LEU B 83 31.96 -28.93 22.09
C LEU B 83 31.98 -30.44 21.90
N SER B 84 33.12 -30.97 21.48
CA SER B 84 33.26 -32.38 21.15
C SER B 84 34.45 -32.96 21.90
N SER B 85 34.50 -34.30 21.94
CA SER B 85 35.56 -35.05 22.61
C SER B 85 35.60 -34.71 24.10
N LEU B 86 34.47 -34.94 24.76
CA LEU B 86 34.32 -34.58 26.16
C LEU B 86 35.17 -35.47 27.06
N ARG B 87 35.68 -34.87 28.14
CA ARG B 87 36.44 -35.61 29.15
C ARG B 87 35.84 -35.38 30.53
N SER B 88 36.51 -35.87 31.56
CA SER B 88 36.02 -35.69 32.93
C SER B 88 36.24 -34.26 33.42
N GLU B 89 37.21 -33.55 32.85
CA GLU B 89 37.51 -32.19 33.27
C GLU B 89 36.64 -31.15 32.59
N ASP B 90 35.74 -31.56 31.70
CA ASP B 90 34.83 -30.63 31.03
C ASP B 90 33.61 -30.30 31.89
N THR B 91 33.42 -30.98 33.01
CA THR B 91 32.32 -30.68 33.91
C THR B 91 32.47 -29.27 34.47
N ALA B 92 31.57 -28.37 34.09
CA ALA B 92 31.72 -26.97 34.49
C ALA B 92 30.41 -26.23 34.20
N MET B 93 30.33 -25.00 34.65
CA MET B 93 29.20 -24.11 34.39
C MET B 93 29.59 -23.10 33.31
N TYR B 94 28.71 -22.91 32.34
CA TYR B 94 28.98 -22.12 31.15
C TYR B 94 28.07 -20.89 31.13
N TYR B 95 28.64 -19.75 30.74
CA TYR B 95 27.92 -18.50 30.60
C TYR B 95 28.14 -17.94 29.19
N CYS B 96 27.12 -17.25 28.68
CA CYS B 96 27.26 -16.41 27.51
C CYS B 96 27.26 -14.94 27.95
N ALA B 97 28.25 -14.18 27.49
CA ALA B 97 28.44 -12.81 27.92
C ALA B 97 28.48 -11.89 26.71
N LYS B 98 28.12 -10.63 26.93
CA LYS B 98 28.05 -9.64 25.86
C LYS B 98 29.05 -8.52 26.11
N HIS B 99 29.56 -7.95 25.02
CA HIS B 99 30.49 -6.84 25.05
C HIS B 99 29.77 -5.53 24.75
N MET B 100 30.44 -4.41 25.02
CA MET B 100 29.86 -3.12 24.69
C MET B 100 29.95 -2.80 23.21
N GLY B 101 31.02 -3.22 22.54
CA GLY B 101 31.22 -2.95 21.14
C GLY B 101 31.12 -4.19 20.26
N TYR B 102 31.39 -3.98 18.98
CA TYR B 102 31.36 -5.05 18.01
C TYR B 102 32.61 -5.92 18.02
N GLN B 103 33.63 -5.54 18.79
CA GLN B 103 34.88 -6.26 18.88
C GLN B 103 34.96 -7.05 20.17
N VAL B 104 35.69 -8.16 20.11
CA VAL B 104 35.89 -9.03 21.27
C VAL B 104 37.03 -8.46 22.10
N ARG B 105 36.72 -7.98 23.30
CA ARG B 105 37.71 -7.39 24.19
C ARG B 105 37.62 -8.01 25.57
N GLU B 106 38.35 -7.44 26.53
CA GLU B 106 38.44 -7.99 27.88
C GLU B 106 37.32 -7.51 28.79
N THR B 107 36.44 -6.64 28.33
CA THR B 107 35.39 -6.07 29.16
C THR B 107 34.02 -6.58 28.70
N MET B 108 33.37 -7.35 29.58
CA MET B 108 32.01 -7.83 29.35
C MET B 108 31.10 -7.28 30.43
N ASP B 109 29.99 -6.67 30.02
CA ASP B 109 29.13 -5.96 30.96
C ASP B 109 27.86 -6.70 31.31
N VAL B 110 27.41 -7.65 30.49
CA VAL B 110 26.19 -8.41 30.76
C VAL B 110 26.52 -9.89 30.65
N TRP B 111 26.11 -10.66 31.68
CA TRP B 111 26.32 -12.09 31.75
C TRP B 111 24.98 -12.80 31.85
N GLY B 112 24.99 -14.10 31.52
CA GLY B 112 23.83 -14.95 31.67
C GLY B 112 23.84 -15.71 32.98
N LYS B 113 22.74 -16.42 33.23
CA LYS B 113 22.62 -17.21 34.45
C LYS B 113 23.63 -18.35 34.48
N GLY B 114 23.80 -19.04 33.36
CA GLY B 114 24.72 -20.15 33.25
C GLY B 114 24.00 -21.49 33.23
N THR B 115 24.67 -22.48 32.67
CA THR B 115 24.13 -23.83 32.60
C THR B 115 25.27 -24.82 32.86
N THR B 116 24.94 -25.93 33.51
CA THR B 116 25.95 -26.89 33.96
C THR B 116 26.05 -28.05 32.98
N VAL B 117 27.28 -28.44 32.67
CA VAL B 117 27.56 -29.60 31.83
C VAL B 117 28.39 -30.57 32.65
N THR B 118 27.84 -31.77 32.87
CA THR B 118 28.47 -32.81 33.66
C THR B 118 28.79 -34.00 32.78
N VAL B 119 29.93 -34.64 33.05
CA VAL B 119 30.37 -35.78 32.27
C VAL B 119 30.51 -37.01 33.17
N VAL C 2 -5.57 34.16 -0.93
CA VAL C 2 -5.92 33.82 0.44
C VAL C 2 -7.06 34.71 0.92
N GLN C 3 -8.10 34.09 1.47
CA GLN C 3 -9.26 34.80 1.98
C GLN C 3 -9.39 34.55 3.47
N LEU C 4 -9.64 35.61 4.23
CA LEU C 4 -9.84 35.54 5.66
C LEU C 4 -11.29 35.88 5.98
N VAL C 5 -11.96 35.00 6.72
CA VAL C 5 -13.37 35.16 7.06
C VAL C 5 -13.50 35.20 8.58
N GLU C 6 -14.18 36.23 9.09
CA GLU C 6 -14.42 36.37 10.51
C GLU C 6 -15.75 35.72 10.88
N SER C 7 -16.07 35.73 12.17
CA SER C 7 -17.32 35.19 12.67
C SER C 7 -18.40 36.27 12.61
N GLY C 8 -19.56 35.99 13.21
CA GLY C 8 -20.67 36.92 13.17
C GLY C 8 -20.55 38.04 14.20
N ALA C 9 -21.51 38.96 14.12
CA ALA C 9 -21.55 40.09 15.03
C ALA C 9 -22.03 39.65 16.41
N GLU C 10 -21.63 40.42 17.42
CA GLU C 10 -21.96 40.13 18.81
C GLU C 10 -22.52 41.36 19.50
N VAL C 11 -23.44 41.13 20.43
CA VAL C 11 -23.98 42.17 21.30
C VAL C 11 -23.74 41.70 22.73
N LYS C 12 -22.86 42.39 23.45
CA LYS C 12 -22.45 41.98 24.78
C LYS C 12 -22.79 43.07 25.79
N LYS C 13 -22.72 42.70 27.07
CA LYS C 13 -22.97 43.57 28.20
C LYS C 13 -21.65 43.93 28.87
N PRO C 14 -21.55 45.11 29.48
CA PRO C 14 -20.30 45.49 30.15
C PRO C 14 -19.92 44.49 31.23
N GLY C 15 -18.61 44.22 31.32
CA GLY C 15 -18.10 43.23 32.25
C GLY C 15 -18.04 41.81 31.73
N SER C 16 -18.55 41.57 30.53
CA SER C 16 -18.54 40.23 29.95
C SER C 16 -17.31 40.06 29.05
N SER C 17 -17.22 38.90 28.39
CA SER C 17 -16.11 38.58 27.52
C SER C 17 -16.64 38.04 26.21
N VAL C 18 -15.87 38.25 25.14
CA VAL C 18 -16.28 37.86 23.79
C VAL C 18 -15.09 37.19 23.10
N LYS C 19 -15.36 36.10 22.41
CA LYS C 19 -14.37 35.39 21.62
C LYS C 19 -14.79 35.37 20.15
N VAL C 20 -13.85 35.70 19.27
CA VAL C 20 -14.09 35.75 17.84
C VAL C 20 -13.04 34.88 17.15
N SER C 21 -13.37 34.44 15.93
CA SER C 21 -12.54 33.52 15.18
C SER C 21 -12.32 34.02 13.76
N CYS C 22 -11.17 33.68 13.21
CA CYS C 22 -10.81 34.00 11.83
C CYS C 22 -10.35 32.72 11.15
N LYS C 23 -10.89 32.46 9.97
CA LYS C 23 -10.59 31.27 9.18
C LYS C 23 -9.92 31.69 7.88
N ALA C 24 -8.83 31.01 7.54
CA ALA C 24 -8.03 31.34 6.36
C ALA C 24 -8.10 30.22 5.34
N SER C 25 -8.29 30.59 4.08
CA SER C 25 -8.39 29.61 3.00
C SER C 25 -7.02 29.05 2.66
N GLY C 26 -7.02 27.84 2.12
CA GLY C 26 -5.81 27.15 1.75
C GLY C 26 -5.51 25.99 2.66
N GLY C 27 -4.24 25.60 2.69
CA GLY C 27 -3.77 24.54 3.56
C GLY C 27 -3.94 24.92 5.01
N PRO C 28 -4.17 23.93 5.87
CA PRO C 28 -4.38 24.22 7.29
C PRO C 28 -3.21 24.92 7.95
N PHE C 29 -1.98 24.62 7.55
CA PHE C 29 -0.78 25.21 8.15
C PHE C 29 -0.31 26.38 7.30
N ARG C 30 -0.07 27.51 7.94
CA ARG C 30 0.36 28.73 7.26
CA ARG C 30 0.36 28.73 7.26
C ARG C 30 1.82 29.03 7.59
N SER C 31 2.47 29.74 6.67
CA SER C 31 3.86 30.16 6.84
C SER C 31 3.96 31.66 7.11
N TYR C 32 2.87 32.29 7.54
CA TYR C 32 2.85 33.72 7.81
C TYR C 32 2.18 33.99 9.15
N ALA C 33 2.52 35.12 9.76
CA ALA C 33 1.93 35.52 11.03
C ALA C 33 0.56 36.14 10.81
N ILE C 34 -0.24 36.17 11.87
CA ILE C 34 -1.60 36.70 11.79
C ILE C 34 -1.83 37.69 12.92
N SER C 35 -2.38 38.86 12.60
CA SER C 35 -2.56 39.93 13.55
C SER C 35 -4.03 40.33 13.62
N TRP C 36 -4.40 40.97 14.74
CA TRP C 36 -5.75 41.46 14.97
C TRP C 36 -5.72 42.98 15.09
N VAL C 37 -6.62 43.66 14.37
CA VAL C 37 -6.70 45.11 14.39
C VAL C 37 -8.15 45.48 14.70
N ARG C 38 -8.33 46.67 15.28
CA ARG C 38 -9.67 47.17 15.58
C ARG C 38 -9.76 48.65 15.24
N GLN C 39 -10.98 49.10 15.01
CA GLN C 39 -11.23 50.50 14.66
C GLN C 39 -12.58 50.91 15.21
N ALA C 40 -12.60 52.00 15.98
CA ALA C 40 -13.83 52.59 16.45
C ALA C 40 -14.38 53.57 15.43
N PRO C 41 -15.70 53.81 15.41
CA PRO C 41 -16.25 54.78 14.46
C PRO C 41 -15.70 56.18 14.72
N GLY C 42 -15.27 56.84 13.65
CA GLY C 42 -14.70 58.16 13.75
C GLY C 42 -13.27 58.20 14.26
N GLN C 43 -12.59 57.07 14.35
CA GLN C 43 -11.22 57.00 14.85
C GLN C 43 -10.36 56.20 13.87
N GLY C 44 -9.09 56.01 14.24
CA GLY C 44 -8.16 55.28 13.43
C GLY C 44 -7.92 53.87 13.93
N PRO C 45 -7.25 53.06 13.11
CA PRO C 45 -6.99 51.67 13.51
C PRO C 45 -6.05 51.58 14.69
N GLU C 46 -6.22 50.52 15.49
CA GLU C 46 -5.37 50.23 16.63
C GLU C 46 -4.95 48.77 16.57
N TRP C 47 -3.65 48.52 16.68
CA TRP C 47 -3.11 47.16 16.64
C TRP C 47 -3.24 46.52 18.02
N MET C 48 -3.78 45.30 18.05
CA MET C 48 -4.03 44.59 19.30
C MET C 48 -2.93 43.57 19.60
N GLY C 49 -2.69 42.64 18.69
CA GLY C 49 -1.67 41.64 18.90
C GLY C 49 -1.67 40.63 17.78
N GLY C 50 -0.61 39.81 17.76
CA GLY C 50 -0.42 38.85 16.69
C GLY C 50 0.20 37.56 17.17
N ILE C 51 0.16 36.56 16.28
CA ILE C 51 0.67 35.23 16.56
C ILE C 51 1.53 34.76 15.39
N ILE C 52 2.54 33.96 15.71
CA ILE C 52 3.60 33.54 14.80
C ILE C 52 3.50 32.04 14.54
N PRO C 53 3.67 31.59 13.30
CA PRO C 53 3.56 30.15 13.02
C PRO C 53 4.76 29.36 13.53
N ILE C 54 4.56 28.05 13.65
CA ILE C 54 5.58 27.09 14.05
C ILE C 54 6.06 27.35 15.47
N PHE C 55 6.68 28.51 15.70
CA PHE C 55 7.20 28.83 17.02
C PHE C 55 6.07 29.02 18.02
N GLY C 56 4.97 29.63 17.59
CA GLY C 56 3.82 29.83 18.46
C GLY C 56 3.90 31.03 19.36
N THR C 57 4.87 31.91 19.17
CA THR C 57 4.99 33.10 20.01
C THR C 57 3.83 34.06 19.75
N THR C 58 3.36 34.69 20.82
CA THR C 58 2.27 35.67 20.75
C THR C 58 2.76 37.01 21.30
N LYS C 59 2.41 38.08 20.60
CA LYS C 59 2.78 39.43 21.01
C LYS C 59 1.51 40.26 21.16
N TYR C 60 1.51 41.15 22.15
CA TYR C 60 0.37 42.00 22.44
C TYR C 60 0.83 43.46 22.53
N ALA C 61 -0.15 44.36 22.63
CA ALA C 61 0.11 45.78 22.79
C ALA C 61 0.02 46.18 24.25
N PRO C 62 0.81 47.17 24.68
CA PRO C 62 0.76 47.58 26.10
C PRO C 62 -0.61 48.05 26.54
N LYS C 63 -1.37 48.70 25.65
CA LYS C 63 -2.72 49.12 26.01
C LYS C 63 -3.63 47.94 26.27
N PHE C 64 -3.50 46.88 25.46
CA PHE C 64 -4.37 45.71 25.54
C PHE C 64 -3.75 44.56 26.32
N GLN C 65 -2.55 44.73 26.86
CA GLN C 65 -1.88 43.64 27.55
C GLN C 65 -2.60 43.32 28.86
N GLY C 66 -2.93 42.05 29.05
CA GLY C 66 -3.60 41.61 30.26
C GLY C 66 -5.03 41.17 30.05
N ARG C 67 -5.74 41.85 29.13
CA ARG C 67 -7.15 41.58 28.89
C ARG C 67 -7.41 40.76 27.63
N VAL C 68 -6.40 40.57 26.77
CA VAL C 68 -6.60 39.93 25.49
C VAL C 68 -5.78 38.64 25.42
N THR C 69 -6.34 37.65 24.74
CA THR C 69 -5.67 36.37 24.56
C THR C 69 -5.87 35.88 23.14
N ILE C 70 -4.77 35.56 22.46
CA ILE C 70 -4.80 35.08 21.08
C ILE C 70 -4.30 33.65 21.06
N THR C 71 -5.07 32.76 20.44
CA THR C 71 -4.71 31.36 20.30
C THR C 71 -4.93 30.93 18.86
N ALA C 72 -4.38 29.77 18.51
CA ALA C 72 -4.53 29.23 17.17
C ALA C 72 -4.76 27.74 17.23
N ASP C 73 -5.54 27.24 16.27
CA ASP C 73 -5.72 25.80 16.07
C ASP C 73 -5.35 25.50 14.63
N ASP C 74 -4.31 24.68 14.46
CA ASP C 74 -3.62 24.55 13.17
C ASP C 74 -4.26 23.54 12.24
N PHE C 75 -4.79 22.43 12.77
CA PHE C 75 -5.34 21.39 11.90
C PHE C 75 -6.68 21.77 11.30
N ALA C 76 -7.32 22.82 11.81
CA ALA C 76 -8.49 23.40 11.15
C ALA C 76 -8.23 24.79 10.59
N GLY C 77 -7.04 25.34 10.80
CA GLY C 77 -6.69 26.64 10.26
C GLY C 77 -7.48 27.81 10.81
N THR C 78 -7.67 27.85 12.13
CA THR C 78 -8.46 28.89 12.76
C THR C 78 -7.62 29.66 13.78
N VAL C 79 -7.93 30.95 13.94
CA VAL C 79 -7.27 31.79 14.93
C VAL C 79 -8.34 32.44 15.80
N TYR C 80 -8.18 32.33 17.12
CA TYR C 80 -9.17 32.80 18.08
C TYR C 80 -8.62 33.98 18.87
N MET C 81 -9.49 34.96 19.12
CA MET C 81 -9.18 36.12 19.94
C MET C 81 -10.23 36.27 21.01
N GLU C 82 -9.81 36.37 22.27
CA GLU C 82 -10.71 36.51 23.40
C GLU C 82 -10.41 37.79 24.15
N LEU C 83 -11.43 38.60 24.37
CA LEU C 83 -11.33 39.85 25.10
C LEU C 83 -12.27 39.84 26.30
N SER C 84 -11.79 40.32 27.43
CA SER C 84 -12.53 40.29 28.69
C SER C 84 -12.57 41.69 29.30
N SER C 85 -13.46 41.85 30.28
CA SER C 85 -13.66 43.12 30.99
C SER C 85 -14.10 44.22 30.02
N LEU C 86 -15.19 43.93 29.31
CA LEU C 86 -15.68 44.84 28.28
C LEU C 86 -16.21 46.13 28.87
N ARG C 87 -15.99 47.23 28.16
CA ARG C 87 -16.53 48.53 28.56
C ARG C 87 -17.29 49.16 27.40
N SER C 88 -17.72 50.41 27.57
CA SER C 88 -18.46 51.09 26.52
C SER C 88 -17.57 51.48 25.34
N GLU C 89 -16.27 51.65 25.58
CA GLU C 89 -15.34 52.07 24.54
C GLU C 89 -14.82 50.91 23.70
N ASP C 90 -15.22 49.68 24.00
CA ASP C 90 -14.81 48.52 23.23
C ASP C 90 -15.67 48.31 21.98
N THR C 91 -16.75 49.08 21.83
CA THR C 91 -17.59 49.00 20.64
C THR C 91 -16.79 49.41 19.41
N ALA C 92 -16.51 48.46 18.52
CA ALA C 92 -15.65 48.75 17.38
C ALA C 92 -15.77 47.61 16.38
N MET C 93 -15.17 47.81 15.21
CA MET C 93 -15.09 46.79 14.18
C MET C 93 -13.69 46.18 14.16
N TYR C 94 -13.64 44.85 14.09
CA TYR C 94 -12.41 44.08 14.23
C TYR C 94 -12.09 43.37 12.92
N TYR C 95 -10.80 43.38 12.56
CA TYR C 95 -10.28 42.70 11.39
C TYR C 95 -9.15 41.75 11.79
N CYS C 96 -9.04 40.65 11.06
CA CYS C 96 -7.85 39.81 11.11
C CYS C 96 -7.06 40.03 9.83
N ALA C 97 -5.76 40.29 9.97
CA ALA C 97 -4.90 40.62 8.84
C ALA C 97 -3.70 39.69 8.81
N LYS C 98 -3.13 39.52 7.62
CA LYS C 98 -2.01 38.60 7.42
C LYS C 98 -0.78 39.36 6.95
N HIS C 99 0.38 38.85 7.34
CA HIS C 99 1.67 39.42 6.97
C HIS C 99 2.29 38.61 5.83
N MET C 100 3.32 39.19 5.21
CA MET C 100 4.03 38.48 4.15
C MET C 100 4.96 37.39 4.70
N GLY C 101 5.56 37.62 5.87
CA GLY C 101 6.49 36.66 6.45
C GLY C 101 5.97 36.07 7.74
N TYR C 102 6.84 35.27 8.36
CA TYR C 102 6.52 34.61 9.63
C TYR C 102 6.65 35.54 10.83
N GLN C 103 7.13 36.76 10.63
CA GLN C 103 7.33 37.71 11.72
C GLN C 103 6.26 38.79 11.67
N VAL C 104 5.95 39.32 12.86
CA VAL C 104 4.95 40.37 13.00
C VAL C 104 5.62 41.71 12.72
N ARG C 105 5.23 42.35 11.63
CA ARG C 105 5.81 43.64 11.24
C ARG C 105 4.72 44.64 10.94
N GLU C 106 5.11 45.80 10.40
CA GLU C 106 4.19 46.90 10.16
C GLU C 106 3.46 46.79 8.83
N THR C 107 3.76 45.79 8.01
CA THR C 107 3.18 45.66 6.68
C THR C 107 2.25 44.45 6.64
N MET C 108 0.96 44.70 6.45
CA MET C 108 -0.05 43.66 6.26
C MET C 108 -0.67 43.83 4.88
N ASP C 109 -0.71 42.74 4.11
CA ASP C 109 -1.13 42.83 2.72
C ASP C 109 -2.54 42.29 2.47
N VAL C 110 -3.08 41.46 3.36
CA VAL C 110 -4.42 40.91 3.20
C VAL C 110 -5.21 41.17 4.47
N TRP C 111 -6.41 41.71 4.31
CA TRP C 111 -7.32 42.01 5.41
C TRP C 111 -8.62 41.24 5.25
N GLY C 112 -9.36 41.12 6.36
CA GLY C 112 -10.67 40.51 6.34
C GLY C 112 -11.78 41.55 6.24
N LYS C 113 -13.00 41.04 6.10
CA LYS C 113 -14.15 41.93 6.00
C LYS C 113 -14.38 42.71 7.29
N GLY C 114 -14.25 42.05 8.43
CA GLY C 114 -14.44 42.67 9.72
C GLY C 114 -15.77 42.27 10.35
N THR C 115 -15.81 42.37 11.68
CA THR C 115 -17.02 42.08 12.43
C THR C 115 -17.17 43.08 13.56
N THR C 116 -18.40 43.43 13.88
CA THR C 116 -18.67 44.51 14.83
C THR C 116 -18.99 43.94 16.20
N VAL C 117 -18.40 44.57 17.23
CA VAL C 117 -18.66 44.20 18.63
C VAL C 117 -19.22 45.43 19.32
N THR C 118 -20.45 45.32 19.81
CA THR C 118 -21.16 46.41 20.47
C THR C 118 -21.40 46.06 21.93
N VAL C 119 -21.28 47.06 22.79
CA VAL C 119 -21.48 46.87 24.22
C VAL C 119 -22.64 47.72 24.73
N VAL D 2 20.66 -6.97 -26.88
CA VAL D 2 19.61 -6.15 -27.50
C VAL D 2 19.37 -6.62 -28.94
N GLN D 3 18.10 -6.86 -29.26
CA GLN D 3 17.69 -7.30 -30.58
C GLN D 3 16.78 -6.25 -31.21
N LEU D 4 17.03 -5.95 -32.48
CA LEU D 4 16.21 -5.02 -33.25
C LEU D 4 15.47 -5.76 -34.34
N VAL D 5 14.15 -5.60 -34.39
CA VAL D 5 13.30 -6.29 -35.35
C VAL D 5 12.58 -5.26 -36.20
N GLU D 6 12.68 -5.40 -37.51
CA GLU D 6 12.00 -4.50 -38.44
C GLU D 6 10.61 -5.06 -38.79
N SER D 7 9.87 -4.31 -39.60
CA SER D 7 8.56 -4.73 -40.05
C SER D 7 8.70 -5.58 -41.32
N GLY D 8 7.58 -5.89 -41.97
CA GLY D 8 7.59 -6.72 -43.15
C GLY D 8 7.97 -5.96 -44.41
N ALA D 9 8.10 -6.72 -45.50
CA ALA D 9 8.44 -6.17 -46.79
C ALA D 9 7.24 -5.42 -47.39
N GLU D 10 7.55 -4.46 -48.26
CA GLU D 10 6.54 -3.64 -48.89
C GLU D 10 6.76 -3.59 -50.40
N VAL D 11 5.66 -3.49 -51.14
CA VAL D 11 5.68 -3.28 -52.59
C VAL D 11 4.85 -2.02 -52.85
N LYS D 12 5.51 -0.95 -53.28
CA LYS D 12 4.87 0.34 -53.47
C LYS D 12 4.99 0.79 -54.92
N LYS D 13 4.20 1.80 -55.25
CA LYS D 13 4.15 2.42 -56.56
C LYS D 13 4.86 3.77 -56.53
N PRO D 14 5.45 4.19 -57.64
CA PRO D 14 6.14 5.50 -57.65
C PRO D 14 5.19 6.62 -57.29
N GLY D 15 5.70 7.59 -56.52
CA GLY D 15 4.91 8.69 -56.04
C GLY D 15 4.20 8.45 -54.72
N SER D 16 4.28 7.24 -54.17
CA SER D 16 3.63 6.92 -52.91
C SER D 16 4.61 7.07 -51.75
N SER D 17 4.15 6.73 -50.55
CA SER D 17 4.96 6.85 -49.34
C SER D 17 4.86 5.56 -48.55
N VAL D 18 5.93 5.25 -47.81
CA VAL D 18 6.03 4.02 -47.04
C VAL D 18 6.57 4.34 -45.65
N LYS D 19 5.96 3.73 -44.63
CA LYS D 19 6.40 3.86 -43.25
C LYS D 19 6.81 2.51 -42.71
N VAL D 20 7.97 2.46 -42.06
CA VAL D 20 8.53 1.23 -41.50
C VAL D 20 8.82 1.47 -40.02
N SER D 21 8.87 0.38 -39.27
CA SER D 21 9.06 0.44 -37.83
C SER D 21 10.15 -0.52 -37.38
N CYS D 22 10.82 -0.15 -36.30
CA CYS D 22 11.86 -0.95 -35.67
C CYS D 22 11.55 -1.06 -34.19
N LYS D 23 11.59 -2.28 -33.66
CA LYS D 23 11.29 -2.57 -32.27
C LYS D 23 12.54 -3.12 -31.60
N ALA D 24 12.87 -2.59 -30.42
CA ALA D 24 14.07 -2.97 -29.69
C ALA D 24 13.71 -3.68 -28.40
N SER D 25 14.42 -4.77 -28.13
CA SER D 25 14.16 -5.57 -26.92
C SER D 25 14.72 -4.87 -25.69
N GLY D 26 14.15 -5.18 -24.55
CA GLY D 26 14.53 -4.60 -23.28
C GLY D 26 13.50 -3.63 -22.75
N GLY D 27 13.97 -2.73 -21.90
CA GLY D 27 13.11 -1.70 -21.35
C GLY D 27 12.62 -0.75 -22.42
N PRO D 28 11.42 -0.21 -22.24
CA PRO D 28 10.86 0.69 -23.27
C PRO D 28 11.71 1.91 -23.54
N PHE D 29 12.40 2.45 -22.54
CA PHE D 29 13.23 3.64 -22.69
C PHE D 29 14.68 3.24 -22.89
N ARG D 30 15.31 3.80 -23.92
CA ARG D 30 16.69 3.49 -24.26
CA ARG D 30 16.69 3.49 -24.26
C ARG D 30 17.59 4.67 -23.95
N SER D 31 18.86 4.38 -23.68
CA SER D 31 19.88 5.39 -23.42
C SER D 31 20.85 5.53 -24.58
N TYR D 32 20.45 5.11 -25.78
CA TYR D 32 21.31 5.17 -26.95
C TYR D 32 20.50 5.70 -28.14
N ALA D 33 21.21 6.31 -29.09
CA ALA D 33 20.59 6.82 -30.29
C ALA D 33 20.32 5.70 -31.28
N ILE D 34 19.41 5.95 -32.22
CA ILE D 34 19.02 4.94 -33.20
C ILE D 34 19.07 5.57 -34.59
N SER D 35 19.71 4.87 -35.54
CA SER D 35 19.91 5.38 -36.89
C SER D 35 19.30 4.42 -37.91
N TRP D 36 19.04 4.95 -39.10
CA TRP D 36 18.49 4.18 -40.21
C TRP D 36 19.49 4.19 -41.36
N VAL D 37 19.76 3.01 -41.90
CA VAL D 37 20.70 2.85 -43.02
C VAL D 37 19.99 2.10 -44.13
N ARG D 38 20.44 2.31 -45.36
CA ARG D 38 19.87 1.60 -46.51
C ARG D 38 20.99 1.18 -47.45
N GLN D 39 20.70 0.16 -48.25
CA GLN D 39 21.68 -0.36 -49.20
C GLN D 39 20.94 -0.89 -50.43
N ALA D 40 21.33 -0.39 -51.59
CA ALA D 40 20.81 -0.91 -52.85
C ALA D 40 21.64 -2.11 -53.32
N PRO D 41 21.05 -3.01 -54.09
CA PRO D 41 21.82 -4.16 -54.59
C PRO D 41 22.98 -3.71 -55.47
N GLY D 42 24.16 -4.27 -55.20
CA GLY D 42 25.35 -3.91 -55.94
C GLY D 42 25.98 -2.59 -55.55
N GLN D 43 25.55 -1.99 -54.44
CA GLN D 43 26.05 -0.70 -54.00
C GLN D 43 26.44 -0.79 -52.52
N GLY D 44 26.87 0.34 -51.97
CA GLY D 44 27.28 0.40 -50.58
C GLY D 44 26.23 1.04 -49.69
N PRO D 45 26.41 0.94 -48.38
CA PRO D 45 25.44 1.51 -47.44
C PRO D 45 25.39 3.02 -47.52
N GLU D 46 24.21 3.57 -47.22
CA GLU D 46 24.00 5.01 -47.18
C GLU D 46 23.25 5.37 -45.91
N TRP D 47 23.78 6.34 -45.16
CA TRP D 47 23.17 6.76 -43.92
C TRP D 47 22.04 7.75 -44.19
N MET D 48 20.88 7.50 -43.60
CA MET D 48 19.69 8.32 -43.82
C MET D 48 19.49 9.35 -42.71
N GLY D 49 19.40 8.90 -41.46
CA GLY D 49 19.19 9.82 -40.35
C GLY D 49 19.01 9.06 -39.06
N GLY D 50 19.07 9.80 -37.96
CA GLY D 50 19.01 9.22 -36.65
C GLY D 50 18.26 10.08 -35.66
N ILE D 51 17.94 9.46 -34.51
CA ILE D 51 17.20 10.11 -33.44
C ILE D 51 17.89 9.84 -32.11
N ILE D 52 17.77 10.81 -31.21
CA ILE D 52 18.50 10.88 -29.95
C ILE D 52 17.52 10.74 -28.77
N PRO D 53 17.86 9.96 -27.75
CA PRO D 53 16.94 9.79 -26.62
C PRO D 53 16.86 11.02 -25.73
N ILE D 54 15.79 11.08 -24.95
CA ILE D 54 15.54 12.13 -23.96
C ILE D 54 15.36 13.48 -24.64
N PHE D 55 16.42 13.98 -25.28
CA PHE D 55 16.34 15.27 -25.94
C PHE D 55 15.37 15.25 -27.12
N GLY D 56 15.34 14.15 -27.86
CA GLY D 56 14.44 14.03 -28.98
C GLY D 56 14.91 14.66 -30.27
N THR D 57 16.17 15.07 -30.35
CA THR D 57 16.68 15.69 -31.56
C THR D 57 16.79 14.66 -32.68
N THR D 58 16.49 15.09 -33.90
CA THR D 58 16.56 14.25 -35.08
C THR D 58 17.51 14.88 -36.09
N LYS D 59 18.36 14.05 -36.69
CA LYS D 59 19.31 14.50 -37.71
C LYS D 59 19.08 13.71 -38.99
N TYR D 60 19.24 14.38 -40.12
CA TYR D 60 19.05 13.77 -41.44
C TYR D 60 20.26 14.05 -42.31
N ALA D 61 20.28 13.40 -43.48
CA ALA D 61 21.34 13.58 -44.46
C ALA D 61 20.90 14.58 -45.52
N PRO D 62 21.85 15.35 -46.07
CA PRO D 62 21.47 16.34 -47.10
C PRO D 62 20.81 15.71 -48.32
N LYS D 63 21.21 14.50 -48.70
CA LYS D 63 20.57 13.82 -49.83
C LYS D 63 19.11 13.51 -49.52
N PHE D 64 18.83 13.07 -48.29
CA PHE D 64 17.50 12.64 -47.89
C PHE D 64 16.72 13.72 -47.15
N GLN D 65 17.27 14.92 -46.99
CA GLN D 65 16.60 15.95 -46.22
C GLN D 65 15.39 16.48 -46.98
N GLY D 66 14.24 16.44 -46.33
CA GLY D 66 13.01 16.94 -46.94
C GLY D 66 11.98 15.86 -47.21
N ARG D 67 12.45 14.65 -47.53
CA ARG D 67 11.57 13.55 -47.90
C ARG D 67 11.41 12.50 -46.81
N VAL D 68 12.25 12.51 -45.78
CA VAL D 68 12.24 11.47 -44.77
C VAL D 68 11.89 12.09 -43.42
N THR D 69 11.17 11.32 -42.61
CA THR D 69 10.77 11.76 -41.27
C THR D 69 10.93 10.61 -40.30
N ILE D 70 11.66 10.85 -39.22
CA ILE D 70 11.91 9.84 -38.19
C ILE D 70 11.23 10.28 -36.90
N THR D 71 10.45 9.37 -36.33
CA THR D 71 9.76 9.61 -35.06
C THR D 71 9.98 8.41 -34.15
N ALA D 72 9.66 8.60 -32.87
CA ALA D 72 9.80 7.53 -31.89
C ALA D 72 8.61 7.53 -30.95
N ASP D 73 8.25 6.34 -30.47
CA ASP D 73 7.27 6.17 -29.43
C ASP D 73 7.92 5.39 -28.30
N ASP D 74 8.04 6.02 -27.13
CA ASP D 74 8.91 5.54 -26.07
C ASP D 74 8.26 4.51 -25.16
N PHE D 75 6.96 4.65 -24.87
CA PHE D 75 6.31 3.72 -23.97
C PHE D 75 6.05 2.36 -24.60
N ALA D 76 6.21 2.24 -25.92
CA ALA D 76 6.21 0.94 -26.58
C ALA D 76 7.55 0.56 -27.16
N GLY D 77 8.54 1.44 -27.09
CA GLY D 77 9.88 1.15 -27.58
C GLY D 77 9.97 0.96 -29.08
N THR D 78 9.34 1.82 -29.86
CA THR D 78 9.31 1.68 -31.31
C THR D 78 9.85 2.94 -31.97
N VAL D 79 10.48 2.76 -33.13
CA VAL D 79 11.00 3.88 -33.92
C VAL D 79 10.43 3.75 -35.34
N TYR D 80 9.86 4.85 -35.84
CA TYR D 80 9.20 4.86 -37.13
C TYR D 80 9.96 5.75 -38.11
N MET D 81 10.04 5.30 -39.36
CA MET D 81 10.63 6.08 -40.44
C MET D 81 9.64 6.13 -41.61
N GLU D 82 9.38 7.34 -42.10
CA GLU D 82 8.45 7.55 -43.21
C GLU D 82 9.20 8.20 -44.37
N LEU D 83 9.05 7.61 -45.56
CA LEU D 83 9.66 8.12 -46.78
C LEU D 83 8.57 8.39 -47.81
N SER D 84 8.69 9.52 -48.51
CA SER D 84 7.68 9.96 -49.46
C SER D 84 8.34 10.28 -50.79
N SER D 85 7.50 10.41 -51.82
CA SER D 85 7.94 10.71 -53.20
C SER D 85 8.88 9.60 -53.71
N LEU D 86 8.37 8.38 -53.68
CA LEU D 86 9.17 7.22 -54.04
C LEU D 86 9.48 7.22 -55.54
N ARG D 87 10.69 6.75 -55.88
CA ARG D 87 11.10 6.59 -57.26
C ARG D 87 11.60 5.18 -57.50
N SER D 88 12.15 4.93 -58.70
CA SER D 88 12.66 3.60 -59.02
C SER D 88 13.96 3.29 -58.29
N GLU D 89 14.71 4.32 -57.91
CA GLU D 89 16.00 4.13 -57.25
C GLU D 89 15.88 3.95 -55.73
N ASP D 90 14.66 4.00 -55.18
CA ASP D 90 14.46 3.77 -53.76
C ASP D 90 14.38 2.30 -53.40
N THR D 91 14.35 1.40 -54.40
CA THR D 91 14.34 -0.03 -54.15
C THR D 91 15.62 -0.45 -53.44
N ALA D 92 15.51 -0.85 -52.17
CA ALA D 92 16.71 -1.16 -51.40
C ALA D 92 16.31 -1.89 -50.13
N MET D 93 17.32 -2.36 -49.41
CA MET D 93 17.14 -3.01 -48.11
C MET D 93 17.52 -2.05 -47.01
N TYR D 94 16.67 -1.96 -45.98
CA TYR D 94 16.79 -0.98 -44.91
C TYR D 94 17.07 -1.68 -43.59
N TYR D 95 17.98 -1.10 -42.81
CA TYR D 95 18.33 -1.58 -41.48
C TYR D 95 18.15 -0.46 -40.46
N CYS D 96 17.79 -0.85 -39.24
CA CYS D 96 17.87 0.05 -38.09
C CYS D 96 19.06 -0.39 -37.23
N ALA D 97 19.90 0.56 -36.87
CA ALA D 97 21.13 0.28 -36.14
C ALA D 97 21.19 1.11 -34.87
N LYS D 98 21.93 0.62 -33.90
CA LYS D 98 22.04 1.28 -32.60
C LYS D 98 23.47 1.70 -32.32
N HIS D 99 23.63 2.79 -31.57
CA HIS D 99 24.92 3.32 -31.19
C HIS D 99 25.23 2.94 -29.74
N MET D 100 26.49 3.12 -29.35
CA MET D 100 26.87 2.87 -27.96
C MET D 100 26.43 3.98 -27.02
N GLY D 101 26.43 5.23 -27.48
CA GLY D 101 26.06 6.36 -26.66
C GLY D 101 24.76 7.02 -27.11
N TYR D 102 24.44 8.11 -26.44
CA TYR D 102 23.24 8.89 -26.74
C TYR D 102 23.40 9.79 -27.94
N GLN D 103 24.61 9.89 -28.50
CA GLN D 103 24.88 10.76 -29.64
C GLN D 103 25.01 9.94 -30.91
N VAL D 104 24.67 10.56 -32.03
CA VAL D 104 24.76 9.93 -33.34
C VAL D 104 26.19 10.07 -33.84
N ARG D 105 26.89 8.95 -33.95
CA ARG D 105 28.27 8.95 -34.39
C ARG D 105 28.48 7.93 -35.50
N GLU D 106 29.74 7.69 -35.88
CA GLU D 106 30.06 6.81 -36.99
C GLU D 106 30.17 5.34 -36.59
N THR D 107 30.01 5.01 -35.31
CA THR D 107 30.19 3.65 -34.82
C THR D 107 28.84 3.08 -34.39
N MET D 108 28.37 2.07 -35.10
CA MET D 108 27.15 1.34 -34.77
C MET D 108 27.53 -0.12 -34.49
N ASP D 109 27.10 -0.63 -33.34
CA ASP D 109 27.53 -1.95 -32.89
C ASP D 109 26.46 -3.03 -33.04
N VAL D 110 25.20 -2.66 -33.15
CA VAL D 110 24.12 -3.63 -33.31
C VAL D 110 23.27 -3.23 -34.50
N TRP D 111 23.01 -4.18 -35.39
CA TRP D 111 22.21 -3.98 -36.59
C TRP D 111 21.01 -4.92 -36.57
N GLY D 112 20.01 -4.57 -37.37
CA GLY D 112 18.84 -5.41 -37.56
C GLY D 112 18.97 -6.30 -38.79
N LYS D 113 17.98 -7.19 -38.94
CA LYS D 113 17.97 -8.10 -40.08
C LYS D 113 17.80 -7.35 -41.40
N GLY D 114 16.91 -6.37 -41.43
CA GLY D 114 16.66 -5.58 -42.62
C GLY D 114 15.35 -5.96 -43.28
N THR D 115 14.80 -5.01 -44.04
CA THR D 115 13.56 -5.23 -44.76
C THR D 115 13.66 -4.57 -46.13
N THR D 116 13.04 -5.17 -47.13
CA THR D 116 13.20 -4.74 -48.51
C THR D 116 12.02 -3.86 -48.93
N VAL D 117 12.32 -2.76 -49.62
CA VAL D 117 11.31 -1.87 -50.17
C VAL D 117 11.53 -1.83 -51.68
N THR D 118 10.52 -2.27 -52.43
CA THR D 118 10.57 -2.33 -53.89
C THR D 118 9.54 -1.37 -54.48
N VAL D 119 9.91 -0.74 -55.58
CA VAL D 119 9.04 0.22 -56.24
C VAL D 119 8.73 -0.24 -57.67
N ASP E 18 34.63 41.97 15.86
CA ASP E 18 35.88 41.42 15.38
C ASP E 18 35.76 39.92 15.16
N THR E 19 34.70 39.33 15.70
CA THR E 19 34.42 37.91 15.52
C THR E 19 32.95 37.72 15.16
N ILE E 20 32.68 36.73 14.30
CA ILE E 20 31.31 36.39 13.93
C ILE E 20 31.17 34.88 13.87
N CYS E 21 30.03 34.37 14.36
CA CYS E 21 29.80 32.94 14.44
C CYS E 21 28.41 32.60 13.91
N ILE E 22 28.27 31.37 13.42
CA ILE E 22 27.05 30.87 12.79
C ILE E 22 26.48 29.76 13.66
N GLY E 23 25.18 29.81 13.94
CA GLY E 23 24.59 28.81 14.81
C GLY E 23 23.11 28.64 14.59
N TYR E 24 22.52 27.75 15.39
CA TYR E 24 21.10 27.42 15.27
C TYR E 24 20.44 27.44 16.65
N HIS E 25 19.17 27.08 16.67
CA HIS E 25 18.26 27.30 17.79
C HIS E 25 18.24 26.12 18.75
N ALA E 26 17.97 26.41 20.02
CA ALA E 26 17.76 25.39 21.03
C ALA E 26 16.79 25.91 22.09
N ASN E 27 16.09 24.99 22.73
CA ASN E 27 15.14 25.34 23.80
C ASN E 27 15.12 24.18 24.79
N ASN E 28 14.10 24.14 25.65
CA ASN E 28 13.96 23.09 26.66
C ASN E 28 12.75 22.20 26.41
N SER E 29 12.51 21.86 25.14
CA SER E 29 11.47 20.91 24.78
C SER E 29 11.95 19.49 25.07
N THR E 30 10.98 18.60 25.32
CA THR E 30 11.29 17.21 25.65
C THR E 30 10.55 16.22 24.76
N ASP E 31 10.04 16.66 23.61
CA ASP E 31 9.38 15.76 22.69
C ASP E 31 10.40 14.92 21.92
N THR E 32 10.02 13.69 21.59
CA THR E 32 10.89 12.75 20.91
C THR E 32 10.19 12.18 19.68
N VAL E 33 10.98 11.90 18.64
CA VAL E 33 10.49 11.30 17.41
C VAL E 33 11.32 10.08 17.10
N ASP E 34 10.86 9.31 16.12
CA ASP E 34 11.52 8.07 15.72
C ASP E 34 11.94 8.13 14.26
N THR E 35 13.03 7.44 13.96
CA THR E 35 13.65 7.44 12.64
C THR E 35 13.98 5.99 12.28
N VAL E 36 14.19 5.73 10.99
CA VAL E 36 14.64 4.40 10.58
C VAL E 36 16.02 4.09 11.16
N LEU E 37 16.92 5.08 11.19
CA LEU E 37 18.28 4.86 11.66
C LEU E 37 18.46 5.12 13.14
N GLU E 38 17.46 5.68 13.81
CA GLU E 38 17.62 6.08 15.19
C GLU E 38 16.26 6.14 15.87
N LYS E 39 16.26 5.95 17.18
CA LYS E 39 15.06 6.04 17.99
C LYS E 39 15.24 7.06 19.11
N ASN E 40 14.12 7.67 19.49
CA ASN E 40 14.00 8.39 20.76
C ASN E 40 14.83 9.69 20.72
N VAL E 41 14.60 10.49 19.69
CA VAL E 41 15.42 11.67 19.40
C VAL E 41 14.67 12.92 19.83
N THR E 42 15.30 13.71 20.71
CA THR E 42 14.70 14.96 21.18
C THR E 42 14.81 16.04 20.10
N VAL E 43 13.71 16.79 19.93
CA VAL E 43 13.62 17.80 18.89
C VAL E 43 13.05 19.09 19.51
N THR E 44 13.14 20.18 18.74
CA THR E 44 12.67 21.47 19.23
C THR E 44 11.19 21.68 19.00
N HIS E 45 10.68 21.28 17.82
CA HIS E 45 9.28 21.45 17.47
C HIS E 45 8.78 20.19 16.79
N SER E 46 7.50 19.86 17.03
CA SER E 46 6.88 18.70 16.42
C SER E 46 5.36 18.85 16.49
N VAL E 47 4.68 17.98 15.76
CA VAL E 47 3.22 17.92 15.74
C VAL E 47 2.78 16.48 15.97
N ASN E 48 1.59 16.32 16.53
CA ASN E 48 0.98 15.02 16.79
C ASN E 48 -0.16 14.79 15.81
N LEU E 49 -0.16 13.63 15.16
CA LEU E 49 -1.13 13.31 14.12
C LEU E 49 -2.17 12.30 14.55
N LEU E 50 -2.17 11.85 15.81
CA LEU E 50 -3.04 10.79 16.28
C LEU E 50 -3.92 11.28 17.42
N GLU E 51 -5.20 10.91 17.39
CA GLU E 51 -6.16 11.28 18.41
C GLU E 51 -6.61 10.03 19.17
N ASP E 52 -6.63 10.11 20.49
CA ASP E 52 -6.93 8.94 21.31
C ASP E 52 -7.82 9.27 22.50
N SER E 53 -8.71 10.25 22.37
CA SER E 53 -9.59 10.62 23.48
C SER E 53 -11.01 10.84 22.97
N HIS E 54 -11.97 10.57 23.85
CA HIS E 54 -13.39 10.80 23.59
C HIS E 54 -14.03 11.31 24.87
N ASN E 55 -15.32 11.66 24.79
CA ASN E 55 -16.03 12.16 25.96
C ASN E 55 -16.82 11.10 26.71
N GLY E 56 -17.16 9.99 26.06
CA GLY E 56 -17.82 8.89 26.72
C GLY E 56 -19.34 8.95 26.74
N LYS E 57 -19.95 9.80 25.94
CA LYS E 57 -21.40 9.96 25.92
C LYS E 57 -21.92 9.91 24.49
N LEU E 58 -23.19 9.55 24.35
CA LEU E 58 -23.89 9.68 23.08
C LEU E 58 -24.41 11.10 22.96
N CYS E 59 -24.06 11.77 21.87
CA CYS E 59 -24.33 13.20 21.72
C CYS E 59 -24.93 13.47 20.35
N LEU E 60 -25.52 14.66 20.21
CA LEU E 60 -26.23 15.03 18.99
C LEU E 60 -25.27 15.12 17.81
N LEU E 61 -25.82 14.89 16.62
CA LEU E 61 -25.05 14.93 15.37
C LEU E 61 -25.60 16.09 14.53
N LYS E 62 -24.94 17.25 14.64
CA LYS E 62 -25.35 18.47 13.94
C LYS E 62 -26.78 18.86 14.27
N GLY E 63 -27.15 18.76 15.55
CA GLY E 63 -28.42 19.23 16.03
C GLY E 63 -29.56 18.24 15.98
N ILE E 64 -29.34 17.04 15.44
CA ILE E 64 -30.37 16.02 15.34
C ILE E 64 -30.05 14.89 16.31
N ALA E 65 -31.02 14.53 17.14
CA ALA E 65 -30.84 13.49 18.13
C ALA E 65 -31.02 12.10 17.51
N PRO E 66 -30.36 11.09 18.06
CA PRO E 66 -30.52 9.72 17.56
C PRO E 66 -31.80 9.08 18.09
N LEU E 67 -32.05 7.85 17.63
CA LEU E 67 -33.17 7.04 18.09
C LEU E 67 -32.63 5.96 19.02
N GLN E 68 -33.11 5.95 20.26
CA GLN E 68 -32.66 5.02 21.28
C GLN E 68 -33.75 3.98 21.52
N LEU E 69 -33.39 2.70 21.41
CA LEU E 69 -34.37 1.62 21.50
C LEU E 69 -34.59 1.15 22.93
N GLY E 70 -33.55 1.16 23.77
CA GLY E 70 -33.70 0.72 25.14
C GLY E 70 -33.73 -0.79 25.30
N ASN E 71 -34.81 -1.32 25.87
CA ASN E 71 -34.99 -2.77 25.96
C ASN E 71 -35.25 -3.43 24.62
N CYS E 72 -35.71 -2.68 23.64
CA CYS E 72 -36.24 -3.24 22.40
C CYS E 72 -35.12 -3.47 21.38
N SER E 73 -35.40 -4.38 20.45
CA SER E 73 -34.54 -4.62 19.31
C SER E 73 -35.20 -4.04 18.05
N VAL E 74 -34.59 -4.28 16.90
CA VAL E 74 -35.16 -3.82 15.64
C VAL E 74 -36.49 -4.52 15.37
N ALA E 75 -36.54 -5.83 15.63
CA ALA E 75 -37.78 -6.58 15.42
C ALA E 75 -38.89 -6.09 16.34
N GLY E 76 -38.58 -5.87 17.62
CA GLY E 76 -39.59 -5.37 18.54
C GLY E 76 -40.06 -3.97 18.19
N TRP E 77 -39.13 -3.12 17.73
CA TRP E 77 -39.48 -1.76 17.36
C TRP E 77 -40.36 -1.74 16.12
N ILE E 78 -40.06 -2.57 15.13
CA ILE E 78 -40.80 -2.53 13.87
C ILE E 78 -42.07 -3.37 13.91
N LEU E 79 -42.19 -4.32 14.82
CA LEU E 79 -43.39 -5.15 14.92
C LEU E 79 -44.45 -4.57 15.83
N GLY E 80 -44.08 -3.72 16.79
CA GLY E 80 -45.03 -3.15 17.72
C GLY E 80 -45.10 -3.91 19.02
N ASN E 81 -43.96 -4.20 19.61
CA ASN E 81 -43.93 -4.89 20.89
C ASN E 81 -44.64 -4.05 21.94
N PRO E 82 -45.47 -4.66 22.80
CA PRO E 82 -46.22 -3.87 23.80
C PRO E 82 -45.35 -3.07 24.74
N GLU E 83 -44.08 -3.42 24.89
CA GLU E 83 -43.17 -2.71 25.79
C GLU E 83 -42.38 -1.61 25.09
N CYS E 84 -42.66 -1.35 23.80
CA CYS E 84 -41.94 -0.36 23.02
C CYS E 84 -42.86 0.77 22.55
N GLU E 85 -43.86 1.12 23.35
CA GLU E 85 -44.85 2.10 22.93
C GLU E 85 -44.23 3.49 22.73
N LEU E 86 -43.32 3.87 23.63
CA LEU E 86 -42.76 5.22 23.60
C LEU E 86 -42.01 5.52 22.32
N LEU E 87 -41.60 4.49 21.57
CA LEU E 87 -40.90 4.70 20.32
C LEU E 87 -41.82 5.03 19.15
N ILE E 88 -43.14 4.94 19.34
CA ILE E 88 -44.06 5.13 18.22
C ILE E 88 -44.04 6.58 17.74
N SER E 89 -43.89 7.55 18.65
CA SER E 89 -44.02 8.95 18.30
C SER E 89 -42.81 9.52 17.58
N LYS E 90 -41.66 8.87 17.62
CA LYS E 90 -40.44 9.39 17.03
C LYS E 90 -40.34 8.90 15.58
N GLU E 91 -40.23 9.85 14.64
CA GLU E 91 -40.23 9.52 13.22
C GLU E 91 -39.06 10.11 12.46
N SER E 92 -38.05 10.66 13.15
CA SER E 92 -36.85 11.14 12.51
C SER E 92 -35.66 10.93 13.44
N TRP E 93 -34.49 10.70 12.86
CA TRP E 93 -33.30 10.40 13.64
C TRP E 93 -32.08 10.65 12.76
N SER E 94 -30.91 10.68 13.42
CA SER E 94 -29.63 10.74 12.72
C SER E 94 -28.89 9.40 12.71
N TYR E 95 -29.09 8.59 13.74
CA TYR E 95 -28.58 7.22 13.77
C TYR E 95 -29.37 6.46 14.82
N ILE E 96 -29.22 5.13 14.79
CA ILE E 96 -29.97 4.23 15.68
C ILE E 96 -28.99 3.59 16.66
N VAL E 97 -29.36 3.61 17.94
CA VAL E 97 -28.55 3.03 19.01
C VAL E 97 -29.30 1.84 19.59
N GLU E 98 -28.62 0.71 19.70
CA GLU E 98 -29.15 -0.52 20.25
C GLU E 98 -28.32 -0.95 21.45
N THR E 99 -28.93 -1.72 22.32
CA THR E 99 -28.35 -2.32 23.51
C THR E 99 -27.69 -3.66 23.15
N PRO E 100 -26.55 -3.97 23.77
CA PRO E 100 -25.84 -5.22 23.40
C PRO E 100 -26.68 -6.48 23.51
N ASN E 101 -27.54 -6.59 24.53
CA ASN E 101 -28.39 -7.76 24.73
C ASN E 101 -29.82 -7.32 24.99
N PRO E 102 -30.55 -6.93 23.96
CA PRO E 102 -31.94 -6.50 24.16
C PRO E 102 -32.82 -7.66 24.59
N GLU E 103 -33.87 -7.33 25.37
CA GLU E 103 -34.71 -8.33 25.99
C GLU E 103 -36.10 -8.43 25.38
N ASN E 104 -36.58 -7.39 24.72
CA ASN E 104 -37.95 -7.34 24.19
C ASN E 104 -37.89 -7.34 22.67
N GLY E 105 -38.08 -8.53 22.08
CA GLY E 105 -38.13 -8.68 20.64
C GLY E 105 -39.47 -9.18 20.15
N THR E 106 -39.52 -10.45 19.75
CA THR E 106 -40.78 -11.11 19.40
C THR E 106 -41.31 -11.82 20.63
N CYS E 107 -42.37 -11.29 21.23
CA CYS E 107 -42.93 -11.88 22.44
C CYS E 107 -43.55 -13.26 22.17
N TYR E 108 -44.02 -13.48 20.95
CA TYR E 108 -44.54 -14.80 20.57
C TYR E 108 -43.48 -15.53 19.77
N PRO E 109 -43.05 -16.72 20.20
CA PRO E 109 -41.93 -17.39 19.53
C PRO E 109 -42.24 -17.71 18.06
N GLY E 110 -41.19 -17.64 17.25
CA GLY E 110 -41.33 -17.92 15.84
C GLY E 110 -40.06 -17.56 15.08
N TYR E 111 -40.18 -17.61 13.76
CA TYR E 111 -39.07 -17.35 12.85
C TYR E 111 -39.32 -16.06 12.07
N PHE E 112 -38.31 -15.20 12.02
CA PHE E 112 -38.36 -13.96 11.27
C PHE E 112 -37.55 -14.13 10.00
N ALA E 113 -38.21 -13.98 8.85
CA ALA E 113 -37.59 -14.25 7.56
C ALA E 113 -36.86 -13.01 7.04
N ASP E 114 -35.61 -13.20 6.61
CA ASP E 114 -34.78 -12.13 6.05
C ASP E 114 -34.61 -10.97 7.04
N TYR E 115 -34.23 -11.31 8.26
CA TYR E 115 -34.09 -10.30 9.31
C TYR E 115 -32.87 -9.41 9.07
N GLU E 116 -31.75 -10.00 8.69
CA GLU E 116 -30.54 -9.22 8.45
C GLU E 116 -30.67 -8.34 7.21
N GLU E 117 -31.38 -8.81 6.19
CA GLU E 117 -31.65 -7.97 5.03
C GLU E 117 -32.54 -6.79 5.41
N LEU E 118 -33.52 -7.01 6.30
CA LEU E 118 -34.35 -5.91 6.77
C LEU E 118 -33.53 -4.90 7.56
N ARG E 119 -32.58 -5.37 8.38
CA ARG E 119 -31.70 -4.44 9.09
C ARG E 119 -30.84 -3.64 8.11
N GLU E 120 -30.33 -4.31 7.07
CA GLU E 120 -29.53 -3.61 6.07
C GLU E 120 -30.36 -2.56 5.34
N GLN E 121 -31.62 -2.88 5.04
CA GLN E 121 -32.50 -1.90 4.41
C GLN E 121 -32.77 -0.72 5.33
N LEU E 122 -33.04 -0.98 6.62
CA LEU E 122 -33.35 0.08 7.56
C LEU E 122 -32.13 0.91 7.92
N SER E 123 -30.92 0.42 7.66
CA SER E 123 -29.72 1.19 7.93
C SER E 123 -29.59 2.44 7.08
N SER E 124 -30.36 2.57 6.00
CA SER E 124 -30.25 3.71 5.10
C SER E 124 -31.53 4.55 5.05
N VAL E 125 -32.38 4.43 6.07
CA VAL E 125 -33.63 5.17 6.14
C VAL E 125 -33.48 6.25 7.20
N SER E 126 -33.86 7.48 6.83
CA SER E 126 -33.74 8.62 7.74
C SER E 126 -35.05 8.99 8.42
N SER E 127 -36.19 8.70 7.79
CA SER E 127 -37.49 8.96 8.40
C SER E 127 -38.53 8.11 7.69
N PHE E 128 -39.67 7.91 8.35
CA PHE E 128 -40.81 7.26 7.71
C PHE E 128 -42.10 7.85 8.26
N GLU E 129 -43.22 7.35 7.75
CA GLU E 129 -44.54 7.77 8.19
C GLU E 129 -45.38 6.52 8.46
N ARG E 130 -45.83 6.36 9.70
CA ARG E 130 -46.61 5.21 10.10
C ARG E 130 -48.08 5.50 9.88
N PHE E 131 -48.71 4.77 8.98
CA PHE E 131 -50.12 4.95 8.64
C PHE E 131 -50.85 3.63 8.72
N GLU E 132 -52.15 3.69 8.99
CA GLU E 132 -52.98 2.50 9.10
C GLU E 132 -53.41 2.04 7.71
N ILE E 133 -52.91 0.89 7.30
CA ILE E 133 -53.21 0.36 5.97
C ILE E 133 -54.56 -0.35 5.93
N PHE E 134 -54.89 -1.08 6.98
CA PHE E 134 -56.20 -1.73 7.12
C PHE E 134 -56.78 -1.37 8.47
N PRO E 135 -57.71 -0.41 8.52
CA PRO E 135 -58.28 0.00 9.82
C PRO E 135 -58.96 -1.16 10.54
N LYS E 136 -58.81 -1.17 11.86
CA LYS E 136 -59.27 -2.30 12.66
C LYS E 136 -60.79 -2.39 12.71
N GLU E 137 -61.48 -1.25 12.74
CA GLU E 137 -62.91 -1.22 13.03
C GLU E 137 -63.78 -1.31 11.79
N SER E 138 -63.21 -1.35 10.59
CA SER E 138 -64.03 -1.35 9.38
C SER E 138 -63.54 -2.28 8.28
N SER E 139 -62.51 -3.08 8.51
CA SER E 139 -61.93 -3.90 7.45
C SER E 139 -62.36 -5.36 7.49
N TRP E 140 -62.76 -5.88 8.64
CA TRP E 140 -63.07 -7.31 8.80
C TRP E 140 -64.44 -7.47 9.45
N PRO E 141 -65.51 -7.17 8.73
CA PRO E 141 -66.86 -7.36 9.30
C PRO E 141 -67.19 -8.80 9.66
N ASN E 142 -66.69 -9.78 8.90
CA ASN E 142 -67.05 -11.17 9.10
C ASN E 142 -66.26 -11.86 10.21
N HIS E 143 -65.20 -11.25 10.71
CA HIS E 143 -64.29 -11.91 11.63
C HIS E 143 -64.17 -11.14 12.94
N THR E 144 -63.66 -11.83 13.96
CA THR E 144 -63.35 -11.21 15.24
C THR E 144 -61.91 -10.73 15.25
N VAL E 145 -61.69 -9.54 15.82
CA VAL E 145 -60.39 -8.89 15.75
C VAL E 145 -59.84 -8.63 17.14
N THR E 146 -60.22 -9.48 18.11
CA THR E 146 -59.79 -9.33 19.50
C THR E 146 -59.11 -10.62 19.95
N GLY E 147 -57.81 -10.73 19.69
CA GLY E 147 -57.06 -11.92 20.05
C GLY E 147 -55.73 -11.58 20.71
N VAL E 148 -55.50 -12.15 21.90
CA VAL E 148 -54.35 -11.80 22.71
C VAL E 148 -53.69 -13.08 23.23
N SER E 149 -52.45 -12.94 23.69
CA SER E 149 -51.70 -14.06 24.23
C SER E 149 -51.02 -13.66 25.53
N ALA E 150 -50.79 -14.65 26.38
CA ALA E 150 -50.16 -14.41 27.68
C ALA E 150 -48.66 -14.20 27.60
N SER E 151 -48.04 -14.51 26.46
CA SER E 151 -46.62 -14.27 26.26
C SER E 151 -46.32 -12.85 25.79
N CYS E 152 -47.37 -12.05 25.52
CA CYS E 152 -47.19 -10.67 25.09
C CYS E 152 -47.89 -9.75 26.08
N SER E 153 -47.70 -10.00 27.38
CA SER E 153 -48.43 -9.27 28.40
C SER E 153 -47.92 -7.83 28.54
N HIS E 154 -48.86 -6.92 28.83
CA HIS E 154 -48.54 -5.52 29.08
C HIS E 154 -49.35 -5.05 30.27
N ASN E 155 -48.68 -4.46 31.25
CA ASN E 155 -49.31 -3.97 32.48
C ASN E 155 -50.00 -5.11 33.24
N GLY E 156 -49.43 -6.31 33.18
CA GLY E 156 -49.96 -7.44 33.90
C GLY E 156 -51.09 -8.18 33.23
N LYS E 157 -51.58 -7.70 32.09
CA LYS E 157 -52.64 -8.36 31.34
C LYS E 157 -52.16 -8.72 29.96
N SER E 158 -52.73 -9.79 29.40
CA SER E 158 -52.31 -10.28 28.10
C SER E 158 -52.72 -9.31 26.99
N SER E 159 -51.87 -9.20 25.98
CA SER E 159 -52.09 -8.27 24.88
C SER E 159 -51.47 -8.84 23.62
N PHE E 160 -51.29 -8.00 22.60
CA PHE E 160 -50.75 -8.41 21.31
C PHE E 160 -49.93 -7.26 20.74
N TYR E 161 -49.38 -7.49 19.55
CA TYR E 161 -48.61 -6.47 18.86
C TYR E 161 -49.50 -5.27 18.50
N ARG E 162 -48.85 -4.19 18.08
CA ARG E 162 -49.54 -2.96 17.72
C ARG E 162 -49.66 -2.74 16.22
N ASN E 163 -48.81 -3.37 15.42
CA ASN E 163 -48.87 -3.23 13.96
C ASN E 163 -49.47 -4.44 13.27
N LEU E 164 -49.96 -5.43 14.04
CA LEU E 164 -50.52 -6.65 13.49
C LEU E 164 -51.85 -6.94 14.15
N LEU E 165 -52.68 -7.74 13.47
CA LEU E 165 -54.01 -8.09 13.94
C LEU E 165 -54.21 -9.59 13.86
N TRP E 166 -54.83 -10.17 14.89
CA TRP E 166 -55.12 -11.60 14.95
C TRP E 166 -56.59 -11.81 14.64
N LEU E 167 -56.87 -12.42 13.49
CA LEU E 167 -58.25 -12.68 13.07
C LEU E 167 -58.68 -14.08 13.51
N THR E 168 -59.95 -14.18 13.90
CA THR E 168 -60.53 -15.44 14.37
C THR E 168 -61.93 -15.57 13.79
N GLY E 169 -62.40 -16.80 13.67
CA GLY E 169 -63.72 -17.05 13.13
C GLY E 169 -64.81 -16.47 14.02
N LYS E 170 -65.88 -15.99 13.38
CA LYS E 170 -67.02 -15.42 14.06
C LYS E 170 -68.27 -16.25 13.78
N ASN E 171 -69.07 -16.44 14.83
CA ASN E 171 -70.31 -17.21 14.77
C ASN E 171 -70.08 -18.66 14.34
N GLY E 172 -68.87 -19.18 14.56
CA GLY E 172 -68.55 -20.54 14.17
C GLY E 172 -68.15 -20.73 12.73
N LEU E 173 -67.86 -19.65 12.00
CA LEU E 173 -67.45 -19.75 10.61
C LEU E 173 -66.23 -18.86 10.36
N TYR E 174 -65.38 -19.30 9.45
CA TYR E 174 -64.21 -18.52 9.01
C TYR E 174 -64.28 -18.42 7.49
N PRO E 175 -65.03 -17.44 6.97
CA PRO E 175 -65.15 -17.31 5.51
C PRO E 175 -63.86 -16.86 4.85
N ASN E 176 -63.78 -17.04 3.53
CA ASN E 176 -62.63 -16.59 2.79
C ASN E 176 -62.49 -15.07 2.86
N LEU E 177 -61.26 -14.59 2.95
CA LEU E 177 -60.98 -13.16 2.94
C LEU E 177 -60.05 -12.85 1.78
N SER E 178 -60.34 -11.74 1.10
CA SER E 178 -59.52 -11.23 0.01
C SER E 178 -59.45 -9.71 0.13
N LYS E 179 -58.25 -9.19 0.30
CA LYS E 179 -58.05 -7.75 0.49
C LYS E 179 -56.95 -7.26 -0.44
N SER E 180 -57.05 -5.99 -0.84
CA SER E 180 -56.11 -5.41 -1.78
C SER E 180 -55.77 -3.99 -1.35
N TYR E 181 -54.56 -3.56 -1.68
CA TYR E 181 -54.13 -2.20 -1.39
C TYR E 181 -53.21 -1.69 -2.49
N ALA E 182 -53.45 -0.45 -2.91
CA ALA E 182 -52.67 0.21 -3.96
C ALA E 182 -51.89 1.36 -3.37
N ASN E 183 -50.61 1.46 -3.76
CA ASN E 183 -49.67 2.41 -3.16
C ASN E 183 -49.77 3.75 -3.87
N ASN E 184 -50.65 4.61 -3.37
CA ASN E 184 -50.75 5.99 -3.83
C ASN E 184 -50.06 6.97 -2.86
N LYS E 185 -48.76 6.76 -2.66
CA LYS E 185 -48.00 7.57 -1.71
C LYS E 185 -46.70 8.12 -2.25
N GLU E 186 -46.35 7.85 -3.51
CA GLU E 186 -45.11 8.32 -4.12
C GLU E 186 -43.87 7.89 -3.35
N LYS E 187 -43.95 6.78 -2.63
CA LYS E 187 -42.83 6.30 -1.83
C LYS E 187 -42.95 4.79 -1.67
N GLU E 188 -41.83 4.17 -1.32
CA GLU E 188 -41.84 2.75 -0.99
C GLU E 188 -42.56 2.52 0.32
N VAL E 189 -43.31 1.42 0.39
CA VAL E 189 -44.10 1.08 1.59
C VAL E 189 -43.64 -0.27 2.10
N LEU E 190 -43.33 -0.34 3.40
CA LEU E 190 -42.90 -1.58 4.03
C LEU E 190 -44.10 -2.26 4.66
N VAL E 191 -44.42 -3.46 4.20
CA VAL E 191 -45.59 -4.21 4.67
C VAL E 191 -45.11 -5.47 5.38
N LEU E 192 -45.75 -5.80 6.50
CA LEU E 192 -45.40 -6.96 7.30
C LEU E 192 -46.65 -7.76 7.66
N TRP E 193 -46.50 -9.08 7.75
CA TRP E 193 -47.60 -9.97 8.10
C TRP E 193 -47.02 -11.23 8.75
N GLY E 194 -47.90 -12.16 9.11
CA GLY E 194 -47.48 -13.38 9.77
C GLY E 194 -48.43 -14.53 9.53
N VAL E 195 -47.93 -15.74 9.83
CA VAL E 195 -48.65 -16.99 9.66
C VAL E 195 -48.51 -17.81 10.94
N HIS E 196 -49.62 -18.36 11.42
CA HIS E 196 -49.67 -19.08 12.70
C HIS E 196 -49.64 -20.59 12.50
N HIS E 197 -48.82 -21.27 13.30
CA HIS E 197 -48.71 -22.73 13.31
C HIS E 197 -49.11 -23.25 14.68
N PRO E 198 -50.30 -23.82 14.82
CA PRO E 198 -50.76 -24.30 16.14
C PRO E 198 -50.08 -25.60 16.52
N PRO E 199 -50.17 -26.01 17.80
CA PRO E 199 -49.43 -27.20 18.25
C PRO E 199 -50.14 -28.53 18.00
N ASN E 200 -51.47 -28.51 17.89
CA ASN E 200 -52.22 -29.74 17.67
C ASN E 200 -53.41 -29.46 16.76
N ILE E 201 -53.95 -30.54 16.20
CA ILE E 201 -55.05 -30.42 15.25
C ILE E 201 -56.33 -29.94 15.93
N GLY E 202 -56.52 -30.28 17.21
CA GLY E 202 -57.68 -29.81 17.92
C GLY E 202 -57.70 -28.30 18.06
N ASP E 203 -56.55 -27.71 18.36
CA ASP E 203 -56.45 -26.25 18.45
C ASP E 203 -56.76 -25.60 17.09
N GLN E 204 -56.23 -26.18 16.01
CA GLN E 204 -56.49 -25.64 14.68
C GLN E 204 -57.97 -25.69 14.34
N ARG E 205 -58.63 -26.82 14.64
CA ARG E 205 -60.04 -26.95 14.34
C ARG E 205 -60.89 -26.04 15.22
N ALA E 206 -60.49 -25.82 16.47
CA ALA E 206 -61.24 -24.92 17.34
C ALA E 206 -61.06 -23.46 16.91
N LEU E 207 -59.87 -23.11 16.42
CA LEU E 207 -59.55 -21.72 16.09
C LEU E 207 -60.08 -21.31 14.71
N TYR E 208 -59.88 -22.14 13.70
CA TYR E 208 -60.17 -21.74 12.33
C TYR E 208 -61.21 -22.60 11.63
N HIS E 209 -61.69 -23.67 12.27
CA HIS E 209 -62.77 -24.51 11.73
C HIS E 209 -62.42 -25.11 10.38
N THR E 210 -61.14 -25.39 10.15
CA THR E 210 -60.70 -26.06 8.93
C THR E 210 -59.41 -26.80 9.23
N GLU E 211 -59.12 -27.80 8.38
CA GLU E 211 -57.92 -28.60 8.54
C GLU E 211 -56.86 -28.34 7.48
N ASN E 212 -57.27 -27.91 6.29
CA ASN E 212 -56.34 -27.57 5.21
C ASN E 212 -56.53 -26.08 4.90
N ALA E 213 -55.59 -25.26 5.36
CA ALA E 213 -55.66 -23.81 5.20
C ALA E 213 -54.50 -23.33 4.35
N TYR E 214 -54.70 -22.19 3.69
CA TYR E 214 -53.69 -21.59 2.83
C TYR E 214 -53.68 -20.08 3.03
N VAL E 215 -52.52 -19.47 2.82
CA VAL E 215 -52.38 -18.02 2.76
C VAL E 215 -51.64 -17.68 1.48
N SER E 216 -52.15 -16.70 0.74
CA SER E 216 -51.55 -16.30 -0.52
C SER E 216 -51.31 -14.79 -0.51
N VAL E 217 -50.07 -14.38 -0.75
CA VAL E 217 -49.71 -12.97 -0.82
C VAL E 217 -49.09 -12.72 -2.19
N VAL E 218 -49.70 -11.82 -2.96
CA VAL E 218 -49.32 -11.62 -4.35
C VAL E 218 -49.14 -10.13 -4.63
N SER E 219 -48.04 -9.78 -5.28
CA SER E 219 -47.81 -8.42 -5.77
C SER E 219 -47.49 -8.46 -7.25
N SER E 220 -47.06 -7.33 -7.81
CA SER E 220 -46.69 -7.31 -9.22
C SER E 220 -45.44 -8.13 -9.49
N HIS E 221 -44.46 -8.09 -8.57
CA HIS E 221 -43.22 -8.84 -8.72
C HIS E 221 -42.94 -9.67 -7.48
N TYR E 222 -43.98 -10.02 -6.73
CA TYR E 222 -43.86 -10.86 -5.55
C TYR E 222 -45.04 -11.82 -5.53
N SER E 223 -44.77 -13.06 -5.15
CA SER E 223 -45.83 -14.07 -5.07
C SER E 223 -45.38 -15.16 -4.13
N ARG E 224 -46.24 -15.53 -3.17
CA ARG E 224 -45.92 -16.63 -2.28
C ARG E 224 -47.17 -17.23 -1.69
N LYS E 225 -47.07 -18.52 -1.36
CA LYS E 225 -48.14 -19.29 -0.74
C LYS E 225 -47.60 -19.99 0.49
N PHE E 226 -48.41 -20.03 1.55
CA PHE E 226 -48.02 -20.57 2.85
C PHE E 226 -49.07 -21.57 3.32
N THR E 227 -48.61 -22.65 3.94
CA THR E 227 -49.47 -23.65 4.56
C THR E 227 -49.00 -23.90 5.99
N PRO E 228 -49.93 -24.00 6.93
CA PRO E 228 -49.55 -24.27 8.32
C PRO E 228 -48.96 -25.67 8.50
N GLU E 229 -48.11 -25.79 9.51
CA GLU E 229 -47.53 -27.07 9.92
C GLU E 229 -47.87 -27.29 11.39
N ILE E 230 -48.46 -28.43 11.70
CA ILE E 230 -48.92 -28.76 13.04
C ILE E 230 -47.98 -29.81 13.62
N ALA E 231 -47.34 -29.48 14.75
CA ALA E 231 -46.41 -30.39 15.40
C ALA E 231 -46.27 -29.94 16.86
N LYS E 232 -45.69 -30.84 17.67
CA LYS E 232 -45.40 -30.54 19.06
C LYS E 232 -43.93 -30.15 19.19
N ARG E 233 -43.69 -29.00 19.79
CA ARG E 233 -42.37 -28.39 19.88
C ARG E 233 -42.04 -28.06 21.32
N PRO E 234 -40.76 -27.99 21.67
CA PRO E 234 -40.39 -27.53 23.01
C PRO E 234 -40.88 -26.10 23.25
N LYS E 235 -41.32 -25.84 24.48
CA LYS E 235 -41.84 -24.54 24.85
C LYS E 235 -40.70 -23.53 24.99
N VAL E 236 -40.89 -22.36 24.40
CA VAL E 236 -39.90 -21.29 24.44
C VAL E 236 -40.29 -20.22 25.46
N ARG E 237 -41.48 -19.64 25.31
CA ARG E 237 -42.00 -18.70 26.29
C ARG E 237 -43.33 -19.21 26.83
N ASP E 238 -43.35 -20.50 27.19
CA ASP E 238 -44.55 -21.24 27.62
C ASP E 238 -45.52 -21.49 26.48
N GLN E 239 -45.04 -21.49 25.24
CA GLN E 239 -45.86 -21.71 24.06
C GLN E 239 -45.29 -22.85 23.24
N GLU E 240 -46.17 -23.71 22.73
CA GLU E 240 -45.77 -24.79 21.83
C GLU E 240 -46.10 -24.50 20.38
N GLY E 241 -46.92 -23.49 20.09
CA GLY E 241 -47.15 -23.04 18.73
C GLY E 241 -46.13 -22.01 18.30
N ARG E 242 -46.23 -21.59 17.05
CA ARG E 242 -45.28 -20.63 16.49
C ARG E 242 -46.00 -19.65 15.59
N ILE E 243 -45.34 -18.52 15.31
CA ILE E 243 -45.79 -17.55 14.33
C ILE E 243 -44.58 -17.11 13.51
N ASN E 244 -44.71 -17.17 12.19
CA ASN E 244 -43.64 -16.78 11.27
C ASN E 244 -43.97 -15.43 10.65
N TYR E 245 -42.98 -14.55 10.58
CA TYR E 245 -43.16 -13.17 10.16
C TYR E 245 -42.49 -12.92 8.83
N TYR E 246 -43.20 -12.19 7.96
CA TYR E 246 -42.72 -11.90 6.60
C TYR E 246 -42.94 -10.41 6.29
N TRP E 247 -42.14 -9.90 5.36
CA TRP E 247 -42.17 -8.49 5.00
C TRP E 247 -41.90 -8.34 3.51
N THR E 248 -42.28 -7.17 2.98
CA THR E 248 -42.02 -6.84 1.58
C THR E 248 -42.02 -5.33 1.41
N LEU E 249 -41.42 -4.88 0.31
CA LEU E 249 -41.36 -3.48 -0.08
C LEU E 249 -42.22 -3.28 -1.32
N LEU E 250 -43.12 -2.31 -1.26
CA LEU E 250 -44.06 -2.02 -2.34
C LEU E 250 -43.69 -0.71 -3.00
N GLU E 251 -43.53 -0.75 -4.32
CA GLU E 251 -43.14 0.41 -5.12
C GLU E 251 -44.35 1.33 -5.34
N PRO E 252 -44.10 2.61 -5.63
CA PRO E 252 -45.20 3.53 -5.92
C PRO E 252 -46.02 3.08 -7.12
N GLY E 253 -47.34 3.16 -6.99
CA GLY E 253 -48.24 2.76 -8.04
C GLY E 253 -48.54 1.28 -8.13
N ASP E 254 -48.02 0.48 -7.21
CA ASP E 254 -48.20 -0.97 -7.23
C ASP E 254 -49.32 -1.39 -6.30
N THR E 255 -49.74 -2.65 -6.45
CA THR E 255 -50.85 -3.22 -5.69
C THR E 255 -50.41 -4.53 -5.05
N ILE E 256 -50.93 -4.79 -3.85
CA ILE E 256 -50.66 -6.02 -3.12
C ILE E 256 -51.98 -6.63 -2.68
N ILE E 257 -52.10 -7.95 -2.79
CA ILE E 257 -53.33 -8.68 -2.52
C ILE E 257 -53.05 -9.81 -1.55
N PHE E 258 -53.93 -9.94 -0.55
CA PHE E 258 -53.91 -11.02 0.42
C PHE E 258 -55.17 -11.87 0.24
N GLU E 259 -55.00 -13.19 0.18
CA GLU E 259 -56.11 -14.12 0.17
C GLU E 259 -55.88 -15.18 1.25
N ALA E 260 -56.93 -15.54 1.97
CA ALA E 260 -56.74 -16.53 3.02
C ALA E 260 -58.08 -17.16 3.40
N ASN E 261 -58.00 -18.38 3.96
CA ASN E 261 -59.12 -19.05 4.59
C ASN E 261 -58.78 -19.52 5.99
N GLY E 262 -57.69 -19.02 6.57
CA GLY E 262 -57.29 -19.38 7.92
C GLY E 262 -55.83 -19.10 8.20
N ASN E 263 -55.48 -18.93 9.47
CA ASN E 263 -54.11 -18.84 9.96
C ASN E 263 -53.39 -17.56 9.53
N LEU E 264 -54.10 -16.46 9.32
CA LEU E 264 -53.49 -15.21 8.88
C LEU E 264 -53.38 -14.22 10.03
N ILE E 265 -52.20 -13.63 10.19
CA ILE E 265 -52.01 -12.49 11.09
C ILE E 265 -51.90 -11.26 10.20
N ALA E 266 -52.99 -10.51 10.12
CA ALA E 266 -53.13 -9.45 9.13
C ALA E 266 -52.28 -8.24 9.48
N PRO E 267 -51.81 -7.51 8.48
CA PRO E 267 -51.16 -6.21 8.75
C PRO E 267 -52.16 -5.20 9.28
N ARG E 268 -51.65 -4.27 10.06
CA ARG E 268 -52.46 -3.17 10.57
C ARG E 268 -51.85 -1.81 10.31
N TYR E 269 -50.52 -1.68 10.38
CA TYR E 269 -49.83 -0.44 10.13
C TYR E 269 -48.67 -0.68 9.17
N ALA E 270 -48.38 0.32 8.35
CA ALA E 270 -47.27 0.26 7.40
C ALA E 270 -46.45 1.53 7.51
N PHE E 271 -45.33 1.56 6.81
CA PHE E 271 -44.39 2.67 6.85
C PHE E 271 -44.02 3.10 5.44
N ALA E 272 -43.96 4.41 5.21
CA ALA E 272 -43.52 4.98 3.96
C ALA E 272 -42.11 5.54 4.15
N LEU E 273 -41.13 4.89 3.51
CA LEU E 273 -39.73 5.12 3.82
C LEU E 273 -39.15 6.31 3.05
N SER E 274 -38.20 6.98 3.69
CA SER E 274 -37.43 8.06 3.09
C SER E 274 -35.95 7.81 3.33
N ARG E 275 -35.16 7.90 2.26
CA ARG E 275 -33.76 7.49 2.29
C ARG E 275 -32.82 8.67 2.51
N GLY E 276 -31.60 8.34 2.93
CA GLY E 276 -30.58 9.34 3.16
C GLY E 276 -29.24 8.69 3.41
N PHE E 277 -28.19 9.48 3.28
CA PHE E 277 -26.82 9.02 3.45
C PHE E 277 -26.29 9.42 4.82
N GLY E 278 -25.39 8.59 5.34
CA GLY E 278 -24.74 8.90 6.60
C GLY E 278 -25.50 8.48 7.83
N SER E 279 -26.06 7.27 7.83
CA SER E 279 -26.79 6.74 8.97
C SER E 279 -26.41 5.28 9.18
N GLY E 280 -26.84 4.73 10.31
CA GLY E 280 -26.54 3.35 10.61
C GLY E 280 -27.07 2.97 11.97
N ILE E 281 -26.83 1.72 12.33
CA ILE E 281 -27.24 1.14 13.61
C ILE E 281 -25.99 0.71 14.35
N ILE E 282 -25.77 1.26 15.54
CA ILE E 282 -24.62 0.90 16.36
C ILE E 282 -25.10 0.42 17.72
N THR E 283 -24.31 -0.45 18.34
CA THR E 283 -24.61 -0.95 19.68
C THR E 283 -23.68 -0.29 20.68
N SER E 284 -24.24 0.22 21.77
CA SER E 284 -23.47 1.01 22.72
C SER E 284 -24.11 0.91 24.10
N ASN E 285 -23.31 1.24 25.11
CA ASN E 285 -23.77 1.33 26.49
C ASN E 285 -23.63 2.74 27.06
N ALA E 286 -23.11 3.69 26.29
CA ALA E 286 -22.88 5.03 26.79
C ALA E 286 -24.22 5.75 27.03
N PRO E 287 -24.25 6.68 27.98
CA PRO E 287 -25.47 7.47 28.19
C PRO E 287 -25.59 8.61 27.20
N MET E 288 -26.79 9.17 27.13
CA MET E 288 -27.11 10.24 26.20
C MET E 288 -27.00 11.58 26.92
N ASP E 289 -26.29 12.52 26.30
CA ASP E 289 -26.08 13.85 26.84
C ASP E 289 -26.58 14.90 25.85
N GLU E 290 -26.32 16.17 26.16
CA GLU E 290 -26.80 17.30 25.37
C GLU E 290 -25.68 17.92 24.54
N CYS E 291 -24.72 17.16 24.06
CA CYS E 291 -23.64 17.86 23.34
C CYS E 291 -23.89 17.87 21.85
N ASP E 292 -22.95 18.38 21.10
CA ASP E 292 -23.05 18.52 19.66
C ASP E 292 -21.68 18.21 19.09
N ALA E 293 -21.63 17.30 18.12
CA ALA E 293 -20.35 16.86 17.59
C ALA E 293 -20.50 16.49 16.11
N LYS E 294 -19.36 16.18 15.50
CA LYS E 294 -19.33 15.80 14.09
C LYS E 294 -18.99 14.33 13.88
N CYS E 295 -18.50 13.64 14.91
CA CYS E 295 -18.16 12.23 14.81
C CYS E 295 -18.67 11.50 16.05
N GLN E 296 -19.25 10.32 15.83
CA GLN E 296 -19.77 9.50 16.92
C GLN E 296 -19.22 8.09 16.81
N THR E 297 -18.82 7.53 17.93
CA THR E 297 -18.33 6.16 18.05
C THR E 297 -19.11 5.47 19.15
N PRO E 298 -19.10 4.13 19.17
CA PRO E 298 -19.78 3.40 20.26
C PRO E 298 -19.25 3.71 21.65
N GLN E 299 -18.07 4.31 21.77
CA GLN E 299 -17.50 4.67 23.06
C GLN E 299 -17.74 6.13 23.43
N GLY E 300 -17.79 7.03 22.45
CA GLY E 300 -18.01 8.43 22.74
C GLY E 300 -17.79 9.26 21.49
N ALA E 301 -18.05 10.55 21.64
CA ALA E 301 -17.93 11.50 20.54
C ALA E 301 -16.51 12.06 20.46
N ILE E 302 -16.14 12.48 19.25
CA ILE E 302 -14.82 13.01 18.96
C ILE E 302 -14.95 14.40 18.39
N ASN E 303 -14.20 15.36 18.96
CA ASN E 303 -14.16 16.74 18.51
C ASN E 303 -12.71 17.04 18.14
N SER E 304 -12.33 16.73 16.90
CA SER E 304 -10.94 16.87 16.51
C SER E 304 -10.85 16.99 14.99
N SER E 305 -9.72 17.53 14.53
CA SER E 305 -9.41 17.65 13.12
C SER E 305 -8.15 16.88 12.73
N LEU E 306 -7.65 16.02 13.61
CA LEU E 306 -6.46 15.23 13.30
C LEU E 306 -6.77 14.19 12.24
N PRO E 307 -5.75 13.78 11.45
CA PRO E 307 -6.01 12.82 10.36
C PRO E 307 -6.13 11.37 10.80
N PHE E 308 -5.78 11.02 12.04
CA PHE E 308 -5.79 9.64 12.47
C PHE E 308 -6.41 9.53 13.86
N GLN E 309 -6.91 8.32 14.17
CA GLN E 309 -7.45 8.00 15.48
C GLN E 309 -7.26 6.52 15.73
N ASN E 310 -7.31 6.14 17.01
CA ASN E 310 -7.26 4.73 17.41
C ASN E 310 -8.27 4.44 18.50
N VAL E 311 -9.47 5.01 18.38
CA VAL E 311 -10.50 4.84 19.39
C VAL E 311 -11.39 3.64 19.06
N HIS E 312 -12.01 3.66 17.87
CA HIS E 312 -12.91 2.56 17.50
C HIS E 312 -13.00 2.46 15.99
N PRO E 313 -13.05 1.24 15.44
CA PRO E 313 -13.23 1.11 13.98
C PRO E 313 -14.57 1.62 13.47
N VAL E 314 -15.63 1.59 14.29
CA VAL E 314 -16.97 1.95 13.87
C VAL E 314 -17.19 3.43 14.18
N THR E 315 -17.60 4.19 13.15
CA THR E 315 -17.75 5.63 13.27
C THR E 315 -18.94 6.09 12.44
N ILE E 316 -19.54 7.21 12.85
CA ILE E 316 -20.62 7.85 12.10
C ILE E 316 -20.33 9.35 12.05
N GLY E 317 -20.36 9.91 10.84
CA GLY E 317 -20.16 11.33 10.64
C GLY E 317 -18.88 11.61 9.86
N GLU E 318 -18.21 12.70 10.22
CA GLU E 318 -16.93 13.09 9.65
C GLU E 318 -15.85 12.75 10.66
N CYS E 319 -15.10 11.69 10.40
CA CYS E 319 -14.21 11.10 11.38
C CYS E 319 -12.81 10.89 10.80
N PRO E 320 -11.80 10.86 11.65
CA PRO E 320 -10.45 10.51 11.19
C PRO E 320 -10.34 9.02 10.88
N LYS E 321 -9.25 8.68 10.19
CA LYS E 321 -9.01 7.30 9.79
C LYS E 321 -8.49 6.48 10.97
N TYR E 322 -8.98 5.24 11.09
CA TYR E 322 -8.63 4.37 12.20
C TYR E 322 -7.38 3.57 11.88
N VAL E 323 -6.43 3.57 12.81
CA VAL E 323 -5.19 2.81 12.69
C VAL E 323 -4.92 2.10 14.00
N ARG E 324 -4.03 1.10 13.95
CA ARG E 324 -3.63 0.33 15.11
C ARG E 324 -2.44 0.93 15.83
N SER E 325 -1.93 2.07 15.37
CA SER E 325 -0.72 2.65 15.93
C SER E 325 -1.00 3.26 17.30
N ALA E 326 0.08 3.41 18.08
CA ALA E 326 0.02 4.07 19.37
C ALA E 326 0.80 5.38 19.41
N LYS E 327 1.53 5.72 18.35
CA LYS E 327 2.35 6.92 18.32
C LYS E 327 2.59 7.32 16.88
N LEU E 328 2.27 8.57 16.55
CA LEU E 328 2.52 9.12 15.20
C LEU E 328 2.83 10.61 15.38
N ARG E 329 4.13 10.92 15.47
CA ARG E 329 4.59 12.28 15.69
C ARG E 329 5.53 12.69 14.58
N MET E 330 5.35 13.91 14.07
CA MET E 330 6.12 14.44 12.95
C MET E 330 6.99 15.59 13.43
N VAL E 331 8.28 15.53 13.12
CA VAL E 331 9.20 16.59 13.53
C VAL E 331 9.13 17.73 12.54
N THR E 332 9.10 18.96 13.06
CA THR E 332 9.19 20.16 12.25
C THR E 332 10.40 21.03 12.56
N GLY E 333 11.04 20.84 13.71
CA GLY E 333 12.20 21.64 14.10
C GLY E 333 13.52 20.89 14.01
N LEU E 334 14.49 21.34 14.79
CA LEU E 334 15.85 20.80 14.75
C LEU E 334 16.06 19.81 15.88
N ARG E 335 17.24 19.19 15.88
CA ARG E 335 17.68 18.41 17.01
C ARG E 335 17.96 19.31 18.20
N ASN E 336 17.55 18.88 19.39
CA ASN E 336 17.71 19.68 20.60
C ASN E 336 19.04 19.31 21.26
N ILE E 337 20.05 20.14 21.04
CA ILE E 337 21.38 19.93 21.61
C ILE E 337 21.81 21.20 22.35
N PRO E 338 21.34 21.43 23.57
CA PRO E 338 21.75 22.64 24.29
C PRO E 338 23.19 22.55 24.77
N SER E 339 24.07 23.33 24.17
CA SER E 339 25.47 23.35 24.56
C SER E 339 25.68 24.24 25.78
N ILE E 349 31.84 32.00 23.21
CA ILE E 349 30.75 31.57 22.35
C ILE E 349 31.31 31.05 21.03
N ALA E 350 30.86 29.86 20.64
CA ALA E 350 31.33 29.21 19.42
C ALA E 350 30.14 28.93 18.50
N GLY E 351 30.46 28.47 17.30
CA GLY E 351 29.47 28.28 16.26
C GLY E 351 28.66 27.01 16.41
N PHE E 352 28.19 26.50 15.27
CA PHE E 352 27.26 25.38 15.23
C PHE E 352 27.91 24.02 15.47
N ILE E 353 29.25 23.95 15.45
CA ILE E 353 29.91 22.65 15.62
C ILE E 353 29.74 22.10 17.03
N GLU E 354 29.62 22.96 18.04
CA GLU E 354 29.45 22.48 19.41
C GLU E 354 28.00 22.16 19.74
N GLY E 355 27.07 23.07 19.44
CA GLY E 355 25.68 22.83 19.76
C GLY E 355 24.82 24.02 19.44
N GLY E 356 23.59 24.01 19.99
CA GLY E 356 22.64 25.06 19.72
C GLY E 356 22.68 26.19 20.73
N TRP E 357 22.07 27.30 20.35
CA TRP E 357 22.05 28.52 21.17
C TRP E 357 20.67 28.69 21.77
N THR E 358 20.61 28.79 23.11
CA THR E 358 19.37 29.11 23.78
C THR E 358 19.09 30.62 23.77
N GLY E 359 20.09 31.44 23.46
CA GLY E 359 19.91 32.87 23.41
C GLY E 359 19.34 33.41 22.12
N MET E 360 19.23 32.57 21.10
CA MET E 360 18.61 32.95 19.83
C MET E 360 17.20 32.38 19.81
N VAL E 361 16.20 33.26 19.79
CA VAL E 361 14.82 32.85 20.00
C VAL E 361 13.91 33.16 18.81
N ASP E 362 14.29 34.06 17.91
CA ASP E 362 13.40 34.54 16.85
C ASP E 362 13.56 33.79 15.54
N GLY E 363 14.33 32.72 15.51
CA GLY E 363 14.52 32.00 14.26
C GLY E 363 15.19 30.67 14.49
N TRP E 364 15.50 30.00 13.38
CA TRP E 364 16.15 28.69 13.40
C TRP E 364 17.65 28.77 13.18
N TYR E 365 18.12 29.69 12.34
CA TYR E 365 19.54 29.88 12.07
C TYR E 365 19.89 31.35 12.23
N GLY E 366 21.13 31.62 12.62
CA GLY E 366 21.52 33.00 12.80
C GLY E 366 23.00 33.16 13.13
N TYR E 367 23.33 34.38 13.55
CA TYR E 367 24.71 34.80 13.81
C TYR E 367 24.85 35.28 15.25
N HIS E 368 26.09 35.24 15.74
CA HIS E 368 26.50 35.92 16.96
C HIS E 368 27.72 36.76 16.64
N HIS E 369 27.64 38.06 16.92
CA HIS E 369 28.71 38.98 16.55
C HIS E 369 29.31 39.62 17.79
N GLN E 370 30.60 39.94 17.70
CA GLN E 370 31.34 40.55 18.80
C GLN E 370 32.35 41.53 18.24
N ASN E 371 32.19 42.81 18.58
CA ASN E 371 33.10 43.85 18.13
C ASN E 371 33.27 44.88 19.25
N GLU E 372 34.00 45.96 18.93
CA GLU E 372 34.39 46.93 19.95
C GLU E 372 33.18 47.55 20.65
N GLN E 373 32.06 47.69 19.96
CA GLN E 373 30.88 48.31 20.55
C GLN E 373 29.98 47.32 21.29
N GLY E 374 30.28 46.03 21.25
CA GLY E 374 29.51 45.06 22.02
C GLY E 374 29.32 43.78 21.24
N SER E 375 28.46 42.92 21.78
CA SER E 375 28.20 41.61 21.20
C SER E 375 26.72 41.31 21.29
N GLY E 376 26.26 40.38 20.45
CA GLY E 376 24.86 39.99 20.50
C GLY E 376 24.51 38.96 19.45
N TYR E 377 23.30 38.43 19.61
CA TYR E 377 22.73 37.43 18.72
C TYR E 377 21.78 38.09 17.72
N ALA E 378 21.66 37.47 16.55
CA ALA E 378 20.70 37.88 15.54
C ALA E 378 20.29 36.66 14.73
N ALA E 379 19.13 36.75 14.10
CA ALA E 379 18.58 35.65 13.33
C ALA E 379 18.55 36.01 11.85
N ASP E 380 18.87 35.04 11.00
CA ASP E 380 18.79 35.23 9.56
C ASP E 380 17.34 35.03 9.13
N GLN E 381 16.68 36.13 8.77
CA GLN E 381 15.27 36.06 8.39
C GLN E 381 15.08 35.38 7.04
N LYS E 382 16.11 35.37 6.20
CA LYS E 382 15.97 34.88 4.83
C LYS E 382 15.88 33.35 4.75
N SER E 383 16.82 32.63 5.35
CA SER E 383 16.83 31.17 5.24
C SER E 383 15.72 30.53 6.06
N THR E 384 15.38 31.13 7.21
CA THR E 384 14.28 30.62 8.02
C THR E 384 12.98 30.61 7.24
N GLN E 385 12.76 31.60 6.38
CA GLN E 385 11.53 31.67 5.60
C GLN E 385 11.41 30.50 4.63
N ASN E 386 12.49 30.18 3.90
CA ASN E 386 12.46 29.03 3.00
C ASN E 386 12.30 27.73 3.77
N ALA E 387 12.97 27.60 4.92
CA ALA E 387 12.79 26.39 5.71
C ALA E 387 11.34 26.22 6.14
N ILE E 388 10.71 27.31 6.61
CA ILE E 388 9.32 27.26 7.04
C ILE E 388 8.40 26.94 5.87
N ASN E 389 8.67 27.54 4.71
CA ASN E 389 7.87 27.25 3.52
C ASN E 389 7.92 25.77 3.18
N GLY E 390 9.12 25.19 3.15
CA GLY E 390 9.24 23.78 2.81
C GLY E 390 8.56 22.87 3.82
N ILE E 391 8.75 23.14 5.12
CA ILE E 391 8.16 22.29 6.14
C ILE E 391 6.63 22.38 6.10
N THR E 392 6.09 23.58 5.93
CA THR E 392 4.64 23.75 5.84
C THR E 392 4.08 23.02 4.62
N ASN E 393 4.76 23.13 3.48
CA ASN E 393 4.32 22.39 2.30
C ASN E 393 4.32 20.89 2.54
N LYS E 394 5.35 20.37 3.20
CA LYS E 394 5.43 18.94 3.45
C LYS E 394 4.29 18.46 4.35
N VAL E 395 4.03 19.20 5.43
CA VAL E 395 2.96 18.81 6.35
C VAL E 395 1.60 18.88 5.65
N ASN E 396 1.37 19.92 4.86
CA ASN E 396 0.10 20.04 4.14
C ASN E 396 -0.08 18.91 3.15
N SER E 397 0.99 18.54 2.44
CA SER E 397 0.89 17.42 1.50
C SER E 397 0.57 16.11 2.22
N VAL E 398 1.21 15.87 3.35
CA VAL E 398 0.94 14.65 4.12
C VAL E 398 -0.52 14.63 4.56
N ILE E 399 -1.04 15.76 5.05
CA ILE E 399 -2.44 15.82 5.46
C ILE E 399 -3.36 15.56 4.27
N GLU E 400 -3.06 16.16 3.12
CA GLU E 400 -3.93 16.06 1.97
C GLU E 400 -3.99 14.66 1.39
N LYS E 401 -2.87 13.93 1.42
CA LYS E 401 -2.84 12.61 0.79
C LYS E 401 -3.77 11.60 1.49
N MET E 402 -4.20 11.88 2.73
CA MET E 402 -5.08 11.00 3.46
C MET E 402 -6.47 11.64 3.54
N ASN E 403 -7.50 10.88 3.18
CA ASN E 403 -8.86 11.37 3.14
C ASN E 403 -9.62 10.96 4.40
N THR E 404 -10.67 11.72 4.69
CA THR E 404 -11.45 11.49 5.90
C THR E 404 -12.34 10.26 5.74
N GLN E 405 -12.65 9.64 6.88
CA GLN E 405 -13.53 8.48 6.91
C GLN E 405 -15.00 8.91 7.01
N PHE E 406 -15.86 8.21 6.29
CA PHE E 406 -17.29 8.42 6.36
C PHE E 406 -17.93 7.29 7.15
N THR E 407 -19.27 7.26 7.16
CA THR E 407 -20.00 6.28 7.93
C THR E 407 -19.63 4.86 7.50
N ALA E 408 -19.31 4.01 8.47
CA ALA E 408 -18.92 2.63 8.20
C ALA E 408 -19.29 1.80 9.43
N VAL E 409 -20.37 1.03 9.31
CA VAL E 409 -20.84 0.18 10.40
C VAL E 409 -20.77 -1.27 9.96
N GLY E 410 -21.01 -2.20 10.88
CA GLY E 410 -20.91 -3.62 10.58
C GLY E 410 -22.21 -4.20 10.06
N LYS E 411 -22.12 -5.48 9.67
CA LYS E 411 -23.25 -6.25 9.16
C LYS E 411 -23.58 -7.37 10.14
N GLU E 412 -24.65 -8.09 9.82
CA GLU E 412 -25.09 -9.22 10.64
C GLU E 412 -25.36 -10.42 9.74
N PHE E 413 -25.09 -11.61 10.28
CA PHE E 413 -25.27 -12.86 9.55
C PHE E 413 -25.90 -13.88 10.49
N ASN E 414 -26.61 -14.84 9.90
CA ASN E 414 -27.23 -15.91 10.67
C ASN E 414 -26.27 -17.09 10.76
N LYS E 415 -26.74 -18.21 11.31
CA LYS E 415 -25.85 -19.33 11.61
C LYS E 415 -25.39 -20.08 10.36
N LEU E 416 -26.13 -20.00 9.27
CA LEU E 416 -25.78 -20.69 8.03
C LEU E 416 -25.04 -19.80 7.05
N GLU E 417 -24.43 -18.71 7.53
CA GLU E 417 -23.74 -17.74 6.68
C GLU E 417 -22.36 -17.43 7.25
N ARG E 418 -21.62 -18.48 7.62
CA ARG E 418 -20.31 -18.28 8.25
C ARG E 418 -19.23 -17.89 7.24
N ARG E 419 -19.32 -18.38 6.00
CA ARG E 419 -18.32 -18.05 5.00
C ARG E 419 -18.36 -16.57 4.63
N MET E 420 -19.56 -16.00 4.50
CA MET E 420 -19.69 -14.58 4.21
C MET E 420 -19.15 -13.73 5.36
N GLU E 421 -19.42 -14.16 6.60
CA GLU E 421 -18.89 -13.45 7.76
C GLU E 421 -17.37 -13.49 7.78
N ASN E 422 -16.79 -14.65 7.49
CA ASN E 422 -15.33 -14.76 7.46
C ASN E 422 -14.72 -13.90 6.36
N LEU E 423 -15.36 -13.85 5.20
CA LEU E 423 -14.87 -13.00 4.11
C LEU E 423 -14.93 -11.52 4.49
N ASN E 424 -16.02 -11.10 5.13
CA ASN E 424 -16.14 -9.72 5.59
C ASN E 424 -15.02 -9.38 6.59
N LYS E 425 -14.78 -10.27 7.55
CA LYS E 425 -13.73 -10.04 8.53
C LYS E 425 -12.36 -9.98 7.86
N LYS E 426 -12.11 -10.86 6.90
CA LYS E 426 -10.83 -10.84 6.18
C LYS E 426 -10.61 -9.53 5.46
N VAL E 427 -11.64 -9.02 4.78
CA VAL E 427 -11.50 -7.75 4.06
C VAL E 427 -11.18 -6.62 5.03
N ASP E 428 -11.92 -6.55 6.14
CA ASP E 428 -11.70 -5.48 7.11
C ASP E 428 -10.28 -5.53 7.67
N ASP E 429 -9.83 -6.71 8.08
CA ASP E 429 -8.51 -6.86 8.66
C ASP E 429 -7.41 -6.49 7.67
N GLY E 430 -7.56 -6.93 6.42
CA GLY E 430 -6.53 -6.61 5.42
C GLY E 430 -6.40 -5.13 5.17
N PHE E 431 -7.54 -4.44 5.01
CA PHE E 431 -7.47 -3.00 4.79
C PHE E 431 -6.85 -2.27 5.99
N LEU E 432 -7.22 -2.69 7.20
CA LEU E 432 -6.65 -2.05 8.38
C LEU E 432 -5.14 -2.24 8.45
N ASP E 433 -4.66 -3.46 8.16
CA ASP E 433 -3.22 -3.71 8.16
C ASP E 433 -2.50 -2.83 7.15
N ILE E 434 -3.04 -2.75 5.94
CA ILE E 434 -2.38 -1.98 4.89
C ILE E 434 -2.28 -0.51 5.28
N TRP E 435 -3.36 0.06 5.81
CA TRP E 435 -3.34 1.49 6.13
C TRP E 435 -2.42 1.79 7.32
N THR E 436 -2.39 0.91 8.32
CA THR E 436 -1.46 1.10 9.43
C THR E 436 -0.01 1.10 8.94
N TYR E 437 0.32 0.14 8.07
CA TYR E 437 1.67 0.08 7.51
C TYR E 437 2.01 1.35 6.77
N ASN E 438 1.08 1.82 5.93
CA ASN E 438 1.33 3.03 5.13
C ASN E 438 1.63 4.23 6.03
N ALA E 439 0.79 4.45 7.04
CA ALA E 439 0.96 5.62 7.89
C ALA E 439 2.29 5.58 8.63
N GLU E 440 2.60 4.43 9.25
CA GLU E 440 3.84 4.34 10.02
C GLU E 440 5.06 4.54 9.13
N LEU E 441 5.07 3.91 7.95
CA LEU E 441 6.21 4.03 7.05
C LEU E 441 6.39 5.47 6.58
N LEU E 442 5.29 6.15 6.26
CA LEU E 442 5.39 7.53 5.79
C LEU E 442 6.00 8.43 6.86
N VAL E 443 5.53 8.31 8.11
CA VAL E 443 6.07 9.16 9.17
C VAL E 443 7.54 8.88 9.39
N LEU E 444 7.90 7.59 9.46
CA LEU E 444 9.30 7.22 9.71
C LEU E 444 10.22 7.74 8.61
N LEU E 445 9.77 7.67 7.35
CA LEU E 445 10.63 8.10 6.26
C LEU E 445 10.75 9.62 6.16
N GLU E 446 9.69 10.37 6.49
CA GLU E 446 9.80 11.82 6.40
C GLU E 446 10.63 12.41 7.55
N ASN E 447 10.65 11.74 8.71
CA ASN E 447 11.36 12.28 9.86
C ASN E 447 12.85 12.45 9.59
N GLU E 448 13.47 11.54 8.82
CA GLU E 448 14.90 11.63 8.53
C GLU E 448 15.21 12.73 7.52
N ARG E 449 14.37 12.86 6.49
CA ARG E 449 14.58 13.87 5.47
C ARG E 449 14.48 15.28 6.06
N THR E 450 13.60 15.47 7.05
CA THR E 450 13.52 16.80 7.68
C THR E 450 14.84 17.19 8.34
N LEU E 451 15.44 16.28 9.11
CA LEU E 451 16.68 16.60 9.80
C LEU E 451 17.83 16.81 8.81
N ASP E 452 17.88 15.99 7.75
CA ASP E 452 18.89 16.21 6.71
C ASP E 452 18.72 17.59 6.07
N PHE E 453 17.48 18.00 5.84
CA PHE E 453 17.18 19.31 5.27
C PHE E 453 17.73 20.42 6.16
N HIS E 454 17.50 20.33 7.47
CA HIS E 454 17.99 21.36 8.38
C HIS E 454 19.52 21.42 8.39
N ASP E 455 20.18 20.25 8.42
CA ASP E 455 21.64 20.24 8.39
C ASP E 455 22.18 20.88 7.11
N SER E 456 21.57 20.55 5.98
CA SER E 456 22.01 21.14 4.71
C SER E 456 21.83 22.66 4.71
N ASN E 457 20.73 23.15 5.30
CA ASN E 457 20.51 24.58 5.37
C ASN E 457 21.60 25.28 6.18
N VAL E 458 21.95 24.71 7.33
CA VAL E 458 23.00 25.32 8.16
C VAL E 458 24.34 25.32 7.41
N LYS E 459 24.66 24.21 6.74
CA LYS E 459 25.92 24.14 6.00
C LYS E 459 25.96 25.16 4.86
N ASN E 460 24.83 25.33 4.17
CA ASN E 460 24.78 26.31 3.08
C ASN E 460 24.98 27.73 3.59
N LEU E 461 24.37 28.05 4.74
CA LEU E 461 24.59 29.38 5.32
C LEU E 461 26.05 29.60 5.68
N TYR E 462 26.69 28.60 6.28
CA TYR E 462 28.10 28.74 6.64
C TYR E 462 28.97 28.94 5.39
N GLU E 463 28.73 28.17 4.34
CA GLU E 463 29.53 28.31 3.12
C GLU E 463 29.28 29.66 2.44
N LYS E 464 28.04 30.14 2.45
CA LYS E 464 27.76 31.44 1.88
C LYS E 464 28.50 32.54 2.61
N VAL E 465 28.57 32.45 3.94
CA VAL E 465 29.33 33.46 4.68
C VAL E 465 30.83 33.32 4.40
N LYS E 466 31.34 32.09 4.32
CA LYS E 466 32.77 31.91 4.10
C LYS E 466 33.20 32.38 2.72
N SER E 467 32.31 32.32 1.73
CA SER E 467 32.64 32.71 0.37
C SER E 467 32.49 34.21 0.13
N GLN E 468 32.55 35.01 1.19
CA GLN E 468 32.40 36.45 1.09
C GLN E 468 33.53 37.24 1.76
N LEU E 469 34.32 36.62 2.63
CA LEU E 469 35.40 37.32 3.33
C LEU E 469 36.77 37.02 2.75
N LYS E 470 36.94 35.87 2.08
CA LYS E 470 38.19 35.47 1.45
C LYS E 470 39.36 35.52 2.42
N ASN E 471 40.37 36.34 2.11
CA ASN E 471 41.60 36.40 2.88
C ASN E 471 41.52 37.38 4.05
N ASN E 472 40.48 38.21 4.12
CA ASN E 472 40.39 39.21 5.18
C ASN E 472 39.95 38.63 6.52
N ALA E 473 39.78 37.31 6.62
CA ALA E 473 39.35 36.71 7.88
C ALA E 473 40.00 35.34 8.02
N LYS E 474 40.06 34.88 9.26
CA LYS E 474 40.64 33.59 9.61
C LYS E 474 39.54 32.67 10.12
N GLU E 475 39.52 31.44 9.60
CA GLU E 475 38.56 30.42 10.00
C GLU E 475 39.18 29.58 11.10
N ILE E 476 38.58 29.62 12.30
CA ILE E 476 39.15 28.96 13.47
C ILE E 476 38.56 27.58 13.70
N GLY E 477 37.71 27.10 12.79
CA GLY E 477 37.33 25.70 12.76
C GLY E 477 36.15 25.29 13.62
N ASN E 478 35.51 26.22 14.34
CA ASN E 478 34.34 25.89 15.13
C ASN E 478 33.08 26.58 14.61
N GLY E 479 33.11 27.09 13.38
CA GLY E 479 32.01 27.85 12.85
C GLY E 479 32.13 29.35 13.01
N CYS E 480 33.29 29.85 13.39
CA CYS E 480 33.51 31.27 13.65
C CYS E 480 34.61 31.81 12.74
N PHE E 481 34.54 33.11 12.49
CA PHE E 481 35.48 33.85 11.67
C PHE E 481 36.02 35.02 12.47
N GLU E 482 37.34 35.20 12.44
CA GLU E 482 38.02 36.29 13.13
C GLU E 482 38.58 37.26 12.09
N PHE E 483 38.18 38.52 12.18
CA PHE E 483 38.59 39.50 11.17
C PHE E 483 40.01 39.97 11.41
N TYR E 484 40.75 40.11 10.31
CA TYR E 484 42.11 40.66 10.37
C TYR E 484 42.09 42.18 10.54
N HIS E 485 41.11 42.85 9.96
CA HIS E 485 40.93 44.29 10.13
C HIS E 485 39.90 44.55 11.23
N LYS E 486 39.77 45.82 11.61
CA LYS E 486 38.79 46.23 12.60
C LYS E 486 37.60 46.86 11.89
N CYS E 487 36.40 46.38 12.21
CA CYS E 487 35.19 46.87 11.56
C CYS E 487 34.07 47.00 12.58
N ASN E 488 33.32 48.09 12.48
CA ASN E 488 32.29 48.44 13.45
C ASN E 488 30.98 47.74 13.10
N ASN E 489 29.89 48.20 13.72
CA ASN E 489 28.58 47.58 13.53
C ASN E 489 28.12 47.61 12.08
N GLU E 490 28.56 48.59 11.29
CA GLU E 490 28.16 48.64 9.88
C GLU E 490 28.75 47.47 9.10
N CYS E 491 30.00 47.10 9.39
CA CYS E 491 30.59 45.94 8.74
C CYS E 491 29.84 44.66 9.09
N MET E 492 29.46 44.51 10.36
CA MET E 492 28.69 43.34 10.76
C MET E 492 27.34 43.30 10.06
N GLU E 493 26.64 44.43 10.04
CA GLU E 493 25.34 44.52 9.38
C GLU E 493 25.44 44.36 7.87
N SER E 494 26.62 44.57 7.29
CA SER E 494 26.83 44.34 5.87
C SER E 494 27.22 42.90 5.57
N VAL E 495 27.96 42.25 6.46
CA VAL E 495 28.25 40.83 6.29
C VAL E 495 26.98 40.01 6.45
N LYS E 496 26.13 40.36 7.41
CA LYS E 496 24.84 39.72 7.59
C LYS E 496 23.79 40.21 6.60
N ASN E 497 24.23 40.86 5.52
CA ASN E 497 23.35 41.54 4.57
C ASN E 497 23.47 40.93 3.18
N GLY E 498 24.67 40.41 2.87
CA GLY E 498 24.97 39.92 1.55
C GLY E 498 25.75 40.89 0.68
N THR E 499 25.97 42.12 1.15
CA THR E 499 26.68 43.16 0.41
C THR E 499 27.88 43.60 1.26
N TYR E 500 29.01 42.95 1.07
CA TYR E 500 30.23 43.24 1.83
C TYR E 500 31.32 43.66 0.87
N ASP E 501 31.95 44.81 1.13
CA ASP E 501 32.95 45.39 0.24
C ASP E 501 34.30 44.79 0.57
N TYR E 502 34.69 43.75 -0.16
CA TYR E 502 36.02 43.18 -0.03
C TYR E 502 37.13 44.15 -0.42
N PRO E 503 37.07 44.85 -1.56
CA PRO E 503 38.17 45.77 -1.90
C PRO E 503 38.39 46.88 -0.88
N LYS E 504 37.34 47.32 -0.19
CA LYS E 504 37.48 48.44 0.74
C LYS E 504 38.41 48.11 1.90
N TYR E 505 38.38 46.86 2.38
CA TYR E 505 39.16 46.46 3.55
C TYR E 505 40.38 45.62 3.18
N SER E 506 40.70 45.50 1.89
CA SER E 506 41.83 44.68 1.46
C SER E 506 43.16 45.22 1.97
N ASP F 18 55.38 9.16 7.83
CA ASP F 18 55.50 10.40 7.09
C ASP F 18 54.33 10.60 6.14
N THR F 19 53.58 9.52 5.91
CA THR F 19 52.40 9.56 5.07
C THR F 19 51.26 8.82 5.76
N ILE F 20 50.04 9.34 5.58
CA ILE F 20 48.84 8.69 6.12
C ILE F 20 47.72 8.75 5.09
N CYS F 21 46.97 7.65 4.97
CA CYS F 21 45.92 7.54 3.98
C CYS F 21 44.65 7.00 4.61
N ILE F 22 43.52 7.35 4.00
CA ILE F 22 42.18 7.00 4.49
C ILE F 22 41.53 6.06 3.48
N GLY F 23 40.95 4.97 3.96
CA GLY F 23 40.36 4.01 3.04
C GLY F 23 39.28 3.17 3.69
N TYR F 24 38.75 2.24 2.89
CA TYR F 24 37.65 1.38 3.33
C TYR F 24 37.94 -0.07 2.96
N HIS F 25 36.98 -0.93 3.24
CA HIS F 25 37.14 -2.38 3.25
C HIS F 25 36.80 -3.00 1.90
N ALA F 26 37.44 -4.13 1.61
CA ALA F 26 37.13 -4.93 0.43
C ALA F 26 37.41 -6.39 0.73
N ASN F 27 36.70 -7.28 0.04
CA ASN F 27 36.90 -8.72 0.17
C ASN F 27 36.59 -9.37 -1.18
N ASN F 28 36.38 -10.69 -1.17
CA ASN F 28 36.10 -11.44 -2.39
C ASN F 28 34.68 -12.01 -2.39
N SER F 29 33.71 -11.23 -1.90
CA SER F 29 32.32 -11.62 -1.97
C SER F 29 31.78 -11.39 -3.38
N THR F 30 30.75 -12.17 -3.74
CA THR F 30 30.17 -12.10 -5.07
C THR F 30 28.65 -11.89 -5.03
N ASP F 31 28.10 -11.43 -3.90
CA ASP F 31 26.69 -11.15 -3.82
C ASP F 31 26.35 -9.83 -4.51
N THR F 32 25.16 -9.77 -5.09
CA THR F 32 24.71 -8.60 -5.83
C THR F 32 23.35 -8.16 -5.33
N VAL F 33 23.11 -6.85 -5.37
CA VAL F 33 21.85 -6.25 -4.97
C VAL F 33 21.36 -5.35 -6.11
N ASP F 34 20.12 -4.90 -5.99
CA ASP F 34 19.48 -4.07 -7.00
C ASP F 34 19.07 -2.72 -6.41
N THR F 35 19.10 -1.71 -7.26
CA THR F 35 18.82 -0.34 -6.88
C THR F 35 17.88 0.26 -7.92
N VAL F 36 17.21 1.36 -7.56
CA VAL F 36 16.39 2.06 -8.54
C VAL F 36 17.25 2.62 -9.68
N LEU F 37 18.44 3.15 -9.37
CA LEU F 37 19.30 3.75 -10.37
C LEU F 37 20.28 2.78 -10.99
N GLU F 38 20.40 1.57 -10.46
CA GLU F 38 21.41 0.64 -10.93
C GLU F 38 20.99 -0.77 -10.62
N LYS F 39 21.50 -1.71 -11.41
CA LYS F 39 21.25 -3.13 -11.22
C LYS F 39 22.56 -3.88 -11.10
N ASN F 40 22.51 -4.98 -10.35
CA ASN F 40 23.53 -6.04 -10.38
C ASN F 40 24.85 -5.54 -9.78
N VAL F 41 24.76 -5.01 -8.56
CA VAL F 41 25.88 -4.33 -7.90
C VAL F 41 26.49 -5.25 -6.86
N THR F 42 27.79 -5.51 -6.99
CA THR F 42 28.50 -6.35 -6.03
C THR F 42 28.76 -5.59 -4.74
N VAL F 43 28.55 -6.26 -3.60
CA VAL F 43 28.68 -5.66 -2.28
C VAL F 43 29.50 -6.58 -1.39
N THR F 44 29.91 -6.05 -0.23
CA THR F 44 30.74 -6.82 0.69
C THR F 44 29.91 -7.69 1.62
N HIS F 45 28.79 -7.16 2.14
CA HIS F 45 27.93 -7.89 3.06
C HIS F 45 26.49 -7.64 2.69
N SER F 46 25.65 -8.66 2.90
CA SER F 46 24.22 -8.56 2.61
C SER F 46 23.48 -9.66 3.37
N VAL F 47 22.16 -9.54 3.39
CA VAL F 47 21.27 -10.52 4.00
C VAL F 47 20.18 -10.88 3.02
N ASN F 48 19.65 -12.10 3.16
CA ASN F 48 18.56 -12.60 2.33
C ASN F 48 17.29 -12.66 3.15
N LEU F 49 16.20 -12.10 2.61
CA LEU F 49 14.95 -12.00 3.33
C LEU F 49 13.87 -12.94 2.82
N LEU F 50 14.17 -13.82 1.86
CA LEU F 50 13.19 -14.67 1.24
C LEU F 50 13.56 -16.14 1.42
N GLU F 51 12.56 -16.96 1.72
CA GLU F 51 12.74 -18.40 1.92
C GLU F 51 12.02 -19.16 0.81
N ASP F 52 12.69 -20.14 0.21
CA ASP F 52 12.12 -20.84 -0.93
C ASP F 52 12.40 -22.34 -0.89
N SER F 53 12.47 -22.93 0.31
CA SER F 53 12.74 -24.36 0.42
C SER F 53 11.84 -24.99 1.46
N HIS F 54 11.52 -26.27 1.25
CA HIS F 54 10.73 -27.07 2.19
C HIS F 54 11.32 -28.47 2.22
N ASN F 55 10.77 -29.33 3.09
CA ASN F 55 11.25 -30.69 3.20
C ASN F 55 10.44 -31.70 2.38
N GLY F 56 9.20 -31.37 2.04
CA GLY F 56 8.41 -32.23 1.18
C GLY F 56 7.59 -33.30 1.88
N LYS F 57 7.42 -33.20 3.20
CA LYS F 57 6.68 -34.19 3.97
C LYS F 57 5.67 -33.50 4.88
N LEU F 58 4.63 -34.25 5.25
CA LEU F 58 3.71 -33.82 6.29
C LEU F 58 4.29 -34.20 7.65
N CYS F 59 4.43 -33.23 8.53
CA CYS F 59 5.15 -33.41 9.78
C CYS F 59 4.33 -32.85 10.94
N LEU F 60 4.73 -33.24 12.15
CA LEU F 60 3.98 -32.87 13.35
C LEU F 60 4.02 -31.37 13.58
N LEU F 61 2.99 -30.87 14.25
CA LEU F 61 2.86 -29.44 14.57
C LEU F 61 2.92 -29.29 16.09
N LYS F 62 4.12 -29.01 16.60
CA LYS F 62 4.36 -28.88 18.04
C LYS F 62 3.96 -30.13 18.80
N GLY F 63 4.29 -31.30 18.25
CA GLY F 63 4.10 -32.56 18.93
C GLY F 63 2.77 -33.23 18.72
N ILE F 64 1.84 -32.60 18.00
CA ILE F 64 0.51 -33.15 17.76
C ILE F 64 0.41 -33.54 16.29
N ALA F 65 0.01 -34.79 16.04
CA ALA F 65 -0.11 -35.31 14.69
C ALA F 65 -1.43 -34.88 14.05
N PRO F 66 -1.46 -34.74 12.73
CA PRO F 66 -2.70 -34.39 12.03
C PRO F 66 -3.62 -35.60 11.87
N LEU F 67 -4.79 -35.35 11.29
CA LEU F 67 -5.75 -36.39 10.96
C LEU F 67 -5.72 -36.61 9.45
N GLN F 68 -5.41 -37.83 9.04
CA GLN F 68 -5.30 -38.18 7.63
C GLN F 68 -6.49 -39.03 7.22
N LEU F 69 -7.19 -38.61 6.17
CA LEU F 69 -8.42 -39.28 5.76
C LEU F 69 -8.18 -40.43 4.79
N GLY F 70 -7.18 -40.32 3.91
CA GLY F 70 -6.90 -41.39 2.97
C GLY F 70 -7.84 -41.40 1.78
N ASN F 71 -8.56 -42.51 1.59
CA ASN F 71 -9.57 -42.60 0.55
C ASN F 71 -10.80 -41.75 0.84
N CYS F 72 -11.04 -41.42 2.10
CA CYS F 72 -12.30 -40.84 2.53
C CYS F 72 -12.30 -39.32 2.37
N SER F 73 -13.51 -38.78 2.28
CA SER F 73 -13.72 -37.33 2.30
C SER F 73 -14.31 -36.93 3.65
N VAL F 74 -14.67 -35.65 3.77
CA VAL F 74 -15.29 -35.17 5.00
C VAL F 74 -16.65 -35.83 5.19
N ALA F 75 -17.43 -35.96 4.12
CA ALA F 75 -18.74 -36.60 4.22
C ALA F 75 -18.62 -38.06 4.62
N GLY F 76 -17.68 -38.79 4.01
CA GLY F 76 -17.49 -40.18 4.38
C GLY F 76 -16.98 -40.37 5.78
N TRP F 77 -16.11 -39.47 6.23
CA TRP F 77 -15.59 -39.54 7.60
C TRP F 77 -16.67 -39.25 8.62
N ILE F 78 -17.53 -38.25 8.36
CA ILE F 78 -18.52 -37.86 9.36
C ILE F 78 -19.79 -38.70 9.29
N LEU F 79 -20.06 -39.37 8.17
CA LEU F 79 -21.25 -40.20 8.03
C LEU F 79 -21.04 -41.63 8.49
N GLY F 80 -19.80 -42.13 8.47
CA GLY F 80 -19.53 -43.50 8.86
C GLY F 80 -19.45 -44.43 7.67
N ASN F 81 -18.71 -44.06 6.64
CA ASN F 81 -18.54 -44.91 5.48
C ASN F 81 -17.89 -46.22 5.90
N PRO F 82 -18.35 -47.37 5.38
CA PRO F 82 -17.79 -48.65 5.81
C PRO F 82 -16.31 -48.81 5.54
N GLU F 83 -15.74 -48.02 4.64
CA GLU F 83 -14.32 -48.08 4.32
C GLU F 83 -13.47 -47.12 5.14
N CYS F 84 -14.07 -46.40 6.09
CA CYS F 84 -13.36 -45.42 6.91
C CYS F 84 -13.37 -45.80 8.39
N GLU F 85 -13.33 -47.09 8.69
CA GLU F 85 -13.45 -47.54 10.08
C GLU F 85 -12.26 -47.08 10.92
N LEU F 86 -11.06 -47.12 10.35
CA LEU F 86 -9.85 -46.82 11.13
C LEU F 86 -9.83 -45.39 11.65
N LEU F 87 -10.63 -44.50 11.08
CA LEU F 87 -10.69 -43.13 11.55
C LEU F 87 -11.56 -42.94 12.78
N ILE F 88 -12.29 -43.97 13.21
CA ILE F 88 -13.22 -43.82 14.32
C ILE F 88 -12.48 -43.57 15.64
N SER F 89 -11.31 -44.19 15.83
CA SER F 89 -10.63 -44.13 17.11
C SER F 89 -9.89 -42.83 17.35
N LYS F 90 -9.65 -42.02 16.32
CA LYS F 90 -8.88 -40.79 16.47
C LYS F 90 -9.83 -39.63 16.78
N GLU F 91 -9.59 -38.96 17.91
CA GLU F 91 -10.48 -37.90 18.38
C GLU F 91 -9.78 -36.59 18.66
N SER F 92 -8.51 -36.44 18.28
CA SER F 92 -7.80 -35.18 18.43
C SER F 92 -6.81 -35.03 17.28
N TRP F 93 -6.58 -33.79 16.87
CA TRP F 93 -5.72 -33.51 15.73
C TRP F 93 -5.26 -32.06 15.81
N SER F 94 -4.26 -31.73 14.99
CA SER F 94 -3.81 -30.36 14.81
C SER F 94 -4.28 -29.75 13.50
N TYR F 95 -4.46 -30.55 12.46
CA TYR F 95 -5.06 -30.13 11.20
C TYR F 95 -5.53 -31.37 10.47
N ILE F 96 -6.33 -31.15 9.42
CA ILE F 96 -6.93 -32.24 8.65
C ILE F 96 -6.33 -32.23 7.25
N VAL F 97 -5.92 -33.41 6.79
CA VAL F 97 -5.33 -33.59 5.47
C VAL F 97 -6.28 -34.43 4.62
N GLU F 98 -6.59 -33.95 3.42
CA GLU F 98 -7.45 -34.63 2.47
C GLU F 98 -6.69 -34.89 1.18
N THR F 99 -7.14 -35.88 0.44
CA THR F 99 -6.63 -36.30 -0.85
C THR F 99 -7.31 -35.49 -1.96
N PRO F 100 -6.57 -35.13 -3.02
CA PRO F 100 -7.17 -34.28 -4.07
C PRO F 100 -8.44 -34.84 -4.69
N ASN F 101 -8.51 -36.16 -4.90
CA ASN F 101 -9.69 -36.79 -5.50
C ASN F 101 -10.09 -38.00 -4.66
N PRO F 102 -10.75 -37.79 -3.52
CA PRO F 102 -11.16 -38.91 -2.68
C PRO F 102 -12.23 -39.75 -3.37
N GLU F 103 -12.25 -41.05 -3.05
CA GLU F 103 -13.11 -42.00 -3.72
C GLU F 103 -14.25 -42.52 -2.88
N ASN F 104 -14.15 -42.45 -1.55
CA ASN F 104 -15.16 -43.00 -0.65
C ASN F 104 -15.86 -41.86 0.08
N GLY F 105 -17.04 -41.48 -0.41
CA GLY F 105 -17.85 -40.46 0.22
C GLY F 105 -19.19 -40.99 0.68
N THR F 106 -20.25 -40.64 -0.04
CA THR F 106 -21.58 -41.20 0.21
C THR F 106 -21.77 -42.40 -0.70
N CYS F 107 -21.74 -43.60 -0.13
CA CYS F 107 -21.88 -44.82 -0.93
C CYS F 107 -23.27 -44.95 -1.53
N TYR F 108 -24.28 -44.37 -0.88
CA TYR F 108 -25.64 -44.34 -1.44
C TYR F 108 -25.89 -42.99 -2.07
N PRO F 109 -26.24 -42.92 -3.34
CA PRO F 109 -26.36 -41.61 -4.02
C PRO F 109 -27.44 -40.74 -3.37
N GLY F 110 -27.18 -39.44 -3.38
CA GLY F 110 -28.13 -38.49 -2.83
C GLY F 110 -27.52 -37.10 -2.75
N TYR F 111 -28.25 -36.22 -2.07
CA TYR F 111 -27.86 -34.82 -1.92
C TYR F 111 -27.53 -34.52 -0.47
N PHE F 112 -26.40 -33.86 -0.24
CA PHE F 112 -25.96 -33.45 1.08
C PHE F 112 -26.22 -31.95 1.22
N ALA F 113 -27.04 -31.59 2.21
CA ALA F 113 -27.47 -30.20 2.37
C ALA F 113 -26.48 -29.43 3.22
N ASP F 114 -26.09 -28.24 2.74
CA ASP F 114 -25.17 -27.35 3.44
C ASP F 114 -23.84 -28.04 3.75
N TYR F 115 -23.26 -28.64 2.70
CA TYR F 115 -22.01 -29.38 2.87
C TYR F 115 -20.84 -28.44 3.12
N GLU F 116 -20.76 -27.34 2.36
CA GLU F 116 -19.65 -26.39 2.52
C GLU F 116 -19.74 -25.66 3.85
N GLU F 117 -20.95 -25.36 4.33
CA GLU F 117 -21.09 -24.78 5.66
C GLU F 117 -20.65 -25.76 6.74
N LEU F 118 -20.92 -27.04 6.57
CA LEU F 118 -20.44 -28.04 7.51
C LEU F 118 -18.93 -28.12 7.51
N ARG F 119 -18.30 -28.04 6.33
CA ARG F 119 -16.84 -28.01 6.27
C ARG F 119 -16.29 -26.77 6.96
N GLU F 120 -16.93 -25.62 6.76
CA GLU F 120 -16.49 -24.40 7.42
C GLU F 120 -16.60 -24.51 8.94
N GLN F 121 -17.68 -25.14 9.42
CA GLN F 121 -17.83 -25.37 10.85
C GLN F 121 -16.77 -26.32 11.39
N LEU F 122 -16.48 -27.40 10.67
CA LEU F 122 -15.51 -28.38 11.13
C LEU F 122 -14.08 -27.86 11.02
N SER F 123 -13.84 -26.80 10.25
CA SER F 123 -12.50 -26.24 10.15
C SER F 123 -12.00 -25.63 11.45
N SER F 124 -12.88 -25.38 12.43
CA SER F 124 -12.48 -24.73 13.68
C SER F 124 -12.68 -25.65 14.89
N VAL F 125 -12.78 -26.96 14.67
CA VAL F 125 -12.97 -27.93 15.73
C VAL F 125 -11.65 -28.66 15.96
N SER F 126 -11.22 -28.75 17.22
CA SER F 126 -9.96 -29.41 17.55
C SER F 126 -10.15 -30.84 18.07
N SER F 127 -11.29 -31.14 18.68
CA SER F 127 -11.58 -32.50 19.14
C SER F 127 -13.08 -32.63 19.34
N PHE F 128 -13.55 -33.88 19.36
CA PHE F 128 -14.94 -34.15 19.70
C PHE F 128 -15.03 -35.47 20.44
N GLU F 129 -16.25 -35.83 20.84
CA GLU F 129 -16.52 -37.09 21.51
C GLU F 129 -17.71 -37.76 20.82
N ARG F 130 -17.48 -38.95 20.28
CA ARG F 130 -18.50 -39.70 19.56
C ARG F 130 -19.27 -40.58 20.56
N PHE F 131 -20.56 -40.30 20.74
CA PHE F 131 -21.39 -41.04 21.67
C PHE F 131 -22.67 -41.49 20.98
N GLU F 132 -23.23 -42.59 21.47
CA GLU F 132 -24.45 -43.15 20.89
C GLU F 132 -25.65 -42.40 21.44
N ILE F 133 -26.35 -41.67 20.57
CA ILE F 133 -27.49 -40.88 20.98
C ILE F 133 -28.76 -41.72 21.07
N PHE F 134 -28.94 -42.67 20.15
CA PHE F 134 -30.06 -43.60 20.17
C PHE F 134 -29.50 -45.01 20.04
N PRO F 135 -29.38 -45.76 21.13
CA PRO F 135 -28.82 -47.12 21.04
C PRO F 135 -29.63 -48.02 20.13
N LYS F 136 -28.92 -48.87 19.38
CA LYS F 136 -29.57 -49.68 18.36
C LYS F 136 -30.47 -50.75 18.94
N GLU F 137 -30.09 -51.33 20.08
CA GLU F 137 -30.75 -52.52 20.60
C GLU F 137 -31.91 -52.23 21.53
N SER F 138 -32.18 -50.96 21.85
CA SER F 138 -33.23 -50.65 22.82
C SER F 138 -34.09 -49.44 22.47
N SER F 139 -33.92 -48.84 21.29
CA SER F 139 -34.63 -47.62 20.96
C SER F 139 -35.83 -47.83 20.05
N TRP F 140 -35.86 -48.90 19.26
CA TRP F 140 -36.91 -49.13 18.26
C TRP F 140 -37.49 -50.52 18.41
N PRO F 141 -38.26 -50.75 19.48
CA PRO F 141 -38.88 -52.08 19.65
C PRO F 141 -39.86 -52.45 18.55
N ASN F 142 -40.59 -51.49 17.98
CA ASN F 142 -41.62 -51.79 17.01
C ASN F 142 -41.10 -51.99 15.60
N HIS F 143 -39.84 -51.67 15.32
CA HIS F 143 -39.33 -51.65 13.96
C HIS F 143 -38.13 -52.58 13.82
N THR F 144 -37.80 -52.92 12.58
CA THR F 144 -36.60 -53.68 12.26
C THR F 144 -35.44 -52.73 11.98
N VAL F 145 -34.26 -53.08 12.47
CA VAL F 145 -33.12 -52.18 12.41
C VAL F 145 -31.96 -52.83 11.66
N THR F 146 -32.27 -53.74 10.72
CA THR F 146 -31.27 -54.46 9.95
C THR F 146 -31.53 -54.22 8.46
N GLY F 147 -30.98 -53.13 7.92
CA GLY F 147 -31.16 -52.78 6.53
C GLY F 147 -29.86 -52.38 5.86
N VAL F 148 -29.54 -53.04 4.75
CA VAL F 148 -28.26 -52.86 4.08
C VAL F 148 -28.48 -52.69 2.58
N SER F 149 -27.46 -52.18 1.89
CA SER F 149 -27.51 -51.97 0.46
C SER F 149 -26.24 -52.47 -0.19
N ALA F 150 -26.36 -52.86 -1.46
CA ALA F 150 -25.22 -53.39 -2.21
C ALA F 150 -24.25 -52.31 -2.67
N SER F 151 -24.65 -51.04 -2.62
CA SER F 151 -23.77 -49.94 -2.97
C SER F 151 -22.88 -49.50 -1.81
N CYS F 152 -23.08 -50.07 -0.62
CA CYS F 152 -22.25 -49.76 0.54
C CYS F 152 -21.57 -51.02 1.05
N SER F 153 -21.02 -51.81 0.13
CA SER F 153 -20.45 -53.10 0.49
C SER F 153 -19.15 -52.95 1.26
N HIS F 154 -18.94 -53.88 2.20
CA HIS F 154 -17.71 -53.95 2.98
C HIS F 154 -17.30 -55.40 3.10
N ASN F 155 -16.05 -55.69 2.74
CA ASN F 155 -15.50 -57.05 2.77
C ASN F 155 -16.28 -57.99 1.85
N GLY F 156 -16.79 -57.47 0.75
CA GLY F 156 -17.50 -58.27 -0.23
C GLY F 156 -18.97 -58.50 0.06
N LYS F 157 -19.47 -58.04 1.21
CA LYS F 157 -20.87 -58.19 1.57
C LYS F 157 -21.50 -56.83 1.77
N SER F 158 -22.80 -56.74 1.51
CA SER F 158 -23.51 -55.47 1.61
C SER F 158 -23.63 -55.03 3.06
N SER F 159 -23.55 -53.71 3.28
CA SER F 159 -23.57 -53.14 4.62
C SER F 159 -24.21 -51.75 4.54
N PHE F 160 -24.02 -50.97 5.60
CA PHE F 160 -24.61 -49.63 5.69
C PHE F 160 -23.64 -48.74 6.47
N TYR F 161 -24.04 -47.48 6.65
CA TYR F 161 -23.25 -46.53 7.41
C TYR F 161 -23.13 -46.97 8.87
N ARG F 162 -22.24 -46.31 9.60
CA ARG F 162 -22.00 -46.61 11.00
C ARG F 162 -22.63 -45.62 11.97
N ASN F 163 -22.94 -44.41 11.53
CA ASN F 163 -23.58 -43.41 12.38
C ASN F 163 -25.06 -43.23 12.09
N LEU F 164 -25.63 -44.05 11.20
CA LEU F 164 -27.03 -43.94 10.82
C LEU F 164 -27.67 -45.32 10.86
N LEU F 165 -29.00 -45.33 10.98
CA LEU F 165 -29.77 -46.57 11.07
C LEU F 165 -30.93 -46.52 10.08
N TRP F 166 -31.18 -47.65 9.42
CA TRP F 166 -32.27 -47.78 8.45
C TRP F 166 -33.40 -48.56 9.11
N LEU F 167 -34.51 -47.88 9.35
CA LEU F 167 -35.68 -48.50 9.98
C LEU F 167 -36.65 -49.00 8.92
N THR F 168 -37.26 -50.16 9.21
CA THR F 168 -38.21 -50.79 8.31
C THR F 168 -39.37 -51.32 9.12
N GLY F 169 -40.52 -51.47 8.47
CA GLY F 169 -41.70 -51.96 9.15
C GLY F 169 -41.52 -53.40 9.62
N LYS F 170 -42.13 -53.71 10.77
CA LYS F 170 -42.07 -55.03 11.37
C LYS F 170 -43.47 -55.63 11.43
N ASN F 171 -43.56 -56.91 11.12
CA ASN F 171 -44.82 -57.66 11.13
C ASN F 171 -45.85 -57.09 10.17
N GLY F 172 -45.40 -56.38 9.14
CA GLY F 172 -46.30 -55.78 8.18
C GLY F 172 -46.89 -54.44 8.58
N LEU F 173 -46.35 -53.80 9.61
CA LEU F 173 -46.84 -52.50 10.05
C LEU F 173 -45.67 -51.57 10.30
N TYR F 174 -45.90 -50.28 10.05
CA TYR F 174 -44.93 -49.22 10.33
C TYR F 174 -45.62 -48.17 11.19
N PRO F 175 -45.65 -48.39 12.52
CA PRO F 175 -46.33 -47.43 13.40
C PRO F 175 -45.61 -46.09 13.49
N ASN F 176 -46.31 -45.07 13.97
CA ASN F 176 -45.70 -43.77 14.17
C ASN F 176 -44.57 -43.85 15.20
N LEU F 177 -43.50 -43.11 14.96
CA LEU F 177 -42.41 -43.01 15.90
C LEU F 177 -42.20 -41.56 16.30
N SER F 178 -41.96 -41.35 17.59
CA SER F 178 -41.68 -40.03 18.15
C SER F 178 -40.58 -40.19 19.18
N LYS F 179 -39.44 -39.53 18.96
CA LYS F 179 -38.28 -39.63 19.84
C LYS F 179 -37.76 -38.24 20.19
N SER F 180 -37.18 -38.12 21.36
CA SER F 180 -36.69 -36.83 21.85
C SER F 180 -35.36 -37.02 22.54
N TYR F 181 -34.52 -35.97 22.49
CA TYR F 181 -33.23 -36.00 23.15
C TYR F 181 -32.89 -34.61 23.68
N ALA F 182 -32.41 -34.56 24.92
CA ALA F 182 -32.02 -33.32 25.58
C ALA F 182 -30.52 -33.29 25.79
N ASN F 183 -29.90 -32.14 25.50
CA ASN F 183 -28.45 -32.00 25.48
C ASN F 183 -27.94 -31.66 26.88
N ASN F 184 -27.65 -32.68 27.66
CA ASN F 184 -27.00 -32.52 28.97
C ASN F 184 -25.50 -32.82 28.89
N LYS F 185 -24.80 -32.05 28.06
CA LYS F 185 -23.38 -32.29 27.85
C LYS F 185 -22.51 -31.05 27.94
N GLU F 186 -23.09 -29.88 28.22
CA GLU F 186 -22.36 -28.61 28.33
C GLU F 186 -21.56 -28.29 27.07
N LYS F 187 -22.00 -28.78 25.91
CA LYS F 187 -21.30 -28.56 24.66
C LYS F 187 -22.29 -28.64 23.51
N GLU F 188 -21.90 -28.07 22.38
CA GLU F 188 -22.69 -28.22 21.17
C GLU F 188 -22.64 -29.65 20.65
N VAL F 189 -23.76 -30.14 20.14
CA VAL F 189 -23.87 -31.51 19.64
C VAL F 189 -24.26 -31.46 18.18
N LEU F 190 -23.51 -32.17 17.34
CA LEU F 190 -23.78 -32.25 15.91
C LEU F 190 -24.63 -33.49 15.63
N VAL F 191 -25.83 -33.28 15.10
CA VAL F 191 -26.78 -34.36 14.84
C VAL F 191 -27.00 -34.45 13.33
N LEU F 192 -27.05 -35.68 12.81
CA LEU F 192 -27.24 -35.93 11.39
C LEU F 192 -28.32 -36.99 11.17
N TRP F 193 -29.07 -36.84 10.09
CA TRP F 193 -30.13 -37.79 9.74
C TRP F 193 -30.33 -37.77 8.22
N GLY F 194 -31.27 -38.57 7.75
CA GLY F 194 -31.53 -38.67 6.33
C GLY F 194 -32.96 -39.05 6.00
N VAL F 195 -33.32 -38.84 4.74
CA VAL F 195 -34.65 -39.12 4.21
C VAL F 195 -34.51 -39.89 2.90
N HIS F 196 -35.30 -40.96 2.74
CA HIS F 196 -35.18 -41.86 1.60
C HIS F 196 -36.27 -41.58 0.56
N HIS F 197 -35.86 -41.55 -0.71
CA HIS F 197 -36.77 -41.36 -1.85
C HIS F 197 -36.69 -42.60 -2.74
N PRO F 198 -37.68 -43.48 -2.71
CA PRO F 198 -37.65 -44.70 -3.52
C PRO F 198 -37.93 -44.42 -4.98
N PRO F 199 -37.65 -45.38 -5.88
CA PRO F 199 -37.81 -45.09 -7.32
C PRO F 199 -39.21 -45.31 -7.87
N ASN F 200 -40.02 -46.15 -7.21
CA ASN F 200 -41.37 -46.41 -7.68
C ASN F 200 -42.30 -46.59 -6.49
N ILE F 201 -43.60 -46.47 -6.76
CA ILE F 201 -44.61 -46.54 -5.70
C ILE F 201 -44.70 -47.95 -5.12
N GLY F 202 -44.42 -48.98 -5.93
CA GLY F 202 -44.44 -50.34 -5.41
C GLY F 202 -43.38 -50.56 -4.35
N ASP F 203 -42.18 -50.03 -4.58
CA ASP F 203 -41.12 -50.13 -3.58
C ASP F 203 -41.50 -49.42 -2.30
N GLN F 204 -42.10 -48.23 -2.42
CA GLN F 204 -42.52 -47.48 -1.24
C GLN F 204 -43.57 -48.26 -0.45
N ARG F 205 -44.56 -48.83 -1.14
CA ARG F 205 -45.60 -49.58 -0.46
C ARG F 205 -45.06 -50.87 0.16
N ALA F 206 -44.09 -51.51 -0.48
CA ALA F 206 -43.50 -52.72 0.09
C ALA F 206 -42.64 -52.40 1.31
N LEU F 207 -41.95 -51.25 1.29
CA LEU F 207 -41.01 -50.90 2.34
C LEU F 207 -41.68 -50.30 3.57
N TYR F 208 -42.61 -49.36 3.37
CA TYR F 208 -43.17 -48.60 4.48
C TYR F 208 -44.67 -48.74 4.65
N HIS F 209 -45.35 -49.45 3.75
CA HIS F 209 -46.78 -49.75 3.87
C HIS F 209 -47.63 -48.48 3.95
N THR F 210 -47.19 -47.41 3.29
CA THR F 210 -47.96 -46.19 3.21
C THR F 210 -47.57 -45.46 1.93
N GLU F 211 -48.47 -44.57 1.48
CA GLU F 211 -48.24 -43.80 0.27
C GLU F 211 -47.96 -42.33 0.53
N ASN F 212 -48.48 -41.78 1.62
CA ASN F 212 -48.24 -40.39 2.01
C ASN F 212 -47.50 -40.40 3.34
N ALA F 213 -46.19 -40.15 3.30
CA ALA F 213 -45.35 -40.20 4.49
C ALA F 213 -44.76 -38.82 4.76
N TYR F 214 -44.43 -38.57 6.03
CA TYR F 214 -43.87 -37.29 6.46
C TYR F 214 -42.77 -37.55 7.46
N VAL F 215 -41.79 -36.64 7.50
CA VAL F 215 -40.77 -36.61 8.55
C VAL F 215 -40.73 -35.20 9.12
N SER F 216 -40.73 -35.09 10.44
CA SER F 216 -40.71 -33.79 11.10
C SER F 216 -39.57 -33.75 12.11
N VAL F 217 -38.70 -32.76 11.98
CA VAL F 217 -37.59 -32.57 12.90
C VAL F 217 -37.72 -31.18 13.50
N VAL F 218 -37.83 -31.10 14.83
CA VAL F 218 -38.14 -29.85 15.50
C VAL F 218 -37.19 -29.64 16.67
N SER F 219 -36.63 -28.43 16.76
CA SER F 219 -35.82 -28.03 17.91
C SER F 219 -36.38 -26.74 18.48
N SER F 220 -35.64 -26.12 19.41
CA SER F 220 -36.10 -24.85 19.97
C SER F 220 -36.04 -23.73 18.93
N HIS F 221 -35.02 -23.73 18.07
CA HIS F 221 -34.87 -22.71 17.04
C HIS F 221 -34.68 -23.34 15.67
N TYR F 222 -35.15 -24.58 15.50
CA TYR F 222 -35.07 -25.29 14.24
C TYR F 222 -36.38 -26.04 14.03
N SER F 223 -36.88 -26.04 12.80
CA SER F 223 -38.11 -26.74 12.48
C SER F 223 -38.14 -27.04 11.00
N ARG F 224 -38.41 -28.29 10.63
CA ARG F 224 -38.54 -28.62 9.22
C ARG F 224 -39.37 -29.88 9.05
N LYS F 225 -40.02 -29.95 7.88
CA LYS F 225 -40.86 -31.08 7.47
C LYS F 225 -40.41 -31.54 6.09
N PHE F 226 -40.41 -32.86 5.89
CA PHE F 226 -39.92 -33.49 4.68
C PHE F 226 -40.96 -34.48 4.17
N THR F 227 -41.13 -34.52 2.85
CA THR F 227 -41.99 -35.49 2.17
C THR F 227 -41.20 -36.18 1.07
N PRO F 228 -41.36 -37.50 0.94
CA PRO F 228 -40.66 -38.23 -0.13
C PRO F 228 -41.16 -37.85 -1.52
N GLU F 229 -40.27 -37.98 -2.50
CA GLU F 229 -40.58 -37.79 -3.90
C GLU F 229 -40.23 -39.06 -4.66
N ILE F 230 -41.19 -39.61 -5.40
CA ILE F 230 -41.02 -40.87 -6.11
C ILE F 230 -40.91 -40.57 -7.60
N ALA F 231 -39.79 -40.96 -8.19
CA ALA F 231 -39.54 -40.74 -9.61
C ALA F 231 -38.47 -41.72 -10.07
N LYS F 232 -38.35 -41.84 -11.39
CA LYS F 232 -37.32 -42.67 -12.01
C LYS F 232 -36.16 -41.79 -12.43
N ARG F 233 -34.96 -42.14 -11.98
CA ARG F 233 -33.76 -41.34 -12.16
C ARG F 233 -32.66 -42.19 -12.79
N PRO F 234 -31.71 -41.56 -13.47
CA PRO F 234 -30.55 -42.31 -13.97
C PRO F 234 -29.78 -42.93 -12.81
N LYS F 235 -29.27 -44.15 -13.04
CA LYS F 235 -28.53 -44.86 -12.02
C LYS F 235 -27.13 -44.27 -11.85
N VAL F 236 -26.74 -44.04 -10.60
CA VAL F 236 -25.44 -43.48 -10.27
C VAL F 236 -24.47 -44.57 -9.80
N ARG F 237 -24.84 -45.31 -8.77
CA ARG F 237 -24.05 -46.45 -8.33
C ARG F 237 -24.89 -47.72 -8.39
N ASP F 238 -25.59 -47.90 -9.51
CA ASP F 238 -26.56 -48.97 -9.75
C ASP F 238 -27.83 -48.80 -8.93
N GLN F 239 -28.14 -47.57 -8.52
CA GLN F 239 -29.33 -47.27 -7.74
C GLN F 239 -30.15 -46.19 -8.42
N GLU F 240 -31.47 -46.37 -8.43
CA GLU F 240 -32.39 -45.36 -8.95
C GLU F 240 -33.08 -44.56 -7.86
N GLY F 241 -33.01 -44.99 -6.60
CA GLY F 241 -33.49 -44.20 -5.48
C GLY F 241 -32.42 -43.27 -4.96
N ARG F 242 -32.81 -42.45 -3.97
CA ARG F 242 -31.88 -41.47 -3.41
C ARG F 242 -32.07 -41.39 -1.90
N ILE F 243 -31.07 -40.82 -1.23
CA ILE F 243 -31.16 -40.49 0.19
C ILE F 243 -30.56 -39.10 0.39
N ASN F 244 -31.31 -38.22 1.05
CA ASN F 244 -30.88 -36.86 1.32
C ASN F 244 -30.46 -36.74 2.79
N TYR F 245 -29.34 -36.06 3.03
CA TYR F 245 -28.73 -36.00 4.35
C TYR F 245 -28.81 -34.59 4.91
N TYR F 246 -29.14 -34.49 6.20
CA TYR F 246 -29.31 -33.22 6.89
C TYR F 246 -28.61 -33.25 8.23
N TRP F 247 -28.24 -32.08 8.72
CA TRP F 247 -27.50 -31.94 9.97
C TRP F 247 -27.96 -30.68 10.71
N THR F 248 -27.65 -30.65 12.01
CA THR F 248 -27.95 -29.49 12.84
C THR F 248 -27.01 -29.48 14.05
N LEU F 249 -26.90 -28.29 14.65
CA LEU F 249 -26.12 -28.09 15.87
C LEU F 249 -27.08 -27.79 17.02
N LEU F 250 -26.92 -28.53 18.12
CA LEU F 250 -27.78 -28.41 19.29
C LEU F 250 -27.02 -27.78 20.43
N GLU F 251 -27.57 -26.70 20.99
CA GLU F 251 -26.97 -25.96 22.06
C GLU F 251 -27.15 -26.68 23.40
N PRO F 252 -26.29 -26.40 24.38
CA PRO F 252 -26.45 -27.03 25.70
C PRO F 252 -27.79 -26.68 26.33
N GLY F 253 -28.43 -27.69 26.92
CA GLY F 253 -29.72 -27.52 27.55
C GLY F 253 -30.92 -27.55 26.62
N ASP F 254 -30.72 -27.80 25.34
CA ASP F 254 -31.79 -27.79 24.36
C ASP F 254 -32.28 -29.21 24.06
N THR F 255 -33.42 -29.29 23.40
CA THR F 255 -34.07 -30.56 23.09
C THR F 255 -34.40 -30.62 21.60
N ILE F 256 -34.29 -31.82 21.04
CA ILE F 256 -34.61 -32.08 19.64
C ILE F 256 -35.56 -33.26 19.56
N ILE F 257 -36.56 -33.15 18.67
CA ILE F 257 -37.63 -34.14 18.56
C ILE F 257 -37.76 -34.57 17.11
N PHE F 258 -37.88 -35.88 16.90
CA PHE F 258 -38.12 -36.51 15.61
C PHE F 258 -39.48 -37.17 15.62
N GLU F 259 -40.29 -36.91 14.60
CA GLU F 259 -41.56 -37.60 14.40
C GLU F 259 -41.61 -38.13 12.98
N ALA F 260 -42.11 -39.34 12.82
CA ALA F 260 -42.18 -39.91 11.47
C ALA F 260 -43.17 -41.05 11.40
N ASN F 261 -43.67 -41.30 10.20
CA ASN F 261 -44.46 -42.48 9.89
C ASN F 261 -43.91 -43.23 8.67
N GLY F 262 -42.67 -42.94 8.27
CA GLY F 262 -42.05 -43.61 7.14
C GLY F 262 -40.88 -42.83 6.57
N ASN F 263 -39.96 -43.53 5.90
CA ASN F 263 -38.88 -42.94 5.12
C ASN F 263 -37.82 -42.24 5.96
N LEU F 264 -37.60 -42.66 7.20
CA LEU F 264 -36.62 -42.01 8.08
C LEU F 264 -35.36 -42.85 8.19
N ILE F 265 -34.21 -42.20 8.02
CA ILE F 265 -32.91 -42.79 8.34
C ILE F 265 -32.46 -42.17 9.65
N ALA F 266 -32.62 -42.92 10.73
CA ALA F 266 -32.47 -42.38 12.07
C ALA F 266 -31.01 -42.14 12.42
N PRO F 267 -30.72 -41.14 13.25
CA PRO F 267 -29.38 -40.99 13.79
C PRO F 267 -29.01 -42.13 14.73
N ARG F 268 -27.73 -42.43 14.79
CA ARG F 268 -27.22 -43.43 15.72
C ARG F 268 -26.08 -42.92 16.59
N TYR F 269 -25.21 -42.08 16.05
CA TYR F 269 -24.09 -41.51 16.80
C TYR F 269 -24.05 -40.00 16.57
N ALA F 270 -23.62 -39.28 17.61
CA ALA F 270 -23.47 -37.84 17.55
C ALA F 270 -22.10 -37.44 18.07
N PHE F 271 -21.77 -36.16 17.93
CA PHE F 271 -20.46 -35.64 18.32
C PHE F 271 -20.64 -34.40 19.18
N ALA F 272 -19.85 -34.29 20.24
CA ALA F 272 -19.81 -33.11 21.10
C ALA F 272 -18.55 -32.33 20.78
N LEU F 273 -18.71 -31.15 20.20
CA LEU F 273 -17.61 -30.42 19.58
C LEU F 273 -16.86 -29.57 20.59
N SER F 274 -15.55 -29.42 20.35
CA SER F 274 -14.69 -28.54 21.11
C SER F 274 -13.88 -27.67 20.15
N ARG F 275 -13.87 -26.37 20.39
CA ARG F 275 -13.33 -25.40 19.44
C ARG F 275 -11.91 -25.01 19.80
N GLY F 276 -11.21 -24.45 18.80
CA GLY F 276 -9.86 -23.98 18.98
C GLY F 276 -9.40 -23.20 17.77
N PHE F 277 -8.33 -22.44 17.96
CA PHE F 277 -7.77 -21.59 16.91
C PHE F 277 -6.55 -22.24 16.29
N GLY F 278 -6.33 -21.94 15.01
CA GLY F 278 -5.15 -22.43 14.32
C GLY F 278 -5.29 -23.81 13.73
N SER F 279 -6.41 -24.11 13.09
CA SER F 279 -6.64 -25.39 12.45
C SER F 279 -7.29 -25.17 11.09
N GLY F 280 -7.36 -26.24 10.31
CA GLY F 280 -7.97 -26.16 9.00
C GLY F 280 -7.88 -27.48 8.27
N ILE F 281 -8.41 -27.47 7.04
CA ILE F 281 -8.41 -28.64 6.18
C ILE F 281 -7.62 -28.28 4.92
N ILE F 282 -6.56 -29.04 4.64
CA ILE F 282 -5.75 -28.80 3.45
C ILE F 282 -5.69 -30.09 2.63
N THR F 283 -5.52 -29.94 1.32
CA THR F 283 -5.40 -31.06 0.41
C THR F 283 -3.94 -31.20 -0.02
N SER F 284 -3.40 -32.41 0.08
CA SER F 284 -1.99 -32.63 -0.16
C SER F 284 -1.76 -34.06 -0.64
N ASN F 285 -0.60 -34.27 -1.25
CA ASN F 285 -0.15 -35.58 -1.67
C ASN F 285 1.14 -36.01 -0.97
N ALA F 286 1.71 -35.16 -0.11
CA ALA F 286 2.97 -35.47 0.53
C ALA F 286 2.79 -36.61 1.54
N PRO F 287 3.85 -37.39 1.77
CA PRO F 287 3.77 -38.44 2.79
C PRO F 287 3.98 -37.88 4.19
N MET F 288 3.63 -38.70 5.17
CA MET F 288 3.72 -38.34 6.59
C MET F 288 5.02 -38.88 7.16
N ASP F 289 5.76 -38.01 7.85
CA ASP F 289 7.02 -38.37 8.48
C ASP F 289 6.95 -38.07 9.99
N GLU F 290 8.10 -38.21 10.65
CA GLU F 290 8.20 -38.05 12.10
C GLU F 290 8.86 -36.72 12.49
N CYS F 291 8.68 -35.67 11.72
CA CYS F 291 9.43 -34.46 12.13
C CYS F 291 8.57 -33.55 13.00
N ASP F 292 9.09 -32.39 13.33
CA ASP F 292 8.44 -31.43 14.19
C ASP F 292 8.75 -30.05 13.63
N ALA F 293 7.72 -29.25 13.43
CA ALA F 293 7.90 -27.95 12.78
C ALA F 293 6.88 -26.97 13.32
N LYS F 294 7.02 -25.71 12.89
CA LYS F 294 6.12 -24.65 13.29
C LYS F 294 5.24 -24.15 12.16
N CYS F 295 5.54 -24.51 10.91
CA CYS F 295 4.76 -24.10 9.76
C CYS F 295 4.57 -25.29 8.84
N GLN F 296 3.35 -25.45 8.32
CA GLN F 296 3.03 -26.52 7.40
C GLN F 296 2.35 -25.96 6.17
N THR F 297 2.74 -26.46 5.01
CA THR F 297 2.17 -26.11 3.71
C THR F 297 1.78 -27.39 2.99
N PRO F 298 0.91 -27.29 1.98
CA PRO F 298 0.55 -28.50 1.21
C PRO F 298 1.73 -29.16 0.51
N GLN F 299 2.86 -28.48 0.36
CA GLN F 299 4.04 -29.05 -0.27
C GLN F 299 5.05 -29.59 0.74
N GLY F 300 5.15 -28.99 1.91
CA GLY F 300 6.10 -29.45 2.91
C GLY F 300 6.18 -28.46 4.05
N ALA F 301 6.97 -28.84 5.05
CA ALA F 301 7.14 -28.03 6.25
C ALA F 301 8.28 -27.04 6.08
N ILE F 302 8.20 -25.95 6.84
CA ILE F 302 9.18 -24.87 6.78
C ILE F 302 9.76 -24.65 8.17
N ASN F 303 11.09 -24.62 8.25
CA ASN F 303 11.83 -24.37 9.49
C ASN F 303 12.68 -23.13 9.25
N SER F 304 12.10 -21.95 9.48
CA SER F 304 12.80 -20.71 9.15
C SER F 304 12.21 -19.56 9.95
N SER F 305 13.01 -18.50 10.08
CA SER F 305 12.58 -17.27 10.74
C SER F 305 12.62 -16.07 9.80
N LEU F 306 12.74 -16.29 8.49
CA LEU F 306 12.77 -15.21 7.54
C LEU F 306 11.38 -14.56 7.43
N PRO F 307 11.32 -13.28 7.07
CA PRO F 307 10.02 -12.59 7.02
C PRO F 307 9.19 -12.88 5.77
N PHE F 308 9.75 -13.51 4.74
CA PHE F 308 9.03 -13.72 3.50
C PHE F 308 9.26 -15.14 2.99
N GLN F 309 8.32 -15.62 2.18
CA GLN F 309 8.42 -16.91 1.52
C GLN F 309 7.66 -16.86 0.21
N ASN F 310 7.99 -17.79 -0.69
CA ASN F 310 7.27 -17.93 -1.96
C ASN F 310 7.02 -19.40 -2.27
N VAL F 311 6.65 -20.17 -1.25
CA VAL F 311 6.43 -21.60 -1.43
C VAL F 311 4.97 -21.88 -1.75
N HIS F 312 4.06 -21.45 -0.88
CA HIS F 312 2.63 -21.71 -1.09
C HIS F 312 1.79 -20.68 -0.38
N PRO F 313 0.69 -20.22 -0.98
CA PRO F 313 -0.20 -19.28 -0.28
C PRO F 313 -0.87 -19.88 0.96
N VAL F 314 -1.11 -21.19 0.98
CA VAL F 314 -1.84 -21.84 2.07
C VAL F 314 -0.84 -22.32 3.11
N THR F 315 -1.05 -21.92 4.37
CA THR F 315 -0.13 -22.21 5.45
C THR F 315 -0.90 -22.46 6.74
N ILE F 316 -0.31 -23.26 7.63
CA ILE F 316 -0.85 -23.50 8.96
C ILE F 316 0.28 -23.37 9.97
N GLY F 317 0.06 -22.56 11.01
CA GLY F 317 1.02 -22.39 12.08
C GLY F 317 1.57 -20.97 12.10
N GLU F 318 2.86 -20.85 12.44
CA GLU F 318 3.58 -19.59 12.44
C GLU F 318 4.46 -19.55 11.19
N CYS F 319 4.05 -18.77 10.20
CA CYS F 319 4.65 -18.82 8.88
C CYS F 319 5.03 -17.44 8.40
N PRO F 320 6.00 -17.35 7.49
CA PRO F 320 6.32 -16.06 6.86
C PRO F 320 5.25 -15.65 5.87
N LYS F 321 5.32 -14.38 5.47
CA LYS F 321 4.34 -13.82 4.54
C LYS F 321 4.66 -14.25 3.11
N TYR F 322 3.61 -14.58 2.35
CA TYR F 322 3.76 -15.09 0.99
C TYR F 322 3.80 -13.92 0.00
N VAL F 323 4.79 -13.95 -0.89
CA VAL F 323 4.93 -12.96 -1.95
C VAL F 323 5.25 -13.67 -3.26
N ARG F 324 5.06 -12.94 -4.36
CA ARG F 324 5.34 -13.45 -5.69
C ARG F 324 6.76 -13.20 -6.14
N SER F 325 7.60 -12.60 -5.30
CA SER F 325 8.95 -12.23 -5.67
C SER F 325 9.85 -13.45 -5.79
N ALA F 326 10.94 -13.28 -6.55
CA ALA F 326 11.96 -14.30 -6.67
C ALA F 326 13.29 -13.90 -6.07
N LYS F 327 13.43 -12.66 -5.62
CA LYS F 327 14.69 -12.16 -5.07
C LYS F 327 14.41 -10.99 -4.16
N LEU F 328 14.89 -11.06 -2.92
CA LEU F 328 14.77 -9.96 -1.95
C LEU F 328 16.02 -9.98 -1.08
N ARG F 329 17.01 -9.18 -1.46
CA ARG F 329 18.29 -9.13 -0.77
C ARG F 329 18.57 -7.70 -0.33
N MET F 330 19.04 -7.55 0.91
CA MET F 330 19.30 -6.25 1.52
C MET F 330 20.80 -6.09 1.75
N VAL F 331 21.35 -4.98 1.29
CA VAL F 331 22.78 -4.72 1.45
C VAL F 331 23.03 -4.14 2.83
N THR F 332 24.07 -4.63 3.50
CA THR F 332 24.54 -4.06 4.76
C THR F 332 25.96 -3.53 4.70
N GLY F 333 26.74 -3.90 3.70
CA GLY F 333 28.12 -3.45 3.60
C GLY F 333 28.35 -2.42 2.50
N LEU F 334 29.58 -2.35 2.00
CA LEU F 334 29.98 -1.36 1.02
C LEU F 334 29.98 -1.94 -0.38
N ARG F 335 30.25 -1.09 -1.37
CA ARG F 335 30.52 -1.55 -2.71
C ARG F 335 31.85 -2.29 -2.76
N ASN F 336 31.90 -3.40 -3.49
CA ASN F 336 33.10 -4.22 -3.57
C ASN F 336 33.92 -3.76 -4.75
N ILE F 337 34.96 -2.97 -4.48
CA ILE F 337 35.85 -2.45 -5.52
C ILE F 337 37.28 -2.78 -5.13
N PRO F 338 37.75 -4.01 -5.36
CA PRO F 338 39.14 -4.35 -5.02
C PRO F 338 40.14 -3.70 -5.96
N SER F 339 40.88 -2.70 -5.46
CA SER F 339 41.88 -2.02 -6.27
C SER F 339 43.17 -2.84 -6.32
N ILE F 349 50.66 2.67 -2.02
CA ILE F 349 49.33 2.57 -1.41
C ILE F 349 48.68 3.95 -1.39
N ALA F 350 47.44 4.02 -1.88
CA ALA F 350 46.70 5.26 -1.97
C ALA F 350 45.40 5.14 -1.18
N GLY F 351 44.70 6.27 -1.06
CA GLY F 351 43.50 6.34 -0.25
C GLY F 351 42.26 5.78 -0.91
N PHE F 352 41.11 6.32 -0.51
CA PHE F 352 39.80 5.79 -0.91
C PHE F 352 39.40 6.17 -2.32
N ILE F 353 40.11 7.10 -2.96
CA ILE F 353 39.70 7.54 -4.30
C ILE F 353 39.91 6.43 -5.34
N GLU F 354 40.90 5.56 -5.16
CA GLU F 354 41.14 4.49 -6.12
C GLU F 354 40.24 3.28 -5.88
N GLY F 355 40.18 2.78 -4.64
CA GLY F 355 39.37 1.62 -4.37
C GLY F 355 39.51 1.17 -2.92
N GLY F 356 39.06 -0.06 -2.67
CA GLY F 356 39.09 -0.61 -1.33
C GLY F 356 40.34 -1.39 -1.01
N TRP F 357 40.55 -1.62 0.28
CA TRP F 357 41.73 -2.31 0.78
C TRP F 357 41.35 -3.72 1.21
N THR F 358 42.01 -4.72 0.65
CA THR F 358 41.83 -6.09 1.12
C THR F 358 42.67 -6.39 2.35
N GLY F 359 43.64 -5.54 2.68
CA GLY F 359 44.47 -5.74 3.85
C GLY F 359 43.89 -5.24 5.15
N MET F 360 42.78 -4.50 5.09
CA MET F 360 42.07 -4.04 6.27
C MET F 360 40.87 -4.95 6.49
N VAL F 361 40.87 -5.69 7.60
CA VAL F 361 39.90 -6.75 7.81
C VAL F 361 39.02 -6.55 9.04
N ASP F 362 39.40 -5.70 9.99
CA ASP F 362 38.72 -5.59 11.25
C ASP F 362 37.68 -4.47 11.30
N GLY F 363 37.39 -3.83 10.17
CA GLY F 363 36.44 -2.75 10.18
C GLY F 363 36.04 -2.35 8.77
N TRP F 364 35.25 -1.29 8.70
CA TRP F 364 34.75 -0.76 7.43
C TRP F 364 35.56 0.43 6.92
N TYR F 365 36.05 1.28 7.82
CA TYR F 365 36.86 2.44 7.45
C TYR F 365 38.12 2.45 8.30
N GLY F 366 39.20 3.01 7.77
CA GLY F 366 40.43 3.04 8.53
C GLY F 366 41.54 3.80 7.82
N TYR F 367 42.74 3.64 8.36
CA TYR F 367 43.94 4.35 7.94
C TYR F 367 45.03 3.38 7.52
N HIS F 368 45.94 3.88 6.69
CA HIS F 368 47.20 3.23 6.40
C HIS F 368 48.32 4.23 6.64
N HIS F 369 49.27 3.89 7.50
CA HIS F 369 50.32 4.82 7.90
C HIS F 369 51.68 4.27 7.48
N GLN F 370 52.59 5.20 7.19
CA GLN F 370 53.95 4.87 6.76
C GLN F 370 54.91 5.90 7.33
N ASN F 371 55.84 5.45 8.17
CA ASN F 371 56.83 6.33 8.77
C ASN F 371 58.15 5.56 8.90
N GLU F 372 59.14 6.20 9.55
CA GLU F 372 60.49 5.66 9.57
C GLU F 372 60.55 4.28 10.22
N GLN F 373 59.66 3.99 11.17
CA GLN F 373 59.68 2.71 11.86
C GLN F 373 58.86 1.63 11.16
N GLY F 374 58.15 1.97 10.08
CA GLY F 374 57.43 0.96 9.33
C GLY F 374 56.10 1.49 8.85
N SER F 375 55.29 0.57 8.32
CA SER F 375 54.00 0.91 7.75
C SER F 375 52.99 -0.16 8.14
N GLY F 376 51.71 0.20 8.08
CA GLY F 376 50.67 -0.76 8.38
C GLY F 376 49.28 -0.17 8.30
N TYR F 377 48.30 -1.07 8.36
CA TYR F 377 46.89 -0.75 8.32
C TYR F 377 46.30 -0.72 9.73
N ALA F 378 45.26 0.09 9.91
CA ALA F 378 44.50 0.13 11.15
C ALA F 378 43.07 0.53 10.83
N ALA F 379 42.16 0.17 11.73
CA ALA F 379 40.74 0.44 11.54
C ALA F 379 40.27 1.46 12.56
N ASP F 380 39.41 2.37 12.12
CA ASP F 380 38.79 3.34 13.01
C ASP F 380 37.62 2.67 13.73
N GLN F 381 37.80 2.39 15.02
CA GLN F 381 36.77 1.71 15.79
C GLN F 381 35.56 2.60 16.05
N LYS F 382 35.74 3.92 16.00
CA LYS F 382 34.68 4.85 16.37
C LYS F 382 33.58 4.96 15.32
N SER F 383 33.93 5.23 14.07
CA SER F 383 32.92 5.42 13.03
C SER F 383 32.24 4.12 12.64
N THR F 384 32.98 3.01 12.67
CA THR F 384 32.40 1.71 12.37
C THR F 384 31.27 1.38 13.33
N GLN F 385 31.40 1.78 14.61
CA GLN F 385 30.37 1.48 15.59
C GLN F 385 29.06 2.20 15.26
N ASN F 386 29.12 3.48 14.90
CA ASN F 386 27.90 4.20 14.52
C ASN F 386 27.31 3.64 13.23
N ALA F 387 28.16 3.27 12.27
CA ALA F 387 27.63 2.67 11.05
C ALA F 387 26.90 1.37 11.35
N ILE F 388 27.47 0.53 12.21
CA ILE F 388 26.85 -0.74 12.58
C ILE F 388 25.55 -0.50 13.33
N ASN F 389 25.55 0.48 14.24
CA ASN F 389 24.33 0.82 14.98
C ASN F 389 23.21 1.20 14.03
N GLY F 390 23.50 2.09 13.08
CA GLY F 390 22.48 2.52 12.14
C GLY F 390 21.96 1.39 11.27
N ILE F 391 22.86 0.57 10.73
CA ILE F 391 22.45 -0.52 9.85
C ILE F 391 21.60 -1.54 10.61
N THR F 392 22.02 -1.88 11.84
CA THR F 392 21.25 -2.82 12.65
C THR F 392 19.87 -2.28 12.97
N ASN F 393 19.78 -0.98 13.31
CA ASN F 393 18.47 -0.37 13.55
C ASN F 393 17.58 -0.45 12.31
N LYS F 394 18.16 -0.17 11.14
CA LYS F 394 17.37 -0.19 9.91
C LYS F 394 16.82 -1.59 9.63
N VAL F 395 17.68 -2.61 9.76
CA VAL F 395 17.25 -3.98 9.48
C VAL F 395 16.18 -4.41 10.48
N ASN F 396 16.36 -4.07 11.76
CA ASN F 396 15.37 -4.43 12.77
C ASN F 396 14.04 -3.76 12.50
N SER F 397 14.06 -2.48 12.10
CA SER F 397 12.82 -1.78 11.79
C SER F 397 12.10 -2.42 10.60
N VAL F 398 12.86 -2.79 9.57
CA VAL F 398 12.25 -3.44 8.41
C VAL F 398 11.60 -4.76 8.81
N ILE F 399 12.30 -5.54 9.64
CA ILE F 399 11.73 -6.81 10.10
C ILE F 399 10.47 -6.57 10.91
N GLU F 400 10.49 -5.57 11.80
CA GLU F 400 9.37 -5.34 12.70
C GLU F 400 8.13 -4.85 11.96
N LYS F 401 8.30 -4.04 10.91
CA LYS F 401 7.14 -3.48 10.23
C LYS F 401 6.27 -4.54 9.54
N MET F 402 6.79 -5.74 9.33
CA MET F 402 6.05 -6.83 8.69
C MET F 402 5.72 -7.88 9.75
N ASN F 403 4.45 -8.27 9.82
CA ASN F 403 3.96 -9.21 10.82
C ASN F 403 3.86 -10.61 10.22
N THR F 404 3.91 -11.61 11.11
CA THR F 404 3.87 -13.00 10.69
C THR F 404 2.47 -13.40 10.25
N GLN F 405 2.41 -14.40 9.35
CA GLN F 405 1.16 -14.93 8.87
C GLN F 405 0.66 -16.05 9.78
N PHE F 406 -0.65 -16.05 10.01
CA PHE F 406 -1.30 -17.11 10.77
C PHE F 406 -2.05 -18.03 9.82
N THR F 407 -2.82 -18.96 10.40
CA THR F 407 -3.54 -19.94 9.60
C THR F 407 -4.47 -19.27 8.60
N ALA F 408 -4.39 -19.69 7.35
CA ALA F 408 -5.21 -19.12 6.27
C ALA F 408 -5.39 -20.20 5.22
N VAL F 409 -6.59 -20.80 5.18
CA VAL F 409 -6.90 -21.85 4.21
C VAL F 409 -8.04 -21.38 3.32
N GLY F 410 -8.35 -22.14 2.27
CA GLY F 410 -9.38 -21.74 1.34
C GLY F 410 -10.77 -22.21 1.73
N LYS F 411 -11.75 -21.78 0.95
CA LYS F 411 -13.15 -22.13 1.12
C LYS F 411 -13.63 -22.98 -0.05
N GLU F 412 -14.86 -23.43 0.05
CA GLU F 412 -15.48 -24.23 -1.00
C GLU F 412 -16.86 -23.68 -1.33
N PHE F 413 -17.24 -23.80 -2.60
CA PHE F 413 -18.52 -23.30 -3.09
C PHE F 413 -19.12 -24.34 -4.02
N ASN F 414 -20.45 -24.32 -4.13
CA ASN F 414 -21.14 -25.23 -5.03
C ASN F 414 -21.34 -24.54 -6.38
N LYS F 415 -22.08 -25.18 -7.28
CA LYS F 415 -22.18 -24.70 -8.66
C LYS F 415 -23.00 -23.43 -8.79
N LEU F 416 -23.90 -23.15 -7.85
CA LEU F 416 -24.74 -21.97 -7.92
C LEU F 416 -24.19 -20.81 -7.09
N GLU F 417 -22.90 -20.82 -6.79
CA GLU F 417 -22.25 -19.81 -5.96
C GLU F 417 -20.98 -19.30 -6.62
N ARG F 418 -21.08 -18.98 -7.91
CA ARG F 418 -19.90 -18.54 -8.66
C ARG F 418 -19.50 -17.11 -8.35
N ARG F 419 -20.47 -16.23 -8.07
CA ARG F 419 -20.15 -14.85 -7.76
C ARG F 419 -19.36 -14.72 -6.46
N MET F 420 -19.74 -15.49 -5.43
CA MET F 420 -19.00 -15.48 -4.17
C MET F 420 -17.58 -16.00 -4.36
N GLU F 421 -17.43 -17.05 -5.18
CA GLU F 421 -16.10 -17.58 -5.46
C GLU F 421 -15.24 -16.55 -6.18
N ASN F 422 -15.82 -15.85 -7.16
CA ASN F 422 -15.07 -14.82 -7.87
C ASN F 422 -14.68 -13.67 -6.96
N LEU F 423 -15.57 -13.28 -6.05
CA LEU F 423 -15.24 -12.22 -5.10
C LEU F 423 -14.10 -12.65 -4.17
N ASN F 424 -14.14 -13.89 -3.69
CA ASN F 424 -13.07 -14.40 -2.84
C ASN F 424 -11.73 -14.38 -3.57
N LYS F 425 -11.72 -14.85 -4.82
CA LYS F 425 -10.50 -14.85 -5.62
C LYS F 425 -9.99 -13.43 -5.84
N LYS F 426 -10.89 -12.49 -6.12
CA LYS F 426 -10.49 -11.10 -6.34
C LYS F 426 -9.83 -10.53 -5.09
N VAL F 427 -10.41 -10.78 -3.92
CA VAL F 427 -9.83 -10.26 -2.68
C VAL F 427 -8.43 -10.82 -2.46
N ASP F 428 -8.28 -12.14 -2.64
CA ASP F 428 -6.98 -12.77 -2.42
C ASP F 428 -5.93 -12.20 -3.37
N ASP F 429 -6.27 -12.09 -4.65
CA ASP F 429 -5.32 -11.60 -5.64
C ASP F 429 -4.92 -10.16 -5.36
N GLY F 430 -5.89 -9.31 -4.99
CA GLY F 430 -5.57 -7.91 -4.72
C GLY F 430 -4.62 -7.76 -3.55
N PHE F 431 -4.89 -8.48 -2.45
CA PHE F 431 -4.01 -8.37 -1.30
C PHE F 431 -2.60 -8.87 -1.64
N LEU F 432 -2.50 -9.97 -2.38
CA LEU F 432 -1.18 -10.48 -2.77
C LEU F 432 -0.41 -9.47 -3.61
N ASP F 433 -1.09 -8.85 -4.58
CA ASP F 433 -0.43 -7.85 -5.41
C ASP F 433 0.10 -6.69 -4.57
N ILE F 434 -0.74 -6.19 -3.66
CA ILE F 434 -0.35 -5.03 -2.87
C ILE F 434 0.88 -5.36 -2.00
N TRP F 435 0.88 -6.52 -1.36
CA TRP F 435 2.00 -6.84 -0.48
C TRP F 435 3.29 -7.11 -1.26
N THR F 436 3.20 -7.73 -2.43
CA THR F 436 4.39 -7.91 -3.26
C THR F 436 4.99 -6.56 -3.65
N TYR F 437 4.13 -5.63 -4.09
CA TYR F 437 4.59 -4.30 -4.45
C TYR F 437 5.28 -3.61 -3.28
N ASN F 438 4.66 -3.69 -2.10
CA ASN F 438 5.23 -3.03 -0.93
C ASN F 438 6.62 -3.57 -0.60
N ALA F 439 6.77 -4.90 -0.57
CA ALA F 439 8.06 -5.48 -0.21
C ALA F 439 9.14 -5.09 -1.20
N GLU F 440 8.86 -5.24 -2.50
CA GLU F 440 9.87 -4.94 -3.50
C GLU F 440 10.29 -3.47 -3.46
N LEU F 441 9.30 -2.57 -3.34
CA LEU F 441 9.62 -1.15 -3.30
C LEU F 441 10.45 -0.80 -2.08
N LEU F 442 10.12 -1.36 -0.92
CA LEU F 442 10.88 -1.06 0.29
C LEU F 442 12.34 -1.48 0.15
N VAL F 443 12.58 -2.70 -0.35
CA VAL F 443 13.96 -3.16 -0.49
C VAL F 443 14.72 -2.28 -1.46
N LEU F 444 14.10 -1.99 -2.62
CA LEU F 444 14.78 -1.19 -3.63
C LEU F 444 15.13 0.19 -3.11
N LEU F 445 14.23 0.81 -2.34
CA LEU F 445 14.48 2.16 -1.85
C LEU F 445 15.52 2.20 -0.73
N GLU F 446 15.57 1.18 0.14
CA GLU F 446 16.55 1.20 1.21
C GLU F 446 17.96 0.91 0.70
N ASN F 447 18.08 0.13 -0.38
CA ASN F 447 19.40 -0.25 -0.87
C ASN F 447 20.24 0.95 -1.28
N GLU F 448 19.62 1.99 -1.84
CA GLU F 448 20.37 3.18 -2.27
C GLU F 448 20.79 4.03 -1.08
N ARG F 449 19.90 4.19 -0.10
CA ARG F 449 20.22 4.99 1.07
C ARG F 449 21.38 4.40 1.85
N THR F 450 21.47 3.07 1.90
CA THR F 450 22.60 2.46 2.61
C THR F 450 23.94 2.86 2.00
N LEU F 451 24.04 2.79 0.66
CA LEU F 451 25.30 3.12 0.00
C LEU F 451 25.63 4.61 0.14
N ASP F 452 24.61 5.47 0.03
CA ASP F 452 24.84 6.89 0.27
C ASP F 452 25.35 7.14 1.69
N PHE F 453 24.80 6.42 2.67
CA PHE F 453 25.24 6.53 4.06
C PHE F 453 26.71 6.19 4.20
N HIS F 454 27.13 5.08 3.57
CA HIS F 454 28.54 4.68 3.66
C HIS F 454 29.46 5.73 3.02
N ASP F 455 29.08 6.25 1.85
CA ASP F 455 29.91 7.26 1.20
C ASP F 455 30.03 8.51 2.06
N SER F 456 28.92 8.94 2.67
CA SER F 456 28.96 10.12 3.54
C SER F 456 29.87 9.88 4.75
N ASN F 457 29.84 8.66 5.30
CA ASN F 457 30.70 8.36 6.45
C ASN F 457 32.18 8.46 6.07
N VAL F 458 32.55 7.91 4.91
CA VAL F 458 33.95 7.99 4.48
C VAL F 458 34.36 9.45 4.27
N LYS F 459 33.50 10.23 3.62
CA LYS F 459 33.82 11.64 3.39
C LYS F 459 33.98 12.41 4.70
N ASN F 460 33.11 12.14 5.67
CA ASN F 460 33.21 12.81 6.96
C ASN F 460 34.52 12.46 7.67
N LEU F 461 34.93 11.19 7.62
CA LEU F 461 36.21 10.83 8.22
C LEU F 461 37.37 11.56 7.54
N TYR F 462 37.36 11.64 6.21
CA TYR F 462 38.43 12.34 5.51
C TYR F 462 38.48 13.81 5.90
N GLU F 463 37.32 14.47 5.96
CA GLU F 463 37.30 15.89 6.32
C GLU F 463 37.73 16.11 7.76
N LYS F 464 37.33 15.21 8.67
CA LYS F 464 37.76 15.33 10.06
C LYS F 464 39.27 15.23 10.17
N VAL F 465 39.89 14.33 9.41
CA VAL F 465 41.35 14.24 9.44
C VAL F 465 41.99 15.47 8.82
N LYS F 466 41.42 15.98 7.72
CA LYS F 466 42.02 17.14 7.05
C LYS F 466 41.92 18.39 7.90
N SER F 467 40.90 18.51 8.75
CA SER F 467 40.70 19.69 9.57
C SER F 467 41.49 19.63 10.87
N GLN F 468 42.57 18.86 10.91
CA GLN F 468 43.39 18.72 12.10
C GLN F 468 44.88 18.96 11.85
N LEU F 469 45.34 18.91 10.61
CA LEU F 469 46.76 19.09 10.28
C LEU F 469 47.06 20.47 9.74
N LYS F 470 46.09 21.16 9.16
CA LYS F 470 46.24 22.50 8.61
C LYS F 470 47.41 22.61 7.65
N ASN F 471 48.38 23.46 7.95
CA ASN F 471 49.49 23.73 7.06
C ASN F 471 50.66 22.77 7.25
N ASN F 472 50.64 21.93 8.29
CA ASN F 472 51.76 21.03 8.55
C ASN F 472 51.76 19.81 7.64
N ALA F 473 50.85 19.71 6.69
CA ALA F 473 50.79 18.56 5.80
C ALA F 473 50.32 19.01 4.43
N LYS F 474 50.65 18.19 3.43
CA LYS F 474 50.28 18.42 2.05
C LYS F 474 49.29 17.37 1.59
N GLU F 475 48.21 17.83 0.95
CA GLU F 475 47.17 16.95 0.43
C GLU F 475 47.49 16.64 -1.03
N ILE F 476 47.74 15.36 -1.33
CA ILE F 476 48.19 14.97 -2.66
C ILE F 476 47.04 14.49 -3.54
N GLY F 477 45.80 14.60 -3.06
CA GLY F 477 44.64 14.46 -3.91
C GLY F 477 44.10 13.06 -4.12
N ASN F 478 44.69 12.04 -3.50
CA ASN F 478 44.17 10.69 -3.62
C ASN F 478 43.66 10.14 -2.30
N GLY F 479 43.43 11.01 -1.32
CA GLY F 479 43.05 10.59 0.01
C GLY F 479 44.19 10.45 0.99
N CYS F 480 45.38 10.93 0.64
CA CYS F 480 46.56 10.79 1.48
C CYS F 480 47.12 12.16 1.85
N PHE F 481 47.84 12.19 2.97
CA PHE F 481 48.47 13.38 3.50
C PHE F 481 49.95 13.08 3.74
N GLU F 482 50.81 13.99 3.29
CA GLU F 482 52.26 13.88 3.46
C GLU F 482 52.71 14.94 4.45
N PHE F 483 53.37 14.52 5.52
CA PHE F 483 53.78 15.44 6.57
C PHE F 483 55.03 16.21 6.17
N TYR F 484 55.02 17.51 6.49
CA TYR F 484 56.20 18.35 6.27
C TYR F 484 57.28 18.10 7.32
N HIS F 485 56.88 17.80 8.54
CA HIS F 485 57.82 17.45 9.60
C HIS F 485 57.92 15.93 9.71
N LYS F 486 58.87 15.46 10.52
CA LYS F 486 59.05 14.04 10.77
C LYS F 486 58.45 13.69 12.12
N CYS F 487 57.59 12.68 12.14
CA CYS F 487 56.91 12.28 13.37
C CYS F 487 56.85 10.77 13.44
N ASN F 488 57.09 10.24 14.65
CA ASN F 488 57.19 8.81 14.88
C ASN F 488 55.81 8.21 15.12
N ASN F 489 55.78 6.98 15.63
CA ASN F 489 54.53 6.26 15.86
C ASN F 489 53.58 6.99 16.81
N GLU F 490 54.12 7.79 17.74
CA GLU F 490 53.26 8.54 18.64
C GLU F 490 52.44 9.59 17.91
N CYS F 491 53.05 10.28 16.93
CA CYS F 491 52.31 11.23 16.13
C CYS F 491 51.20 10.56 15.34
N MET F 492 51.48 9.39 14.76
CA MET F 492 50.45 8.66 14.03
C MET F 492 49.32 8.24 14.96
N GLU F 493 49.66 7.69 16.12
CA GLU F 493 48.65 7.28 17.09
C GLU F 493 47.89 8.44 17.69
N SER F 494 48.42 9.66 17.62
CA SER F 494 47.72 10.85 18.05
C SER F 494 46.84 11.45 16.95
N VAL F 495 47.25 11.35 15.69
CA VAL F 495 46.40 11.78 14.60
C VAL F 495 45.19 10.85 14.48
N LYS F 496 45.40 9.55 14.64
CA LYS F 496 44.32 8.58 14.65
C LYS F 496 43.57 8.54 15.98
N ASN F 497 43.73 9.58 16.80
CA ASN F 497 43.23 9.61 18.17
C ASN F 497 42.23 10.75 18.35
N GLY F 498 42.42 11.82 17.60
CA GLY F 498 41.64 13.03 17.76
C GLY F 498 42.33 14.12 18.55
N THR F 499 43.49 13.84 19.14
CA THR F 499 44.25 14.78 19.96
C THR F 499 45.63 14.95 19.34
N TYR F 500 45.76 15.92 18.44
CA TYR F 500 47.01 16.19 17.74
C TYR F 500 47.46 17.61 18.04
N ASP F 501 48.70 17.74 18.49
CA ASP F 501 49.24 19.03 18.92
C ASP F 501 49.78 19.78 17.71
N TYR F 502 48.95 20.65 17.13
CA TYR F 502 49.42 21.51 16.04
C TYR F 502 50.51 22.48 16.46
N PRO F 503 50.40 23.21 17.59
CA PRO F 503 51.49 24.15 17.95
C PRO F 503 52.83 23.47 18.16
N LYS F 504 52.86 22.22 18.62
CA LYS F 504 54.12 21.56 18.92
C LYS F 504 54.98 21.39 17.68
N TYR F 505 54.37 21.12 16.53
CA TYR F 505 55.10 20.84 15.30
C TYR F 505 55.07 22.00 14.31
N SER F 506 54.57 23.16 14.72
CA SER F 506 54.46 24.31 13.83
C SER F 506 55.83 24.80 13.38
N ASP G 18 41.65 31.67 -21.78
CA ASP G 18 42.20 32.19 -20.54
C ASP G 18 41.20 32.06 -19.41
N THR G 19 39.95 31.79 -19.75
CA THR G 19 38.89 31.59 -18.78
C THR G 19 38.08 30.35 -19.17
N ILE G 20 37.63 29.61 -18.15
CA ILE G 20 36.77 28.45 -18.37
C ILE G 20 35.68 28.42 -17.31
N CYS G 21 34.46 28.07 -17.73
CA CYS G 21 33.30 28.09 -16.84
C CYS G 21 32.51 26.79 -16.99
N ILE G 22 31.81 26.42 -15.93
CA ILE G 22 31.04 25.19 -15.84
C ILE G 22 29.56 25.54 -15.75
N GLY G 23 28.73 24.87 -16.53
CA GLY G 23 27.32 25.20 -16.53
C GLY G 23 26.45 24.06 -16.99
N TYR G 24 25.14 24.33 -17.04
CA TYR G 24 24.15 23.33 -17.41
C TYR G 24 23.17 23.91 -18.43
N HIS G 25 22.18 23.10 -18.79
CA HIS G 25 21.31 23.31 -19.94
C HIS G 25 20.06 24.11 -19.57
N ALA G 26 19.54 24.84 -20.56
CA ALA G 26 18.27 25.54 -20.42
C ALA G 26 17.60 25.63 -21.79
N ASN G 27 16.28 25.71 -21.78
CA ASN G 27 15.49 25.85 -23.01
C ASN G 27 14.25 26.67 -22.68
N ASN G 28 13.25 26.62 -23.56
CA ASN G 28 12.00 27.36 -23.39
C ASN G 28 10.81 26.43 -23.18
N SER G 29 11.00 25.36 -22.42
CA SER G 29 9.91 24.48 -22.05
C SER G 29 9.08 25.11 -20.93
N THR G 30 7.80 24.72 -20.88
CA THR G 30 6.88 25.28 -19.89
C THR G 30 6.17 24.19 -19.09
N ASP G 31 6.69 22.97 -19.07
CA ASP G 31 6.10 21.91 -18.27
C ASP G 31 6.45 22.09 -16.80
N THR G 32 5.54 21.68 -15.93
CA THR G 32 5.70 21.83 -14.49
C THR G 32 5.46 20.49 -13.80
N VAL G 33 6.18 20.26 -12.70
CA VAL G 33 6.03 19.06 -11.89
C VAL G 33 5.81 19.48 -10.44
N ASP G 34 5.45 18.50 -9.61
CA ASP G 34 5.15 18.74 -8.21
C ASP G 34 6.10 17.93 -7.32
N THR G 35 6.38 18.49 -6.15
CA THR G 35 7.32 17.91 -5.20
C THR G 35 6.68 17.98 -3.81
N VAL G 36 7.19 17.18 -2.89
CA VAL G 36 6.72 17.27 -1.51
C VAL G 36 7.04 18.64 -0.90
N LEU G 37 8.23 19.19 -1.20
CA LEU G 37 8.65 20.46 -0.63
C LEU G 37 8.28 21.66 -1.48
N GLU G 38 7.79 21.45 -2.70
CA GLU G 38 7.53 22.56 -3.60
C GLU G 38 6.49 22.15 -4.62
N LYS G 39 5.78 23.14 -5.15
CA LYS G 39 4.79 22.94 -6.19
C LYS G 39 5.09 23.81 -7.40
N ASN G 40 4.69 23.31 -8.57
CA ASN G 40 4.56 24.12 -9.78
C ASN G 40 5.94 24.54 -10.30
N VAL G 41 6.82 23.56 -10.48
CA VAL G 41 8.23 23.80 -10.79
C VAL G 41 8.47 23.53 -12.28
N THR G 42 8.98 24.54 -12.98
CA THR G 42 9.28 24.39 -14.40
C THR G 42 10.56 23.58 -14.60
N VAL G 43 10.52 22.67 -15.58
CA VAL G 43 11.63 21.76 -15.84
C VAL G 43 11.91 21.74 -17.34
N THR G 44 13.06 21.15 -17.71
CA THR G 44 13.46 21.11 -19.10
C THR G 44 12.85 19.93 -19.84
N HIS G 45 12.80 18.76 -19.21
CA HIS G 45 12.27 17.55 -19.84
C HIS G 45 11.43 16.80 -18.82
N SER G 46 10.36 16.16 -19.31
CA SER G 46 9.47 15.37 -18.46
C SER G 46 8.68 14.40 -19.32
N VAL G 47 8.02 13.47 -18.66
CA VAL G 47 7.14 12.50 -19.31
C VAL G 47 5.80 12.48 -18.58
N ASN G 48 4.76 12.11 -19.32
CA ASN G 48 3.40 12.00 -18.79
C ASN G 48 3.02 10.53 -18.68
N LEU G 49 2.51 10.14 -17.52
CA LEU G 49 2.20 8.75 -17.24
C LEU G 49 0.71 8.45 -17.20
N LEU G 50 -0.16 9.42 -17.51
CA LEU G 50 -1.59 9.26 -17.40
C LEU G 50 -2.27 9.49 -18.74
N GLU G 51 -3.24 8.65 -19.07
CA GLU G 51 -4.00 8.74 -20.31
C GLU G 51 -5.44 9.09 -20.00
N ASP G 52 -6.00 10.06 -20.72
CA ASP G 52 -7.34 10.55 -20.42
C ASP G 52 -8.16 10.83 -21.68
N SER G 53 -7.94 10.06 -22.75
CA SER G 53 -8.68 10.26 -23.99
C SER G 53 -9.12 8.93 -24.57
N HIS G 54 -10.25 8.96 -25.27
CA HIS G 54 -10.79 7.81 -25.98
C HIS G 54 -11.37 8.30 -27.32
N ASN G 55 -11.85 7.36 -28.13
CA ASN G 55 -12.42 7.71 -29.42
C ASN G 55 -13.94 7.81 -29.40
N GLY G 56 -14.61 7.19 -28.43
CA GLY G 56 -16.04 7.33 -28.28
C GLY G 56 -16.88 6.34 -29.06
N LYS G 57 -16.29 5.26 -29.57
CA LYS G 57 -17.01 4.28 -30.37
C LYS G 57 -16.70 2.87 -29.87
N LEU G 58 -17.61 1.94 -30.13
CA LEU G 58 -17.36 0.53 -29.93
C LEU G 58 -16.64 -0.02 -31.14
N CYS G 59 -15.49 -0.65 -30.92
CA CYS G 59 -14.60 -1.04 -32.00
C CYS G 59 -14.15 -2.48 -31.80
N LEU G 60 -13.61 -3.06 -32.87
CA LEU G 60 -13.22 -4.46 -32.87
C LEU G 60 -12.08 -4.71 -31.89
N LEU G 61 -12.02 -5.94 -31.38
CA LEU G 61 -11.00 -6.37 -30.44
C LEU G 61 -10.14 -7.44 -31.11
N LYS G 62 -9.01 -7.00 -31.68
CA LYS G 62 -8.10 -7.89 -32.41
C LYS G 62 -8.81 -8.62 -33.54
N GLY G 63 -9.65 -7.91 -34.28
CA GLY G 63 -10.27 -8.45 -35.48
C GLY G 63 -11.59 -9.16 -35.28
N ILE G 64 -12.05 -9.32 -34.03
CA ILE G 64 -13.29 -10.01 -33.73
C ILE G 64 -14.31 -8.99 -33.25
N ALA G 65 -15.49 -8.99 -33.86
CA ALA G 65 -16.55 -8.05 -33.53
C ALA G 65 -17.33 -8.53 -32.30
N PRO G 66 -17.88 -7.61 -31.52
CA PRO G 66 -18.69 -7.99 -30.36
C PRO G 66 -20.10 -8.40 -30.77
N LEU G 67 -20.88 -8.82 -29.78
CA LEU G 67 -22.29 -9.15 -29.95
C LEU G 67 -23.14 -8.02 -29.37
N GLN G 68 -23.96 -7.42 -30.21
CA GLN G 68 -24.81 -6.29 -29.83
C GLN G 68 -26.25 -6.77 -29.72
N LEU G 69 -26.87 -6.51 -28.57
CA LEU G 69 -28.22 -7.01 -28.31
C LEU G 69 -29.31 -6.06 -28.78
N GLY G 70 -29.08 -4.74 -28.72
CA GLY G 70 -30.08 -3.79 -29.16
C GLY G 70 -31.19 -3.58 -28.15
N ASN G 71 -32.44 -3.84 -28.57
CA ASN G 71 -33.58 -3.78 -27.66
C ASN G 71 -33.58 -4.89 -26.63
N CYS G 72 -32.89 -6.00 -26.91
CA CYS G 72 -33.03 -7.22 -26.13
C CYS G 72 -32.09 -7.22 -24.93
N SER G 73 -32.46 -8.02 -23.94
CA SER G 73 -31.62 -8.29 -22.78
C SER G 73 -31.05 -9.70 -22.89
N VAL G 74 -30.35 -10.13 -21.85
CA VAL G 74 -29.80 -11.48 -21.82
C VAL G 74 -30.93 -12.51 -21.81
N ALA G 75 -31.97 -12.26 -21.02
CA ALA G 75 -33.10 -13.19 -20.96
C ALA G 75 -33.82 -13.28 -22.30
N GLY G 76 -34.05 -12.14 -22.95
CA GLY G 76 -34.70 -12.17 -24.25
C GLY G 76 -33.86 -12.82 -25.32
N TRP G 77 -32.53 -12.61 -25.26
CA TRP G 77 -31.64 -13.23 -26.23
C TRP G 77 -31.57 -14.75 -26.04
N ILE G 78 -31.54 -15.21 -24.79
CA ILE G 78 -31.37 -16.65 -24.55
C ILE G 78 -32.69 -17.40 -24.58
N LEU G 79 -33.82 -16.73 -24.40
CA LEU G 79 -35.12 -17.39 -24.42
C LEU G 79 -35.74 -17.47 -25.80
N GLY G 80 -35.36 -16.57 -26.72
CA GLY G 80 -35.94 -16.55 -28.04
C GLY G 80 -37.08 -15.58 -28.19
N ASN G 81 -36.88 -14.36 -27.72
CA ASN G 81 -37.92 -13.34 -27.85
C ASN G 81 -38.21 -13.09 -29.32
N PRO G 82 -39.49 -12.95 -29.70
CA PRO G 82 -39.81 -12.78 -31.13
C PRO G 82 -39.19 -11.56 -31.77
N GLU G 83 -38.77 -10.57 -30.98
CA GLU G 83 -38.16 -9.35 -31.51
C GLU G 83 -36.64 -9.44 -31.57
N CYS G 84 -36.05 -10.59 -31.25
CA CYS G 84 -34.60 -10.76 -31.24
C CYS G 84 -34.15 -11.82 -32.25
N GLU G 85 -34.84 -11.91 -33.39
CA GLU G 85 -34.55 -12.96 -34.36
C GLU G 85 -33.16 -12.79 -34.96
N LEU G 86 -32.76 -11.56 -35.27
CA LEU G 86 -31.50 -11.30 -35.97
C LEU G 86 -30.29 -11.78 -35.17
N LEU G 87 -30.43 -11.98 -33.87
CA LEU G 87 -29.33 -12.47 -33.05
C LEU G 87 -29.11 -13.97 -33.14
N ILE G 88 -30.02 -14.69 -33.80
CA ILE G 88 -29.91 -16.15 -33.83
C ILE G 88 -28.70 -16.62 -34.62
N SER G 89 -28.35 -15.91 -35.70
CA SER G 89 -27.31 -16.36 -36.61
C SER G 89 -25.90 -16.14 -36.08
N LYS G 90 -25.72 -15.28 -35.09
CA LYS G 90 -24.38 -14.96 -34.58
C LYS G 90 -24.01 -15.93 -33.46
N GLU G 91 -22.89 -16.62 -33.62
CA GLU G 91 -22.48 -17.66 -32.68
C GLU G 91 -21.06 -17.48 -32.15
N SER G 92 -20.41 -16.34 -32.42
CA SER G 92 -19.10 -16.05 -31.87
C SER G 92 -18.98 -14.55 -31.63
N TRP G 93 -18.21 -14.20 -30.61
CA TRP G 93 -18.08 -12.80 -30.22
C TRP G 93 -16.81 -12.65 -29.38
N SER G 94 -16.41 -11.39 -29.17
CA SER G 94 -15.32 -11.06 -28.26
C SER G 94 -15.81 -10.48 -26.93
N TYR G 95 -16.95 -9.78 -26.94
CA TYR G 95 -17.61 -9.33 -25.73
C TYR G 95 -19.05 -9.01 -26.08
N ILE G 96 -19.87 -8.83 -25.04
CA ILE G 96 -21.31 -8.61 -25.19
C ILE G 96 -21.62 -7.18 -24.76
N VAL G 97 -22.39 -6.48 -25.58
CA VAL G 97 -22.80 -5.10 -25.32
C VAL G 97 -24.31 -5.07 -25.09
N GLU G 98 -24.73 -4.46 -24.00
CA GLU G 98 -26.13 -4.31 -23.64
C GLU G 98 -26.49 -2.83 -23.54
N THR G 99 -27.76 -2.53 -23.71
CA THR G 99 -28.36 -1.21 -23.59
C THR G 99 -28.74 -0.95 -22.14
N PRO G 100 -28.58 0.30 -21.67
CA PRO G 100 -28.86 0.59 -20.25
C PRO G 100 -30.26 0.21 -19.79
N ASN G 101 -31.28 0.40 -20.63
CA ASN G 101 -32.66 0.07 -20.28
C ASN G 101 -33.29 -0.71 -21.42
N PRO G 102 -32.99 -2.01 -21.53
CA PRO G 102 -33.58 -2.81 -22.61
C PRO G 102 -35.08 -2.98 -22.41
N GLU G 103 -35.80 -3.13 -23.52
CA GLU G 103 -37.24 -3.16 -23.51
C GLU G 103 -37.84 -4.53 -23.80
N ASN G 104 -37.10 -5.43 -24.45
CA ASN G 104 -37.63 -6.73 -24.87
C ASN G 104 -36.92 -7.81 -24.08
N GLY G 105 -37.58 -8.29 -23.03
CA GLY G 105 -37.07 -9.38 -22.21
C GLY G 105 -37.97 -10.60 -22.25
N THR G 106 -38.69 -10.84 -21.16
CA THR G 106 -39.71 -11.88 -21.11
C THR G 106 -41.05 -11.26 -21.45
N CYS G 107 -41.56 -11.57 -22.65
CA CYS G 107 -42.83 -10.99 -23.09
C CYS G 107 -44.01 -11.50 -22.26
N TYR G 108 -43.89 -12.71 -21.71
CA TYR G 108 -44.92 -13.24 -20.81
C TYR G 108 -44.46 -13.07 -19.38
N PRO G 109 -45.22 -12.38 -18.52
CA PRO G 109 -44.74 -12.09 -17.17
C PRO G 109 -44.47 -13.35 -16.36
N GLY G 110 -43.47 -13.26 -15.50
CA GLY G 110 -43.11 -14.39 -14.66
C GLY G 110 -41.80 -14.13 -13.93
N TYR G 111 -41.31 -15.18 -13.30
CA TYR G 111 -40.09 -15.13 -12.50
C TYR G 111 -39.01 -15.98 -13.16
N PHE G 112 -37.82 -15.41 -13.29
CA PHE G 112 -36.65 -16.10 -13.83
C PHE G 112 -35.74 -16.49 -12.68
N ALA G 113 -35.50 -17.79 -12.52
CA ALA G 113 -34.75 -18.32 -11.40
C ALA G 113 -33.25 -18.30 -11.69
N ASP G 114 -32.47 -17.78 -10.73
CA ASP G 114 -31.01 -17.73 -10.83
C ASP G 114 -30.56 -16.98 -12.08
N TYR G 115 -31.12 -15.79 -12.27
CA TYR G 115 -30.81 -14.99 -13.46
C TYR G 115 -29.40 -14.42 -13.40
N GLU G 116 -28.99 -13.91 -12.25
CA GLU G 116 -27.65 -13.34 -12.12
C GLU G 116 -26.57 -14.42 -12.19
N GLU G 117 -26.84 -15.62 -11.68
CA GLU G 117 -25.91 -16.72 -11.85
C GLU G 117 -25.78 -17.13 -13.31
N LEU G 118 -26.88 -17.09 -14.05
CA LEU G 118 -26.81 -17.37 -15.49
C LEU G 118 -26.00 -16.32 -16.22
N ARG G 119 -26.15 -15.04 -15.85
CA ARG G 119 -25.31 -14.01 -16.45
C ARG G 119 -23.85 -14.22 -16.12
N GLU G 120 -23.55 -14.60 -14.88
CA GLU G 120 -22.16 -14.87 -14.50
C GLU G 120 -21.59 -16.03 -15.29
N GLN G 121 -22.39 -17.07 -15.52
CA GLN G 121 -21.95 -18.20 -16.33
C GLN G 121 -21.71 -17.78 -17.78
N LEU G 122 -22.61 -16.98 -18.35
CA LEU G 122 -22.48 -16.58 -19.74
C LEU G 122 -21.37 -15.56 -19.94
N SER G 123 -20.89 -14.91 -18.87
CA SER G 123 -19.80 -13.96 -19.00
C SER G 123 -18.48 -14.61 -19.42
N SER G 124 -18.36 -15.93 -19.33
CA SER G 124 -17.11 -16.61 -19.65
C SER G 124 -17.25 -17.56 -20.85
N VAL G 125 -18.28 -17.36 -21.68
CA VAL G 125 -18.53 -18.20 -22.84
C VAL G 125 -18.16 -17.40 -24.08
N SER G 126 -17.37 -18.01 -24.97
CA SER G 126 -16.92 -17.34 -26.19
C SER G 126 -17.73 -17.73 -27.42
N SER G 127 -18.30 -18.93 -27.45
CA SER G 127 -19.14 -19.37 -28.55
C SER G 127 -20.00 -20.53 -28.09
N PHE G 128 -21.09 -20.78 -28.81
CA PHE G 128 -21.91 -21.95 -28.56
C PHE G 128 -22.49 -22.45 -29.88
N GLU G 129 -23.24 -23.55 -29.79
CA GLU G 129 -23.92 -24.12 -30.96
C GLU G 129 -25.37 -24.39 -30.58
N ARG G 130 -26.29 -23.75 -31.30
CA ARG G 130 -27.72 -23.88 -31.03
C ARG G 130 -28.26 -25.06 -31.84
N PHE G 131 -28.73 -26.09 -31.15
CA PHE G 131 -29.26 -27.28 -31.79
C PHE G 131 -30.63 -27.63 -31.21
N GLU G 132 -31.44 -28.28 -32.03
CA GLU G 132 -32.80 -28.66 -31.61
C GLU G 132 -32.74 -29.94 -30.79
N ILE G 133 -33.06 -29.84 -29.51
CA ILE G 133 -33.00 -30.99 -28.61
C ILE G 133 -34.24 -31.86 -28.72
N PHE G 134 -35.41 -31.25 -28.88
CA PHE G 134 -36.66 -31.96 -29.09
C PHE G 134 -37.35 -31.37 -30.32
N PRO G 135 -37.25 -32.02 -31.48
CA PRO G 135 -37.87 -31.48 -32.68
C PRO G 135 -39.38 -31.30 -32.54
N LYS G 136 -39.89 -30.22 -33.11
CA LYS G 136 -41.29 -29.85 -32.91
C LYS G 136 -42.24 -30.82 -33.60
N GLU G 137 -41.86 -31.34 -34.77
CA GLU G 137 -42.80 -32.07 -35.62
C GLU G 137 -42.81 -33.57 -35.35
N SER G 138 -41.98 -34.08 -34.45
CA SER G 138 -41.91 -35.53 -34.24
C SER G 138 -41.77 -35.94 -32.78
N SER G 139 -41.83 -35.03 -31.82
CA SER G 139 -41.59 -35.37 -30.43
C SER G 139 -42.86 -35.52 -29.59
N TRP G 140 -43.96 -34.89 -29.99
CA TRP G 140 -45.18 -34.87 -29.18
C TRP G 140 -46.38 -35.28 -30.03
N PRO G 141 -46.47 -36.55 -30.41
CA PRO G 141 -47.62 -37.01 -31.20
C PRO G 141 -48.95 -36.86 -30.49
N ASN G 142 -49.01 -37.01 -29.16
CA ASN G 142 -50.26 -37.01 -28.44
C ASN G 142 -50.78 -35.60 -28.11
N HIS G 143 -49.97 -34.56 -28.30
CA HIS G 143 -50.31 -33.22 -27.84
C HIS G 143 -50.30 -32.24 -29.00
N THR G 144 -50.94 -31.08 -28.77
CA THR G 144 -50.90 -29.97 -29.71
C THR G 144 -49.74 -29.05 -29.37
N VAL G 145 -49.06 -28.57 -30.41
CA VAL G 145 -47.83 -27.80 -30.23
C VAL G 145 -47.96 -26.42 -30.85
N THR G 146 -49.19 -25.89 -30.90
CA THR G 146 -49.46 -24.58 -31.51
C THR G 146 -50.15 -23.71 -30.47
N GLY G 147 -49.37 -23.02 -29.64
CA GLY G 147 -49.91 -22.17 -28.60
C GLY G 147 -49.21 -20.82 -28.54
N VAL G 148 -49.99 -19.74 -28.62
CA VAL G 148 -49.46 -18.39 -28.73
C VAL G 148 -50.19 -17.48 -27.76
N SER G 149 -49.59 -16.31 -27.48
CA SER G 149 -50.16 -15.33 -26.58
C SER G 149 -50.07 -13.95 -27.21
N ALA G 150 -51.00 -13.08 -26.80
CA ALA G 150 -51.06 -11.73 -27.33
C ALA G 150 -50.01 -10.80 -26.72
N SER G 151 -49.36 -11.21 -25.63
CA SER G 151 -48.29 -10.43 -25.03
C SER G 151 -46.93 -10.70 -25.68
N CYS G 152 -46.87 -11.64 -26.62
CA CYS G 152 -45.63 -11.95 -27.32
C CYS G 152 -45.83 -11.75 -28.82
N SER G 153 -46.48 -10.64 -29.20
CA SER G 153 -46.85 -10.42 -30.59
C SER G 153 -45.63 -10.09 -31.44
N HIS G 154 -45.68 -10.56 -32.70
CA HIS G 154 -44.64 -10.29 -33.68
C HIS G 154 -45.32 -9.97 -35.00
N ASN G 155 -44.96 -8.83 -35.60
CA ASN G 155 -45.54 -8.37 -36.86
C ASN G 155 -47.05 -8.18 -36.76
N GLY G 156 -47.53 -7.76 -35.59
CA GLY G 156 -48.93 -7.49 -35.38
C GLY G 156 -49.79 -8.68 -35.05
N LYS G 157 -49.22 -9.90 -35.05
CA LYS G 157 -49.96 -11.11 -34.72
C LYS G 157 -49.31 -11.78 -33.52
N SER G 158 -50.12 -12.50 -32.76
CA SER G 158 -49.64 -13.15 -31.55
C SER G 158 -48.72 -14.32 -31.89
N SER G 159 -47.70 -14.52 -31.06
CA SER G 159 -46.69 -15.55 -31.30
C SER G 159 -46.18 -16.03 -29.94
N PHE G 160 -45.04 -16.73 -29.96
CA PHE G 160 -44.44 -17.29 -28.76
C PHE G 160 -42.92 -17.26 -28.92
N TYR G 161 -42.23 -17.76 -27.89
CA TYR G 161 -40.78 -17.84 -27.92
C TYR G 161 -40.31 -18.78 -29.03
N ARG G 162 -39.01 -18.74 -29.30
CA ARG G 162 -38.40 -19.57 -30.34
C ARG G 162 -37.65 -20.78 -29.80
N ASN G 163 -37.23 -20.77 -28.54
CA ASN G 163 -36.52 -21.89 -27.94
C ASN G 163 -37.40 -22.71 -27.01
N LEU G 164 -38.69 -22.40 -26.91
CA LEU G 164 -39.61 -23.09 -26.01
C LEU G 164 -40.88 -23.45 -26.77
N LEU G 165 -41.59 -24.46 -26.25
CA LEU G 165 -42.81 -24.97 -26.87
C LEU G 165 -43.92 -25.05 -25.83
N TRP G 166 -45.13 -24.65 -26.22
CA TRP G 166 -46.30 -24.68 -25.36
C TRP G 166 -47.16 -25.88 -25.76
N LEU G 167 -47.22 -26.88 -24.88
CA LEU G 167 -48.01 -28.08 -25.13
C LEU G 167 -49.40 -27.94 -24.54
N THR G 168 -50.39 -28.48 -25.27
CA THR G 168 -51.78 -28.43 -24.87
C THR G 168 -52.42 -29.78 -25.16
N GLY G 169 -53.49 -30.09 -24.42
CA GLY G 169 -54.17 -31.35 -24.61
C GLY G 169 -54.80 -31.46 -25.99
N LYS G 170 -54.81 -32.68 -26.52
CA LYS G 170 -55.37 -32.98 -27.83
C LYS G 170 -56.53 -33.95 -27.68
N ASN G 171 -57.60 -33.69 -28.45
CA ASN G 171 -58.81 -34.50 -28.44
C ASN G 171 -59.48 -34.55 -27.08
N GLY G 172 -59.23 -33.56 -26.23
CA GLY G 172 -59.81 -33.53 -24.90
C GLY G 172 -59.07 -34.32 -23.85
N LEU G 173 -57.84 -34.75 -24.13
CA LEU G 173 -57.05 -35.50 -23.16
C LEU G 173 -55.64 -34.95 -23.11
N TYR G 174 -55.03 -35.02 -21.93
CA TYR G 174 -53.64 -34.64 -21.72
C TYR G 174 -52.93 -35.81 -21.07
N PRO G 175 -52.45 -36.78 -21.87
CA PRO G 175 -51.79 -37.94 -21.29
C PRO G 175 -50.44 -37.61 -20.67
N ASN G 176 -49.93 -38.52 -19.85
CA ASN G 176 -48.63 -38.34 -19.25
C ASN G 176 -47.54 -38.31 -20.33
N LEU G 177 -46.54 -37.46 -20.12
CA LEU G 177 -45.39 -37.39 -21.02
C LEU G 177 -44.13 -37.66 -20.23
N SER G 178 -43.24 -38.43 -20.83
CA SER G 178 -41.93 -38.75 -20.26
C SER G 178 -40.91 -38.72 -21.38
N LYS G 179 -39.93 -37.83 -21.27
CA LYS G 179 -38.91 -37.66 -22.31
C LYS G 179 -37.52 -37.66 -21.69
N SER G 180 -36.54 -38.12 -22.44
CA SER G 180 -35.18 -38.23 -21.95
C SER G 180 -34.19 -37.80 -23.02
N TYR G 181 -33.05 -37.27 -22.59
CA TYR G 181 -32.01 -36.86 -23.52
C TYR G 181 -30.64 -37.12 -22.90
N ALA G 182 -29.74 -37.69 -23.70
CA ALA G 182 -28.37 -37.99 -23.27
C ALA G 182 -27.39 -37.12 -24.03
N ASN G 183 -26.41 -36.56 -23.31
CA ASN G 183 -25.49 -35.57 -23.84
C ASN G 183 -24.30 -36.26 -24.50
N ASN G 184 -24.45 -36.55 -25.79
CA ASN G 184 -23.35 -37.05 -26.61
C ASN G 184 -22.72 -35.95 -27.47
N LYS G 185 -22.20 -34.91 -26.80
CA LYS G 185 -21.64 -33.78 -27.50
C LYS G 185 -20.27 -33.34 -27.01
N GLU G 186 -19.70 -34.03 -26.02
CA GLU G 186 -18.38 -33.70 -25.46
C GLU G 186 -18.30 -32.27 -24.95
N LYS G 187 -19.43 -31.70 -24.53
CA LYS G 187 -19.48 -30.32 -24.06
C LYS G 187 -20.66 -30.16 -23.10
N GLU G 188 -20.60 -29.11 -22.30
CA GLU G 188 -21.72 -28.77 -21.44
C GLU G 188 -22.89 -28.26 -22.27
N VAL G 189 -24.10 -28.62 -21.87
CA VAL G 189 -25.31 -28.24 -22.60
C VAL G 189 -26.20 -27.44 -21.65
N LEU G 190 -26.65 -26.28 -22.10
CA LEU G 190 -27.54 -25.42 -21.33
C LEU G 190 -28.99 -25.71 -21.73
N VAL G 191 -29.78 -26.17 -20.77
CA VAL G 191 -31.17 -26.54 -21.02
C VAL G 191 -32.08 -25.60 -20.23
N LEU G 192 -33.18 -25.17 -20.86
CA LEU G 192 -34.13 -24.25 -20.25
C LEU G 192 -35.55 -24.76 -20.46
N TRP G 193 -36.41 -24.49 -19.47
CA TRP G 193 -37.81 -24.90 -19.53
C TRP G 193 -38.63 -23.94 -18.67
N GLY G 194 -39.93 -24.18 -18.60
CA GLY G 194 -40.83 -23.32 -17.85
C GLY G 194 -42.06 -24.04 -17.34
N VAL G 195 -42.73 -23.40 -16.38
CA VAL G 195 -43.93 -23.91 -15.73
C VAL G 195 -44.98 -22.80 -15.71
N HIS G 196 -46.21 -23.14 -16.08
CA HIS G 196 -47.30 -22.18 -16.23
C HIS G 196 -48.23 -22.20 -15.02
N HIS G 197 -48.59 -21.00 -14.54
CA HIS G 197 -49.53 -20.81 -13.44
C HIS G 197 -50.73 -20.01 -13.94
N PRO G 198 -51.87 -20.66 -14.16
CA PRO G 198 -53.05 -19.96 -14.70
C PRO G 198 -53.72 -19.12 -13.62
N PRO G 199 -54.62 -18.20 -14.00
CA PRO G 199 -55.21 -17.29 -13.01
C PRO G 199 -56.42 -17.84 -12.28
N ASN G 200 -57.13 -18.81 -12.86
CA ASN G 200 -58.30 -19.37 -12.21
C ASN G 200 -58.39 -20.86 -12.53
N ILE G 201 -59.19 -21.56 -11.73
CA ILE G 201 -59.32 -23.01 -11.86
C ILE G 201 -60.03 -23.39 -13.16
N GLY G 202 -60.94 -22.53 -13.64
CA GLY G 202 -61.60 -22.82 -14.90
C GLY G 202 -60.64 -22.85 -16.07
N ASP G 203 -59.71 -21.90 -16.10
CA ASP G 203 -58.69 -21.88 -17.14
C ASP G 203 -57.82 -23.14 -17.08
N GLN G 204 -57.43 -23.54 -15.87
CA GLN G 204 -56.61 -24.75 -15.72
C GLN G 204 -57.35 -25.98 -16.22
N ARG G 205 -58.63 -26.11 -15.87
CA ARG G 205 -59.40 -27.26 -16.30
C ARG G 205 -59.66 -27.24 -17.81
N ALA G 206 -59.83 -26.06 -18.39
CA ALA G 206 -60.03 -25.98 -19.84
C ALA G 206 -58.73 -26.30 -20.59
N LEU G 207 -57.59 -25.89 -20.03
CA LEU G 207 -56.31 -26.04 -20.72
C LEU G 207 -55.71 -27.43 -20.58
N TYR G 208 -55.72 -28.00 -19.38
CA TYR G 208 -55.00 -29.24 -19.11
C TYR G 208 -55.88 -30.39 -18.64
N HIS G 209 -57.17 -30.15 -18.42
CA HIS G 209 -58.13 -31.20 -18.06
C HIS G 209 -57.74 -31.93 -16.78
N THR G 210 -57.10 -31.22 -15.85
CA THR G 210 -56.76 -31.78 -14.55
C THR G 210 -56.66 -30.65 -13.55
N GLU G 211 -56.80 -31.01 -12.27
CA GLU G 211 -56.73 -30.03 -11.19
C GLU G 211 -55.47 -30.14 -10.34
N ASN G 212 -54.88 -31.33 -10.25
CA ASN G 212 -53.63 -31.54 -9.52
C ASN G 212 -52.58 -32.00 -10.54
N ALA G 213 -51.68 -31.10 -10.90
CA ALA G 213 -50.66 -31.37 -11.90
C ALA G 213 -49.28 -31.27 -11.28
N TYR G 214 -48.32 -31.97 -11.88
CA TYR G 214 -46.95 -31.99 -11.39
C TYR G 214 -45.99 -31.95 -12.58
N VAL G 215 -44.81 -31.38 -12.36
CA VAL G 215 -43.71 -31.43 -13.31
C VAL G 215 -42.48 -31.93 -12.57
N SER G 216 -41.77 -32.89 -13.15
CA SER G 216 -40.58 -33.45 -12.53
C SER G 216 -39.42 -33.40 -13.51
N VAL G 217 -38.32 -32.79 -13.09
CA VAL G 217 -37.12 -32.70 -13.90
C VAL G 217 -35.98 -33.33 -13.12
N VAL G 218 -35.36 -34.37 -13.67
CA VAL G 218 -34.39 -35.16 -12.93
C VAL G 218 -33.15 -35.37 -13.79
N SER G 219 -31.98 -35.14 -13.19
CA SER G 219 -30.70 -35.45 -13.83
C SER G 219 -29.88 -36.34 -12.90
N SER G 220 -28.61 -36.56 -13.23
CA SER G 220 -27.75 -37.36 -12.36
C SER G 220 -27.47 -36.66 -11.04
N HIS G 221 -27.29 -35.34 -11.06
CA HIS G 221 -27.03 -34.56 -9.86
C HIS G 221 -27.99 -33.39 -9.73
N TYR G 222 -29.16 -33.50 -10.35
CA TYR G 222 -30.19 -32.48 -10.28
C TYR G 222 -31.54 -33.18 -10.16
N SER G 223 -32.41 -32.62 -9.32
CA SER G 223 -33.74 -33.19 -9.13
C SER G 223 -34.66 -32.11 -8.61
N ARG G 224 -35.83 -31.94 -9.23
CA ARG G 224 -36.79 -30.99 -8.71
C ARG G 224 -38.19 -31.34 -9.18
N LYS G 225 -39.17 -30.93 -8.37
CA LYS G 225 -40.59 -31.12 -8.62
C LYS G 225 -41.30 -29.79 -8.48
N PHE G 226 -42.27 -29.55 -9.37
CA PHE G 226 -42.99 -28.28 -9.45
C PHE G 226 -44.49 -28.56 -9.46
N THR G 227 -45.24 -27.71 -8.76
CA THR G 227 -46.70 -27.74 -8.75
C THR G 227 -47.24 -26.35 -9.06
N PRO G 228 -48.26 -26.26 -9.92
CA PRO G 228 -48.85 -24.95 -10.23
C PRO G 228 -49.55 -24.33 -9.03
N GLU G 229 -49.60 -23.00 -9.04
CA GLU G 229 -50.32 -22.21 -8.05
C GLU G 229 -51.32 -21.33 -8.78
N ILE G 230 -52.59 -21.41 -8.38
CA ILE G 230 -53.67 -20.69 -9.04
C ILE G 230 -54.11 -19.56 -8.13
N ALA G 231 -54.02 -18.33 -8.61
CA ALA G 231 -54.40 -17.15 -7.85
C ALA G 231 -54.66 -16.00 -8.82
N LYS G 232 -55.30 -14.96 -8.31
CA LYS G 232 -55.55 -13.75 -9.08
C LYS G 232 -54.50 -12.71 -8.73
N ARG G 233 -53.84 -12.18 -9.74
CA ARG G 233 -52.70 -11.29 -9.60
C ARG G 233 -52.93 -10.02 -10.41
N PRO G 234 -52.29 -8.92 -10.03
CA PRO G 234 -52.36 -7.71 -10.85
C PRO G 234 -51.78 -7.96 -12.24
N LYS G 235 -52.40 -7.36 -13.25
CA LYS G 235 -51.96 -7.54 -14.62
C LYS G 235 -50.69 -6.74 -14.87
N VAL G 236 -49.72 -7.40 -15.51
CA VAL G 236 -48.44 -6.78 -15.85
C VAL G 236 -48.38 -6.37 -17.32
N ARG G 237 -48.59 -7.32 -18.22
CA ARG G 237 -48.69 -7.01 -19.64
C ARG G 237 -50.05 -7.45 -20.17
N ASP G 238 -51.10 -7.10 -19.43
CA ASP G 238 -52.49 -7.52 -19.68
C ASP G 238 -52.71 -9.00 -19.41
N GLN G 239 -51.88 -9.60 -18.55
CA GLN G 239 -51.98 -11.01 -18.19
C GLN G 239 -52.07 -11.15 -16.67
N GLU G 240 -52.94 -12.04 -16.22
CA GLU G 240 -53.06 -12.37 -14.80
C GLU G 240 -52.39 -13.70 -14.44
N GLY G 241 -52.04 -14.53 -15.42
CA GLY G 241 -51.26 -15.72 -15.18
C GLY G 241 -49.78 -15.43 -15.23
N ARG G 242 -48.99 -16.47 -14.94
CA ARG G 242 -47.53 -16.32 -14.90
C ARG G 242 -46.87 -17.54 -15.51
N ILE G 243 -45.60 -17.39 -15.88
CA ILE G 243 -44.75 -18.49 -16.30
C ILE G 243 -43.38 -18.34 -15.64
N ASN G 244 -42.92 -19.39 -14.98
CA ASN G 244 -41.63 -19.39 -14.30
C ASN G 244 -40.62 -20.17 -15.12
N TYR G 245 -39.41 -19.63 -15.24
CA TYR G 245 -38.38 -20.16 -16.13
C TYR G 245 -37.22 -20.74 -15.32
N TYR G 246 -36.74 -21.91 -15.75
CA TYR G 246 -35.67 -22.62 -15.07
C TYR G 246 -34.64 -23.10 -16.09
N TRP G 247 -33.41 -23.30 -15.61
CA TRP G 247 -32.29 -23.70 -16.47
C TRP G 247 -31.37 -24.65 -15.70
N THR G 248 -30.56 -25.37 -16.46
CA THR G 248 -29.56 -26.27 -15.88
C THR G 248 -28.44 -26.50 -16.88
N LEU G 249 -27.30 -26.95 -16.37
CA LEU G 249 -26.13 -27.31 -17.17
C LEU G 249 -25.94 -28.82 -17.10
N LEU G 250 -25.81 -29.45 -18.25
CA LEU G 250 -25.68 -30.89 -18.37
C LEU G 250 -24.26 -31.24 -18.81
N GLU G 251 -23.61 -32.11 -18.04
CA GLU G 251 -22.25 -32.53 -18.31
C GLU G 251 -22.20 -33.57 -19.43
N PRO G 252 -21.05 -33.71 -20.09
CA PRO G 252 -20.94 -34.72 -21.15
C PRO G 252 -21.17 -36.13 -20.61
N GLY G 253 -21.93 -36.92 -21.36
CA GLY G 253 -22.25 -38.27 -20.98
C GLY G 253 -23.40 -38.42 -20.01
N ASP G 254 -24.06 -37.34 -19.64
CA ASP G 254 -25.15 -37.37 -18.66
C ASP G 254 -26.50 -37.38 -19.35
N THR G 255 -27.54 -37.68 -18.57
CA THR G 255 -28.90 -37.81 -19.06
C THR G 255 -29.85 -36.95 -18.23
N ILE G 256 -30.85 -36.37 -18.89
CA ILE G 256 -31.86 -35.56 -18.23
C ILE G 256 -33.24 -36.07 -18.65
N ILE G 257 -34.16 -36.13 -17.68
CA ILE G 257 -35.49 -36.70 -17.88
C ILE G 257 -36.54 -35.70 -17.41
N PHE G 258 -37.57 -35.54 -18.24
CA PHE G 258 -38.75 -34.72 -17.94
C PHE G 258 -39.97 -35.63 -17.83
N GLU G 259 -40.75 -35.46 -16.78
CA GLU G 259 -42.03 -36.13 -16.63
C GLU G 259 -43.09 -35.11 -16.27
N ALA G 260 -44.27 -35.24 -16.88
CA ALA G 260 -45.32 -34.26 -16.60
C ALA G 260 -46.68 -34.81 -16.97
N ASN G 261 -47.71 -34.26 -16.33
CA ASN G 261 -49.10 -34.49 -16.70
C ASN G 261 -49.86 -33.18 -16.90
N GLY G 262 -49.15 -32.06 -17.03
CA GLY G 262 -49.77 -30.77 -17.25
C GLY G 262 -48.85 -29.61 -16.89
N ASN G 263 -49.11 -28.45 -17.50
CA ASN G 263 -48.47 -27.18 -17.15
C ASN G 263 -46.99 -27.12 -17.52
N LEU G 264 -46.55 -27.83 -18.55
CA LEU G 264 -45.14 -27.84 -18.93
C LEU G 264 -44.92 -26.99 -20.18
N ILE G 265 -43.91 -26.14 -20.12
CA ILE G 265 -43.41 -25.42 -21.29
C ILE G 265 -42.11 -26.10 -21.69
N ALA G 266 -42.18 -26.94 -22.71
CA ALA G 266 -41.10 -27.85 -23.05
C ALA G 266 -39.93 -27.11 -23.71
N PRO G 267 -38.71 -27.60 -23.50
CA PRO G 267 -37.58 -27.07 -24.26
C PRO G 267 -37.68 -27.42 -25.73
N ARG G 268 -37.11 -26.56 -26.56
CA ARG G 268 -37.04 -26.80 -28.00
C ARG G 268 -35.64 -26.69 -28.56
N TYR G 269 -34.83 -25.77 -28.06
CA TYR G 269 -33.45 -25.59 -28.50
C TYR G 269 -32.53 -25.50 -27.29
N ALA G 270 -31.31 -26.01 -27.46
CA ALA G 270 -30.30 -25.97 -26.43
C ALA G 270 -29.00 -25.43 -27.01
N PHE G 271 -28.02 -25.21 -26.13
CA PHE G 271 -26.73 -24.63 -26.52
C PHE G 271 -25.60 -25.47 -25.95
N ALA G 272 -24.57 -25.70 -26.76
CA ALA G 272 -23.35 -26.39 -26.32
C ALA G 272 -22.25 -25.34 -26.15
N LEU G 273 -21.84 -25.12 -24.90
CA LEU G 273 -21.02 -23.97 -24.55
C LEU G 273 -19.54 -24.25 -24.76
N SER G 274 -18.81 -23.19 -25.10
CA SER G 274 -17.35 -23.22 -25.21
C SER G 274 -16.78 -22.03 -24.45
N ARG G 275 -15.79 -22.29 -23.61
CA ARG G 275 -15.29 -21.32 -22.65
C ARG G 275 -14.03 -20.61 -23.16
N GLY G 276 -13.74 -19.47 -22.57
CA GLY G 276 -12.57 -18.70 -22.92
C GLY G 276 -12.36 -17.57 -21.94
N PHE G 277 -11.15 -17.03 -21.94
CA PHE G 277 -10.76 -15.96 -21.03
C PHE G 277 -10.80 -14.61 -21.75
N GLY G 278 -11.08 -13.57 -20.99
CA GLY G 278 -11.05 -12.22 -21.52
C GLY G 278 -12.34 -11.78 -22.20
N SER G 279 -13.48 -12.06 -21.60
CA SER G 279 -14.77 -11.66 -22.13
C SER G 279 -15.65 -11.15 -21.00
N GLY G 280 -16.77 -10.55 -21.37
CA GLY G 280 -17.69 -10.03 -20.38
C GLY G 280 -18.86 -9.34 -21.04
N ILE G 281 -19.74 -8.81 -20.19
CA ILE G 281 -20.94 -8.09 -20.63
C ILE G 281 -20.84 -6.68 -20.07
N ILE G 282 -20.87 -5.69 -20.97
CA ILE G 282 -20.82 -4.29 -20.57
C ILE G 282 -22.03 -3.56 -21.13
N THR G 283 -22.46 -2.51 -20.44
CA THR G 283 -23.56 -1.68 -20.88
C THR G 283 -23.03 -0.36 -21.42
N SER G 284 -23.47 0.02 -22.60
CA SER G 284 -22.92 1.19 -23.29
C SER G 284 -23.96 1.80 -24.20
N ASN G 285 -23.73 3.05 -24.57
CA ASN G 285 -24.55 3.77 -25.54
C ASN G 285 -23.76 4.18 -26.78
N ALA G 286 -22.46 3.88 -26.83
CA ALA G 286 -21.63 4.30 -27.94
C ALA G 286 -22.01 3.55 -29.21
N PRO G 287 -21.81 4.16 -30.38
CA PRO G 287 -22.07 3.45 -31.64
C PRO G 287 -20.91 2.53 -32.02
N MET G 288 -21.19 1.65 -32.97
CA MET G 288 -20.22 0.66 -33.44
C MET G 288 -19.56 1.17 -34.71
N ASP G 289 -18.23 1.12 -34.73
CA ASP G 289 -17.44 1.55 -35.87
C ASP G 289 -16.57 0.41 -36.37
N GLU G 290 -15.68 0.71 -37.32
CA GLU G 290 -14.83 -0.28 -37.97
C GLU G 290 -13.39 -0.21 -37.48
N CYS G 291 -13.14 0.14 -36.22
CA CYS G 291 -11.72 0.28 -35.86
C CYS G 291 -11.20 -1.01 -35.24
N ASP G 292 -9.97 -0.97 -34.78
CA ASP G 292 -9.29 -2.12 -34.22
C ASP G 292 -8.47 -1.60 -33.04
N ALA G 293 -8.62 -2.22 -31.88
CA ALA G 293 -7.96 -1.73 -30.69
C ALA G 293 -7.64 -2.90 -29.76
N LYS G 294 -6.92 -2.59 -28.68
CA LYS G 294 -6.54 -3.57 -27.69
C LYS G 294 -7.26 -3.39 -26.36
N CYS G 295 -7.92 -2.26 -26.14
CA CYS G 295 -8.64 -1.98 -24.91
C CYS G 295 -9.98 -1.36 -25.24
N GLN G 296 -11.03 -1.82 -24.55
CA GLN G 296 -12.38 -1.29 -24.75
C GLN G 296 -12.98 -0.90 -23.41
N THR G 297 -13.64 0.24 -23.39
CA THR G 297 -14.35 0.76 -22.22
C THR G 297 -15.77 1.11 -22.64
N PRO G 298 -16.69 1.23 -21.67
CA PRO G 298 -18.06 1.64 -22.03
C PRO G 298 -18.16 3.00 -22.70
N GLN G 299 -17.13 3.83 -22.61
CA GLN G 299 -17.13 5.14 -23.25
C GLN G 299 -16.43 5.15 -24.61
N GLY G 300 -15.41 4.32 -24.80
CA GLY G 300 -14.69 4.29 -26.05
C GLY G 300 -13.44 3.44 -25.92
N ALA G 301 -12.77 3.29 -27.06
CA ALA G 301 -11.56 2.47 -27.14
C ALA G 301 -10.32 3.31 -26.82
N ILE G 302 -9.28 2.62 -26.35
CA ILE G 302 -8.03 3.26 -25.95
C ILE G 302 -6.90 2.63 -26.74
N ASN G 303 -6.07 3.49 -27.36
CA ASN G 303 -4.89 3.08 -28.12
C ASN G 303 -3.68 3.74 -27.46
N SER G 304 -3.13 3.09 -26.44
CA SER G 304 -2.05 3.72 -25.67
C SER G 304 -1.25 2.65 -24.95
N SER G 305 -0.03 3.02 -24.58
CA SER G 305 0.86 2.17 -23.81
C SER G 305 1.23 2.77 -22.46
N LEU G 306 0.53 3.82 -22.03
CA LEU G 306 0.82 4.45 -20.76
C LEU G 306 0.40 3.52 -19.60
N PRO G 307 1.05 3.65 -18.44
CA PRO G 307 0.73 2.75 -17.32
C PRO G 307 -0.53 3.10 -16.54
N PHE G 308 -1.12 4.28 -16.75
CA PHE G 308 -2.27 4.70 -15.97
C PHE G 308 -3.32 5.32 -16.87
N GLN G 309 -4.57 5.31 -16.40
CA GLN G 309 -5.68 5.95 -17.08
C GLN G 309 -6.71 6.38 -16.05
N ASN G 310 -7.57 7.32 -16.44
CA ASN G 310 -8.68 7.74 -15.58
C ASN G 310 -9.95 7.91 -16.40
N VAL G 311 -10.19 6.98 -17.33
CA VAL G 311 -11.35 7.06 -18.21
C VAL G 311 -12.53 6.31 -17.60
N HIS G 312 -12.35 5.02 -17.31
CA HIS G 312 -13.45 4.22 -16.76
C HIS G 312 -12.90 3.05 -15.98
N PRO G 313 -13.52 2.69 -14.84
CA PRO G 313 -13.07 1.50 -14.11
C PRO G 313 -13.27 0.20 -14.86
N VAL G 314 -14.26 0.11 -15.75
CA VAL G 314 -14.60 -1.12 -16.44
C VAL G 314 -13.84 -1.16 -17.77
N THR G 315 -13.10 -2.25 -18.00
CA THR G 315 -12.25 -2.37 -19.18
C THR G 315 -12.24 -3.81 -19.65
N ILE G 316 -12.01 -3.99 -20.96
CA ILE G 316 -11.86 -5.31 -21.56
C ILE G 316 -10.64 -5.27 -22.48
N GLY G 317 -9.72 -6.24 -22.30
CA GLY G 317 -8.55 -6.36 -23.13
C GLY G 317 -7.28 -6.11 -22.33
N GLU G 318 -6.30 -5.47 -22.99
CA GLU G 318 -5.04 -5.08 -22.36
C GLU G 318 -5.10 -3.58 -22.11
N CYS G 319 -5.29 -3.19 -20.86
CA CYS G 319 -5.61 -1.82 -20.49
C CYS G 319 -4.71 -1.32 -19.39
N PRO G 320 -4.52 0.00 -19.30
CA PRO G 320 -3.78 0.58 -18.18
C PRO G 320 -4.60 0.54 -16.90
N LYS G 321 -3.90 0.77 -15.79
CA LYS G 321 -4.53 0.73 -14.47
C LYS G 321 -5.32 2.01 -14.22
N TYR G 322 -6.50 1.87 -13.62
CA TYR G 322 -7.39 3.00 -13.38
C TYR G 322 -7.08 3.65 -12.05
N VAL G 323 -6.95 4.98 -12.05
CA VAL G 323 -6.71 5.76 -10.86
C VAL G 323 -7.63 6.98 -10.87
N ARG G 324 -7.77 7.59 -9.70
CA ARG G 324 -8.59 8.78 -9.54
C ARG G 324 -7.82 10.07 -9.75
N SER G 325 -6.54 9.98 -10.11
CA SER G 325 -5.69 11.15 -10.24
C SER G 325 -6.04 11.95 -11.49
N ALA G 326 -5.67 13.23 -11.47
CA ALA G 326 -5.82 14.10 -12.62
C ALA G 326 -4.50 14.55 -13.22
N LYS G 327 -3.37 14.23 -12.58
CA LYS G 327 -2.06 14.66 -13.05
C LYS G 327 -1.01 13.72 -12.51
N LEU G 328 -0.18 13.16 -13.40
CA LEU G 328 0.94 12.29 -13.01
C LEU G 328 2.06 12.51 -14.01
N ARG G 329 2.98 13.42 -13.67
CA ARG G 329 4.08 13.79 -14.55
C ARG G 329 5.40 13.56 -13.83
N MET G 330 6.36 12.97 -14.55
CA MET G 330 7.66 12.61 -14.00
C MET G 330 8.74 13.47 -14.67
N VAL G 331 9.57 14.09 -13.86
CA VAL G 331 10.65 14.93 -14.38
C VAL G 331 11.84 14.07 -14.75
N THR G 332 12.43 14.34 -15.91
CA THR G 332 13.67 13.70 -16.32
C THR G 332 14.82 14.68 -16.53
N GLY G 333 14.54 15.97 -16.67
CA GLY G 333 15.59 16.96 -16.89
C GLY G 333 15.87 17.83 -15.68
N LEU G 334 16.39 19.03 -15.93
CA LEU G 334 16.82 19.94 -14.88
C LEU G 334 15.75 21.00 -14.62
N ARG G 335 16.01 21.82 -13.61
CA ARG G 335 15.22 23.03 -13.40
C ARG G 335 15.47 24.03 -14.51
N ASN G 336 14.41 24.67 -14.99
CA ASN G 336 14.52 25.61 -16.10
C ASN G 336 14.73 27.01 -15.53
N ILE G 337 15.98 27.46 -15.54
CA ILE G 337 16.35 28.78 -15.04
C ILE G 337 17.13 29.52 -16.12
N PRO G 338 16.48 30.09 -17.11
CA PRO G 338 17.22 30.82 -18.16
C PRO G 338 17.77 32.14 -17.65
N SER G 339 19.09 32.21 -17.49
CA SER G 339 19.74 33.44 -17.03
C SER G 339 19.91 34.42 -18.18
N ILE G 349 29.93 36.03 -19.58
CA ILE G 349 29.39 34.68 -19.36
C ILE G 349 29.94 34.12 -18.06
N ALA G 350 29.05 33.63 -17.21
CA ALA G 350 29.40 33.09 -15.91
C ALA G 350 28.94 31.63 -15.81
N GLY G 351 29.35 30.98 -14.74
CA GLY G 351 29.11 29.56 -14.55
C GLY G 351 27.70 29.23 -14.09
N PHE G 352 27.59 28.11 -13.37
CA PHE G 352 26.30 27.54 -12.98
C PHE G 352 25.64 28.26 -11.81
N ILE G 353 26.37 29.14 -11.11
CA ILE G 353 25.79 29.80 -9.95
C ILE G 353 24.68 30.78 -10.33
N GLU G 354 24.75 31.39 -11.51
CA GLU G 354 23.71 32.33 -11.93
C GLU G 354 22.51 31.63 -12.56
N GLY G 355 22.73 30.73 -13.51
CA GLY G 355 21.63 30.06 -14.16
C GLY G 355 22.10 29.16 -15.28
N GLY G 356 21.14 28.74 -16.12
CA GLY G 356 21.43 27.83 -17.20
C GLY G 356 21.78 28.53 -18.50
N TRP G 357 22.36 27.75 -19.41
CA TRP G 357 22.82 28.26 -20.70
C TRP G 357 21.88 27.78 -21.80
N THR G 358 21.32 28.72 -22.55
CA THR G 358 20.53 28.36 -23.72
C THR G 358 21.40 28.06 -24.94
N GLY G 359 22.67 28.44 -24.90
CA GLY G 359 23.58 28.18 -26.00
C GLY G 359 24.20 26.79 -26.01
N MET G 360 24.02 26.02 -24.95
CA MET G 360 24.48 24.64 -24.89
C MET G 360 23.29 23.73 -25.14
N VAL G 361 23.33 22.99 -26.23
CA VAL G 361 22.16 22.25 -26.70
C VAL G 361 22.38 20.74 -26.77
N ASP G 362 23.62 20.26 -26.78
CA ASP G 362 23.90 18.85 -27.03
C ASP G 362 24.07 18.03 -25.76
N GLY G 363 23.79 18.60 -24.60
CA GLY G 363 23.97 17.86 -23.36
C GLY G 363 23.34 18.57 -22.20
N TRP G 364 23.55 18.00 -21.01
CA TRP G 364 23.01 18.54 -19.76
C TRP G 364 24.02 19.38 -18.99
N TYR G 365 25.30 18.99 -19.01
CA TYR G 365 26.37 19.73 -18.34
C TYR G 365 27.50 19.97 -19.31
N GLY G 366 28.23 21.06 -19.11
CA GLY G 366 29.33 21.36 -20.02
C GLY G 366 30.13 22.56 -19.60
N TYR G 367 30.97 23.02 -20.52
CA TYR G 367 31.94 24.09 -20.31
C TYR G 367 31.71 25.21 -21.31
N HIS G 368 32.18 26.40 -20.93
CA HIS G 368 32.33 27.53 -21.83
C HIS G 368 33.76 28.04 -21.70
N HIS G 369 34.48 28.10 -22.82
CA HIS G 369 35.89 28.47 -22.79
C HIS G 369 36.12 29.74 -23.59
N GLN G 370 37.12 30.51 -23.16
CA GLN G 370 37.47 31.78 -23.79
C GLN G 370 38.98 31.96 -23.74
N ASN G 371 39.61 32.01 -24.91
CA ASN G 371 41.06 32.19 -25.01
C ASN G 371 41.36 33.06 -26.23
N GLU G 372 42.66 33.23 -26.51
CA GLU G 372 43.10 34.18 -27.54
C GLU G 372 42.52 33.85 -28.91
N GLN G 373 42.27 32.58 -29.20
CA GLN G 373 41.76 32.19 -30.50
C GLN G 373 40.23 32.21 -30.59
N GLY G 374 39.54 32.48 -29.49
CA GLY G 374 38.09 32.61 -29.54
C GLY G 374 37.45 32.00 -28.31
N SER G 375 36.12 31.89 -28.37
CA SER G 375 35.34 31.39 -27.26
C SER G 375 34.23 30.50 -27.79
N GLY G 376 33.71 29.63 -26.93
CA GLY G 376 32.61 28.77 -27.33
C GLY G 376 32.17 27.83 -26.23
N TYR G 377 31.03 27.19 -26.49
CA TYR G 377 30.43 26.21 -25.61
C TYR G 377 30.77 24.79 -26.03
N ALA G 378 30.80 23.90 -25.05
CA ALA G 378 30.98 22.47 -25.31
C ALA G 378 30.27 21.69 -24.22
N ALA G 379 29.93 20.44 -24.53
CA ALA G 379 29.21 19.59 -23.59
C ALA G 379 30.10 18.45 -23.13
N ASP G 380 30.00 18.11 -21.85
CA ASP G 380 30.73 16.96 -21.31
C ASP G 380 29.95 15.69 -21.64
N GLN G 381 30.48 14.90 -22.57
CA GLN G 381 29.80 13.69 -23.00
C GLN G 381 29.83 12.60 -21.93
N LYS G 382 30.78 12.67 -21.00
CA LYS G 382 30.96 11.59 -20.04
C LYS G 382 29.91 11.59 -18.94
N SER G 383 29.69 12.72 -18.26
CA SER G 383 28.73 12.76 -17.15
C SER G 383 27.30 12.67 -17.62
N THR G 384 27.00 13.24 -18.80
CA THR G 384 25.66 13.16 -19.35
C THR G 384 25.25 11.71 -19.58
N GLN G 385 26.19 10.86 -19.97
CA GLN G 385 25.87 9.46 -20.22
C GLN G 385 25.44 8.74 -18.95
N ASN G 386 26.16 8.94 -17.84
CA ASN G 386 25.75 8.33 -16.57
C ASN G 386 24.43 8.90 -16.08
N ALA G 387 24.20 10.21 -16.24
CA ALA G 387 22.92 10.78 -15.86
C ALA G 387 21.78 10.15 -16.64
N ILE G 388 21.96 9.99 -17.95
CA ILE G 388 20.93 9.39 -18.80
C ILE G 388 20.71 7.93 -18.41
N ASN G 389 21.80 7.19 -18.15
CA ASN G 389 21.67 5.81 -17.72
C ASN G 389 20.82 5.69 -16.46
N GLY G 390 21.13 6.52 -15.46
CA GLY G 390 20.38 6.46 -14.21
C GLY G 390 18.92 6.82 -14.38
N ILE G 391 18.64 7.88 -15.13
CA ILE G 391 17.25 8.32 -15.32
C ILE G 391 16.46 7.26 -16.08
N THR G 392 17.05 6.69 -17.13
CA THR G 392 16.37 5.65 -17.89
C THR G 392 16.09 4.43 -17.03
N ASN G 393 17.06 4.02 -16.20
CA ASN G 393 16.83 2.90 -15.28
C ASN G 393 15.68 3.19 -14.33
N LYS G 394 15.64 4.41 -13.78
CA LYS G 394 14.58 4.77 -12.84
C LYS G 394 13.20 4.70 -13.49
N VAL G 395 13.08 5.27 -14.69
CA VAL G 395 11.79 5.27 -15.38
C VAL G 395 11.36 3.85 -15.72
N ASN G 396 12.30 3.03 -16.19
CA ASN G 396 11.97 1.65 -16.53
C ASN G 396 11.53 0.87 -15.29
N SER G 397 12.20 1.08 -14.16
CA SER G 397 11.80 0.41 -12.93
C SER G 397 10.40 0.81 -12.50
N VAL G 398 10.09 2.11 -12.59
CA VAL G 398 8.76 2.59 -12.23
C VAL G 398 7.70 1.95 -13.12
N ILE G 399 7.97 1.88 -14.42
CA ILE G 399 7.02 1.25 -15.34
C ILE G 399 6.85 -0.22 -15.00
N GLU G 400 7.95 -0.93 -14.71
CA GLU G 400 7.89 -2.35 -14.49
C GLU G 400 7.15 -2.72 -13.20
N LYS G 401 7.28 -1.90 -12.15
CA LYS G 401 6.67 -2.24 -10.88
C LYS G 401 5.13 -2.26 -10.94
N MET G 402 4.53 -1.65 -11.96
CA MET G 402 3.08 -1.63 -12.12
C MET G 402 2.69 -2.54 -13.28
N ASN G 403 1.74 -3.44 -13.03
CA ASN G 403 1.31 -4.42 -14.02
C ASN G 403 0.04 -3.96 -14.72
N THR G 404 -0.18 -4.49 -15.92
CA THR G 404 -1.33 -4.11 -16.73
C THR G 404 -2.61 -4.71 -16.19
N GLN G 405 -3.73 -4.04 -16.45
CA GLN G 405 -5.04 -4.50 -16.05
C GLN G 405 -5.63 -5.43 -17.10
N PHE G 406 -6.28 -6.49 -16.64
CA PHE G 406 -6.99 -7.40 -17.52
C PHE G 406 -8.49 -7.17 -17.39
N THR G 407 -9.28 -8.04 -18.03
CA THR G 407 -10.73 -7.88 -18.04
C THR G 407 -11.28 -7.85 -16.62
N ALA G 408 -12.12 -6.85 -16.35
CA ALA G 408 -12.72 -6.69 -15.03
C ALA G 408 -14.05 -5.96 -15.22
N VAL G 409 -15.15 -6.71 -15.11
CA VAL G 409 -16.49 -6.15 -15.27
C VAL G 409 -17.24 -6.33 -13.97
N GLY G 410 -18.44 -5.73 -13.87
CA GLY G 410 -19.21 -5.78 -12.65
C GLY G 410 -20.13 -6.99 -12.58
N LYS G 411 -20.78 -7.13 -11.43
CA LYS G 411 -21.74 -8.18 -11.15
C LYS G 411 -23.13 -7.60 -10.98
N GLU G 412 -24.10 -8.49 -10.82
CA GLU G 412 -25.49 -8.09 -10.61
C GLU G 412 -26.07 -8.85 -9.43
N PHE G 413 -26.97 -8.18 -8.70
CA PHE G 413 -27.61 -8.74 -7.52
C PHE G 413 -29.09 -8.40 -7.56
N ASN G 414 -29.90 -9.23 -6.90
CA ASN G 414 -31.33 -8.99 -6.82
C ASN G 414 -31.63 -8.20 -5.54
N LYS G 415 -32.91 -8.01 -5.23
CA LYS G 415 -33.30 -7.12 -4.15
C LYS G 415 -33.00 -7.68 -2.77
N LEU G 416 -32.88 -9.00 -2.64
CA LEU G 416 -32.60 -9.62 -1.35
C LEU G 416 -31.13 -9.93 -1.15
N GLU G 417 -30.24 -9.25 -1.88
CA GLU G 417 -28.80 -9.49 -1.82
C GLU G 417 -28.05 -8.17 -1.68
N ARG G 418 -28.51 -7.33 -0.76
CA ARG G 418 -27.90 -6.01 -0.59
C ARG G 418 -26.56 -6.07 0.14
N ARG G 419 -26.40 -7.00 1.08
CA ARG G 419 -25.15 -7.11 1.82
C ARG G 419 -23.99 -7.53 0.91
N MET G 420 -24.24 -8.47 0.00
CA MET G 420 -23.20 -8.87 -0.95
C MET G 420 -22.83 -7.72 -1.87
N GLU G 421 -23.82 -6.95 -2.32
CA GLU G 421 -23.55 -5.79 -3.16
C GLU G 421 -22.71 -4.75 -2.42
N ASN G 422 -23.04 -4.50 -1.16
CA ASN G 422 -22.27 -3.54 -0.36
C ASN G 422 -20.84 -4.02 -0.15
N LEU G 423 -20.66 -5.32 0.09
CA LEU G 423 -19.30 -5.86 0.25
C LEU G 423 -18.50 -5.72 -1.03
N ASN G 424 -19.12 -6.01 -2.18
CA ASN G 424 -18.44 -5.85 -3.46
C ASN G 424 -18.00 -4.40 -3.67
N LYS G 425 -18.91 -3.45 -3.40
CA LYS G 425 -18.59 -2.04 -3.55
C LYS G 425 -17.46 -1.63 -2.62
N LYS G 426 -17.48 -2.12 -1.37
CA LYS G 426 -16.43 -1.79 -0.42
C LYS G 426 -15.07 -2.28 -0.90
N VAL G 427 -15.02 -3.51 -1.42
CA VAL G 427 -13.75 -4.05 -1.92
C VAL G 427 -13.21 -3.20 -3.06
N ASP G 428 -14.09 -2.87 -4.02
CA ASP G 428 -13.66 -2.09 -5.17
C ASP G 428 -13.13 -0.72 -4.74
N ASP G 429 -13.86 -0.03 -3.87
CA ASP G 429 -13.46 1.29 -3.44
C ASP G 429 -12.13 1.26 -2.67
N GLY G 430 -11.96 0.26 -1.80
CA GLY G 430 -10.71 0.18 -1.05
C GLY G 430 -9.51 -0.03 -1.94
N PHE G 431 -9.62 -0.95 -2.90
CA PHE G 431 -8.49 -1.19 -3.79
C PHE G 431 -8.16 0.06 -4.62
N LEU G 432 -9.21 0.75 -5.10
CA LEU G 432 -8.97 1.97 -5.89
C LEU G 432 -8.25 3.03 -5.05
N ASP G 433 -8.69 3.23 -3.81
CA ASP G 433 -8.04 4.20 -2.94
C ASP G 433 -6.57 3.87 -2.73
N ILE G 434 -6.28 2.60 -2.44
CA ILE G 434 -4.91 2.21 -2.16
C ILE G 434 -4.01 2.45 -3.37
N TRP G 435 -4.48 2.08 -4.56
CA TRP G 435 -3.63 2.23 -5.74
C TRP G 435 -3.42 3.70 -6.12
N THR G 436 -4.46 4.54 -5.96
CA THR G 436 -4.29 5.96 -6.21
C THR G 436 -3.24 6.56 -5.28
N TYR G 437 -3.32 6.21 -3.99
CA TYR G 437 -2.34 6.69 -3.02
C TYR G 437 -0.93 6.26 -3.41
N ASN G 438 -0.77 4.99 -3.77
CA ASN G 438 0.56 4.48 -4.13
C ASN G 438 1.15 5.25 -5.30
N ALA G 439 0.37 5.43 -6.38
CA ALA G 439 0.89 6.09 -7.56
C ALA G 439 1.30 7.52 -7.26
N GLU G 440 0.42 8.27 -6.60
CA GLU G 440 0.72 9.68 -6.33
C GLU G 440 1.96 9.81 -5.44
N LEU G 441 2.05 8.99 -4.39
CA LEU G 441 3.19 9.07 -3.49
C LEU G 441 4.50 8.73 -4.21
N LEU G 442 4.47 7.71 -5.06
CA LEU G 442 5.69 7.33 -5.79
C LEU G 442 6.18 8.46 -6.67
N VAL G 443 5.27 9.08 -7.43
CA VAL G 443 5.69 10.17 -8.33
C VAL G 443 6.24 11.33 -7.52
N LEU G 444 5.54 11.72 -6.45
CA LEU G 444 5.98 12.86 -5.66
C LEU G 444 7.35 12.62 -5.05
N LEU G 445 7.61 11.39 -4.58
CA LEU G 445 8.88 11.12 -3.93
C LEU G 445 10.04 11.01 -4.92
N GLU G 446 9.80 10.49 -6.13
CA GLU G 446 10.89 10.39 -7.09
C GLU G 446 11.26 11.75 -7.68
N ASN G 447 10.29 12.68 -7.78
CA ASN G 447 10.57 13.96 -8.40
C ASN G 447 11.66 14.74 -7.68
N GLU G 448 11.73 14.66 -6.35
CA GLU G 448 12.75 15.37 -5.59
C GLU G 448 14.13 14.75 -5.73
N ARG G 449 14.19 13.42 -5.71
CA ARG G 449 15.47 12.73 -5.83
C ARG G 449 16.11 13.00 -7.18
N THR G 450 15.30 13.13 -8.24
CA THR G 450 15.87 13.45 -9.55
C THR G 450 16.62 14.78 -9.54
N LEU G 451 16.00 15.81 -8.97
CA LEU G 451 16.62 17.13 -8.96
C LEU G 451 17.86 17.15 -8.07
N ASP G 452 17.81 16.45 -6.93
CA ASP G 452 19.00 16.34 -6.09
C ASP G 452 20.13 15.65 -6.84
N PHE G 453 19.80 14.61 -7.61
CA PHE G 453 20.78 13.90 -8.42
C PHE G 453 21.47 14.84 -9.41
N HIS G 454 20.68 15.67 -10.11
CA HIS G 454 21.27 16.59 -11.07
C HIS G 454 22.19 17.61 -10.39
N ASP G 455 21.75 18.16 -9.24
CA ASP G 455 22.60 19.11 -8.53
C ASP G 455 23.91 18.48 -8.09
N SER G 456 23.85 17.24 -7.58
CA SER G 456 25.06 16.56 -7.17
C SER G 456 26.00 16.32 -8.35
N ASN G 457 25.44 16.00 -9.52
CA ASN G 457 26.28 15.79 -10.70
C ASN G 457 27.02 17.06 -11.08
N VAL G 458 26.31 18.20 -11.09
CA VAL G 458 26.97 19.46 -11.43
C VAL G 458 28.08 19.80 -10.42
N LYS G 459 27.79 19.61 -9.14
CA LYS G 459 28.80 19.89 -8.11
C LYS G 459 30.02 19.00 -8.28
N ASN G 460 29.81 17.71 -8.57
CA ASN G 460 30.93 16.80 -8.77
C ASN G 460 31.78 17.21 -9.96
N LEU G 461 31.15 17.63 -11.06
CA LEU G 461 31.93 18.10 -12.20
C LEU G 461 32.76 19.32 -11.84
N TYR G 462 32.18 20.28 -11.11
CA TYR G 462 32.92 21.47 -10.71
C TYR G 462 34.12 21.11 -9.83
N GLU G 463 33.92 20.23 -8.86
CA GLU G 463 35.02 19.84 -7.97
C GLU G 463 36.10 19.07 -8.72
N LYS G 464 35.71 18.22 -9.67
CA LYS G 464 36.69 17.50 -10.46
C LYS G 464 37.55 18.46 -11.27
N VAL G 465 36.94 19.50 -11.83
CA VAL G 465 37.74 20.48 -12.57
C VAL G 465 38.63 21.28 -11.61
N LYS G 466 38.11 21.65 -10.44
CA LYS G 466 38.91 22.46 -9.52
C LYS G 466 40.10 21.68 -8.96
N SER G 467 39.99 20.36 -8.85
CA SER G 467 41.05 19.54 -8.29
C SER G 467 42.09 19.14 -9.33
N GLN G 468 42.21 19.92 -10.41
CA GLN G 468 43.16 19.64 -11.48
C GLN G 468 44.05 20.82 -11.84
N LEU G 469 43.69 22.04 -11.46
CA LEU G 469 44.48 23.22 -11.79
C LEU G 469 45.32 23.72 -10.63
N LYS G 470 44.93 23.43 -9.40
CA LYS G 470 45.65 23.83 -8.19
C LYS G 470 45.93 25.32 -8.15
N ASN G 471 47.21 25.69 -8.10
CA ASN G 471 47.61 27.08 -7.95
C ASN G 471 47.72 27.83 -9.28
N ASN G 472 47.65 27.12 -10.41
CA ASN G 472 47.82 27.77 -11.71
C ASN G 472 46.58 28.51 -12.17
N ALA G 473 45.53 28.59 -11.35
CA ALA G 473 44.31 29.28 -11.74
C ALA G 473 43.68 29.92 -10.51
N LYS G 474 42.85 30.92 -10.77
CA LYS G 474 42.13 31.66 -9.74
C LYS G 474 40.64 31.38 -9.85
N GLU G 475 40.02 31.06 -8.71
CA GLU G 475 38.59 30.80 -8.64
C GLU G 475 37.88 32.10 -8.28
N ILE G 476 37.03 32.58 -9.20
CA ILE G 476 36.39 33.88 -9.03
C ILE G 476 34.99 33.76 -8.42
N GLY G 477 34.58 32.56 -8.03
CA GLY G 477 33.42 32.38 -7.19
C GLY G 477 32.08 32.28 -7.88
N ASN G 478 32.03 32.31 -9.22
CA ASN G 478 30.77 32.14 -9.93
C ASN G 478 30.75 30.86 -10.77
N GLY G 479 31.66 29.94 -10.51
CA GLY G 479 31.79 28.75 -11.32
C GLY G 479 32.82 28.83 -12.42
N CYS G 480 33.66 29.86 -12.42
CA CYS G 480 34.65 30.08 -13.47
C CYS G 480 36.06 30.10 -12.89
N PHE G 481 37.02 29.78 -13.74
CA PHE G 481 38.43 29.74 -13.40
C PHE G 481 39.19 30.60 -14.41
N GLU G 482 40.08 31.45 -13.89
CA GLU G 482 40.92 32.33 -14.70
C GLU G 482 42.37 31.85 -14.61
N PHE G 483 42.97 31.56 -15.76
CA PHE G 483 44.31 31.01 -15.77
C PHE G 483 45.35 32.10 -15.55
N TYR G 484 46.36 31.77 -14.75
CA TYR G 484 47.50 32.66 -14.54
C TYR G 484 48.44 32.67 -15.72
N HIS G 485 48.61 31.53 -16.39
CA HIS G 485 49.41 31.44 -17.59
C HIS G 485 48.51 31.55 -18.83
N LYS G 486 49.14 31.65 -19.99
CA LYS G 486 48.42 31.70 -21.26
C LYS G 486 48.48 30.33 -21.92
N CYS G 487 47.32 29.80 -22.30
CA CYS G 487 47.25 28.48 -22.91
C CYS G 487 46.25 28.49 -24.05
N ASN G 488 46.61 27.83 -25.15
CA ASN G 488 45.83 27.84 -26.38
C ASN G 488 44.74 26.76 -26.32
N ASN G 489 44.16 26.46 -27.48
CA ASN G 489 43.07 25.49 -27.57
C ASN G 489 43.46 24.11 -27.08
N GLU G 490 44.74 23.74 -27.18
CA GLU G 490 45.18 22.44 -26.70
C GLU G 490 45.05 22.33 -25.19
N CYS G 491 45.40 23.40 -24.47
CA CYS G 491 45.23 23.39 -23.02
C CYS G 491 43.76 23.26 -22.64
N MET G 492 42.87 23.96 -23.34
CA MET G 492 41.45 23.83 -23.06
C MET G 492 40.96 22.41 -23.32
N GLU G 493 41.35 21.84 -24.47
CA GLU G 493 40.95 20.49 -24.81
C GLU G 493 41.57 19.45 -23.90
N SER G 494 42.65 19.78 -23.20
CA SER G 494 43.25 18.88 -22.22
C SER G 494 42.62 19.02 -20.84
N VAL G 495 42.18 20.23 -20.47
CA VAL G 495 41.47 20.41 -19.21
C VAL G 495 40.09 19.74 -19.31
N LYS G 496 39.43 19.86 -20.46
CA LYS G 496 38.17 19.18 -20.69
C LYS G 496 38.34 17.71 -21.05
N ASN G 497 39.52 17.15 -20.77
CA ASN G 497 39.89 15.82 -21.20
C ASN G 497 40.17 14.91 -20.01
N GLY G 498 40.64 15.50 -18.92
CA GLY G 498 41.07 14.76 -17.75
C GLY G 498 42.57 14.58 -17.65
N THR G 499 43.33 14.97 -18.67
CA THR G 499 44.78 14.83 -18.72
C THR G 499 45.40 16.21 -18.90
N TYR G 500 45.69 16.88 -17.78
CA TYR G 500 46.24 18.23 -17.79
C TYR G 500 47.59 18.21 -17.08
N ASP G 501 48.61 18.73 -17.75
CA ASP G 501 49.98 18.69 -17.25
C ASP G 501 50.21 19.89 -16.34
N TYR G 502 50.04 19.67 -15.03
CA TYR G 502 50.35 20.71 -14.05
C TYR G 502 51.84 21.07 -14.03
N PRO G 503 52.79 20.14 -14.01
CA PRO G 503 54.21 20.56 -13.98
C PRO G 503 54.64 21.38 -15.18
N LYS G 504 54.03 21.15 -16.34
CA LYS G 504 54.46 21.85 -17.56
C LYS G 504 54.26 23.35 -17.44
N TYR G 505 53.18 23.78 -16.80
CA TYR G 505 52.83 25.20 -16.72
C TYR G 505 53.11 25.80 -15.35
N SER G 506 53.78 25.08 -14.47
CA SER G 506 54.06 25.56 -13.12
C SER G 506 54.97 26.78 -13.13
N VAL H 3 4.13 58.19 18.71
CA VAL H 3 3.08 58.24 17.70
C VAL H 3 3.60 58.96 16.47
N LEU H 4 2.87 58.82 15.36
CA LEU H 4 3.22 59.46 14.09
C LEU H 4 2.20 60.54 13.79
N THR H 5 2.70 61.74 13.51
CA THR H 5 1.85 62.91 13.29
C THR H 5 1.76 63.20 11.80
N GLN H 6 0.53 63.43 11.32
CA GLN H 6 0.25 63.78 9.94
C GLN H 6 -0.65 65.01 9.92
N PRO H 7 -0.64 65.77 8.83
CA PRO H 7 -1.63 66.84 8.67
C PRO H 7 -3.04 66.27 8.64
N PRO H 8 -3.99 66.93 9.30
CA PRO H 8 -5.35 66.37 9.37
C PRO H 8 -6.09 66.35 8.03
N SER H 9 -5.79 67.28 7.12
CA SER H 9 -6.53 67.35 5.87
C SER H 9 -5.71 68.10 4.82
N VAL H 10 -5.67 67.55 3.61
CA VAL H 10 -5.04 68.20 2.47
C VAL H 10 -5.97 68.05 1.26
N SER H 11 -6.05 69.10 0.44
CA SER H 11 -6.97 69.12 -0.68
C SER H 11 -6.28 69.72 -1.90
N ALA H 12 -6.68 69.24 -3.08
CA ALA H 12 -6.14 69.74 -4.35
C ALA H 12 -7.09 69.37 -5.47
N ALA H 13 -6.88 70.01 -6.63
CA ALA H 13 -7.69 69.85 -7.81
C ALA H 13 -7.33 68.56 -8.54
N PRO H 14 -8.25 68.02 -9.35
CA PRO H 14 -7.94 66.80 -10.10
C PRO H 14 -6.77 67.01 -11.05
N GLY H 15 -5.97 65.96 -11.22
CA GLY H 15 -4.82 66.00 -12.10
C GLY H 15 -3.59 66.67 -11.52
N GLN H 16 -3.62 67.02 -10.24
CA GLN H 16 -2.51 67.70 -9.58
C GLN H 16 -1.64 66.69 -8.84
N LYS H 17 -0.70 67.19 -8.05
CA LYS H 17 0.22 66.35 -7.28
C LYS H 17 0.09 66.71 -5.81
N VAL H 18 -0.04 65.70 -4.96
CA VAL H 18 -0.23 65.89 -3.53
C VAL H 18 0.81 65.08 -2.77
N THR H 19 1.43 65.71 -1.77
CA THR H 19 2.35 65.05 -0.86
C THR H 19 1.78 65.08 0.55
N ILE H 20 1.73 63.92 1.19
CA ILE H 20 1.25 63.79 2.56
C ILE H 20 2.44 63.39 3.43
N SER H 21 2.65 64.14 4.51
CA SER H 21 3.80 63.95 5.38
C SER H 21 3.42 63.18 6.63
N CYS H 22 4.35 63.24 7.60
CA CYS H 22 4.19 62.47 8.86
C CYS H 22 5.52 62.55 9.61
N SER H 23 5.53 63.16 10.79
CA SER H 23 6.81 63.35 11.53
C SER H 23 6.77 62.57 12.84
N GLY H 24 7.54 61.48 12.93
CA GLY H 24 7.60 60.76 14.20
C GLY H 24 8.85 61.17 14.98
N SER H 25 9.54 60.16 15.51
CA SER H 25 10.74 60.34 16.29
C SER H 25 11.80 59.34 15.83
N SER H 26 12.97 59.40 16.47
CA SER H 26 14.07 58.51 16.11
C SER H 26 13.80 57.06 16.50
N SER H 27 12.82 56.80 17.36
CA SER H 27 12.52 55.44 17.79
C SER H 27 11.57 54.71 16.84
N ASN H 28 10.62 55.43 16.24
CA ASN H 28 9.63 54.81 15.38
C ASN H 28 10.03 54.85 13.91
N ILE H 29 10.24 56.04 13.37
CA ILE H 29 10.55 56.17 11.95
C ILE H 29 12.05 56.25 11.69
N GLY H 30 12.79 56.87 12.60
CA GLY H 30 14.22 57.03 12.42
C GLY H 30 15.04 55.75 12.51
N ASN H 31 14.42 54.64 12.90
CA ASN H 31 15.14 53.37 13.01
C ASN H 31 14.36 52.21 12.43
N ASP H 32 13.36 52.46 11.59
CA ASP H 32 12.55 51.39 11.02
C ASP H 32 11.90 51.90 9.74
N TYR H 33 11.28 50.97 9.01
CA TYR H 33 10.63 51.28 7.75
C TYR H 33 9.23 51.84 7.99
N VAL H 34 8.64 52.38 6.93
CA VAL H 34 7.33 53.01 6.97
C VAL H 34 6.46 52.37 5.89
N SER H 35 5.18 52.15 6.21
CA SER H 35 4.23 51.63 5.26
C SER H 35 3.03 52.57 5.17
N TRP H 36 2.41 52.60 3.99
CA TRP H 36 1.30 53.49 3.70
C TRP H 36 0.08 52.69 3.27
N TYR H 37 -1.04 52.91 3.95
CA TYR H 37 -2.31 52.25 3.69
C TYR H 37 -3.37 53.27 3.29
N GLN H 38 -4.30 52.82 2.45
CA GLN H 38 -5.46 53.61 2.05
C GLN H 38 -6.74 52.93 2.51
N GLN H 39 -7.69 53.72 3.01
CA GLN H 39 -8.96 53.21 3.49
C GLN H 39 -10.10 54.03 2.88
N LEU H 40 -10.90 53.37 2.04
CA LEU H 40 -12.15 53.86 1.49
C LEU H 40 -13.28 53.64 2.49
N PRO H 41 -14.37 54.40 2.39
CA PRO H 41 -15.46 54.23 3.37
C PRO H 41 -16.18 52.90 3.16
N GLY H 42 -16.36 52.17 4.26
CA GLY H 42 -17.04 50.89 4.22
C GLY H 42 -16.17 49.70 3.86
N THR H 43 -14.86 49.89 3.71
CA THR H 43 -13.95 48.81 3.34
C THR H 43 -12.76 48.78 4.29
N ALA H 44 -12.07 47.65 4.29
CA ALA H 44 -10.86 47.49 5.08
C ALA H 44 -9.72 48.29 4.45
N PRO H 45 -8.73 48.69 5.26
CA PRO H 45 -7.58 49.42 4.71
C PRO H 45 -6.85 48.58 3.66
N LYS H 46 -6.35 49.27 2.63
CA LYS H 46 -5.64 48.64 1.53
C LYS H 46 -4.19 49.10 1.54
N LEU H 47 -3.27 48.15 1.44
CA LEU H 47 -1.84 48.49 1.45
C LEU H 47 -1.46 49.20 0.17
N LEU H 48 -0.76 50.33 0.30
CA LEU H 48 -0.30 51.11 -0.83
C LEU H 48 1.22 51.02 -1.02
N ILE H 49 1.99 51.33 0.02
CA ILE H 49 3.44 51.35 -0.08
C ILE H 49 4.03 50.55 1.08
N TYR H 50 5.06 49.77 0.79
CA TYR H 50 5.82 49.07 1.82
C TYR H 50 7.31 49.13 1.47
N ASP H 51 8.14 48.81 2.45
CA ASP H 51 9.60 48.90 2.32
C ASP H 51 10.06 50.30 1.94
N ASN H 52 9.19 51.28 2.20
CA ASN H 52 9.48 52.71 2.15
C ASN H 52 9.58 53.25 0.73
N ASN H 53 9.66 52.38 -0.27
CA ASN H 53 9.48 52.83 -1.65
C ASN H 53 8.79 51.81 -2.55
N LYS H 54 8.48 50.61 -2.07
CA LYS H 54 8.02 49.53 -2.93
C LYS H 54 6.50 49.53 -3.02
N ARG H 55 5.98 49.01 -4.13
CA ARG H 55 4.56 48.92 -4.38
C ARG H 55 4.15 47.48 -4.63
N PRO H 56 3.02 47.03 -4.06
CA PRO H 56 2.53 45.69 -4.35
C PRO H 56 1.96 45.61 -5.76
N SER H 57 1.71 44.38 -6.19
CA SER H 57 1.13 44.15 -7.50
C SER H 57 -0.28 44.74 -7.56
N GLY H 58 -0.59 45.42 -8.66
CA GLY H 58 -1.87 46.06 -8.85
C GLY H 58 -1.93 47.51 -8.44
N ILE H 59 -0.86 48.04 -7.84
CA ILE H 59 -0.81 49.45 -7.44
C ILE H 59 -0.27 50.28 -8.59
N PRO H 60 -0.97 51.34 -9.00
CA PRO H 60 -0.52 52.13 -10.15
C PRO H 60 0.76 52.91 -9.83
N ASP H 61 1.45 53.30 -10.91
CA ASP H 61 2.73 53.98 -10.77
C ASP H 61 2.60 55.37 -10.19
N ARG H 62 1.41 55.98 -10.22
CA ARG H 62 1.25 57.33 -9.74
C ARG H 62 1.41 57.45 -8.23
N PHE H 63 1.41 56.34 -7.50
CA PHE H 63 1.67 56.35 -6.06
C PHE H 63 3.17 56.14 -5.84
N SER H 64 3.75 56.94 -4.95
CA SER H 64 5.15 56.77 -4.62
C SER H 64 5.38 57.18 -3.17
N GLY H 65 6.50 56.74 -2.62
CA GLY H 65 6.81 57.06 -1.23
C GLY H 65 8.31 57.23 -1.03
N SER H 66 8.65 57.98 0.01
CA SER H 66 10.04 58.20 0.37
C SER H 66 10.12 58.55 1.84
N LYS H 67 11.34 58.50 2.39
CA LYS H 67 11.56 58.87 3.79
C LYS H 67 12.93 59.50 3.93
N SER H 68 12.96 60.71 4.48
CA SER H 68 14.20 61.42 4.75
C SER H 68 14.30 61.64 6.25
N GLY H 69 15.39 61.15 6.85
CA GLY H 69 15.63 61.34 8.26
C GLY H 69 14.52 60.80 9.13
N THR H 70 13.74 61.71 9.70
CA THR H 70 12.62 61.36 10.57
C THR H 70 11.27 61.40 9.87
N SER H 71 11.16 62.10 8.75
CA SER H 71 9.86 62.34 8.13
C SER H 71 9.72 61.56 6.83
N ALA H 72 8.56 60.92 6.66
CA ALA H 72 8.23 60.20 5.44
C ALA H 72 7.18 60.97 4.64
N THR H 73 7.14 60.71 3.34
CA THR H 73 6.25 61.42 2.44
C THR H 73 5.64 60.44 1.45
N LEU H 74 4.34 60.57 1.22
CA LEU H 74 3.62 59.82 0.20
C LEU H 74 3.14 60.78 -0.88
N GLY H 75 3.48 60.48 -2.13
CA GLY H 75 3.15 61.35 -3.23
C GLY H 75 2.21 60.70 -4.21
N ILE H 76 1.18 61.44 -4.62
CA ILE H 76 0.16 60.96 -5.53
C ILE H 76 0.01 61.97 -6.67
N THR H 77 0.07 61.48 -7.90
CA THR H 77 -0.09 62.30 -9.09
C THR H 77 -1.27 61.79 -9.91
N GLY H 78 -1.75 62.66 -10.81
CA GLY H 78 -2.89 62.30 -11.64
C GLY H 78 -4.14 62.02 -10.85
N LEU H 79 -4.48 62.92 -9.93
CA LEU H 79 -5.60 62.70 -9.03
C LEU H 79 -6.90 62.53 -9.80
N GLN H 80 -7.73 61.60 -9.33
CA GLN H 80 -9.05 61.35 -9.89
C GLN H 80 -10.11 61.57 -8.82
N THR H 81 -11.36 61.31 -9.19
CA THR H 81 -12.44 61.40 -8.22
C THR H 81 -12.42 60.24 -7.24
N GLY H 82 -11.91 59.09 -7.66
CA GLY H 82 -11.86 57.91 -6.83
C GLY H 82 -10.67 57.82 -5.89
N ASP H 83 -9.81 58.84 -5.87
CA ASP H 83 -8.65 58.89 -4.98
C ASP H 83 -8.92 59.74 -3.74
N GLU H 84 -10.16 59.79 -3.28
CA GLU H 84 -10.53 60.52 -2.08
C GLU H 84 -10.89 59.51 -0.99
N ALA H 85 -10.04 59.40 0.02
CA ALA H 85 -10.19 58.42 1.08
C ALA H 85 -9.27 58.83 2.23
N ASN H 86 -9.13 57.94 3.22
CA ASN H 86 -8.23 58.17 4.34
C ASN H 86 -6.89 57.49 4.06
N TYR H 87 -5.80 58.11 4.53
CA TYR H 87 -4.46 57.58 4.32
C TYR H 87 -3.73 57.50 5.65
N TYR H 88 -3.07 56.38 5.90
CA TYR H 88 -2.43 56.12 7.18
C TYR H 88 -0.99 55.67 6.98
N CYS H 89 -0.10 56.20 7.82
CA CYS H 89 1.28 55.74 7.88
C CYS H 89 1.48 54.86 9.11
N ALA H 90 2.16 53.74 8.92
CA ALA H 90 2.37 52.76 9.99
C ALA H 90 3.84 52.39 10.06
N THR H 91 4.29 52.08 11.28
CA THR H 91 5.67 51.65 11.48
C THR H 91 5.73 50.72 12.68
N TRP H 92 6.90 50.13 12.88
CA TRP H 92 7.12 49.11 13.91
C TRP H 92 7.96 49.72 15.02
N ASP H 93 7.29 50.34 16.00
CA ASP H 93 8.00 50.92 17.12
C ASP H 93 8.62 49.82 17.96
N ARG H 94 9.83 50.06 18.47
CA ARG H 94 10.54 49.04 19.24
C ARG H 94 11.52 49.73 20.18
N ARG H 95 11.15 49.79 21.46
CA ARG H 95 12.10 50.13 22.50
C ARG H 95 11.69 49.46 23.82
N PRO H 96 10.64 49.95 24.53
CA PRO H 96 10.27 49.24 25.77
C PRO H 96 9.58 47.91 25.52
N THR H 97 8.52 47.93 24.72
CA THR H 97 7.84 46.74 24.23
C THR H 97 7.40 47.07 22.80
N ALA H 98 7.95 46.36 21.82
CA ALA H 98 7.71 46.70 20.43
C ALA H 98 6.25 46.47 20.05
N TYR H 99 5.72 47.36 19.20
CA TYR H 99 4.36 47.22 18.70
C TYR H 99 4.21 48.02 17.42
N VAL H 100 3.16 47.68 16.66
CA VAL H 100 2.82 48.43 15.45
C VAL H 100 2.11 49.71 15.85
N VAL H 101 2.54 50.83 15.27
CA VAL H 101 1.90 52.12 15.50
C VAL H 101 1.44 52.69 14.17
N PHE H 102 0.17 53.09 14.12
CA PHE H 102 -0.42 53.75 12.97
C PHE H 102 -0.39 55.26 13.17
N GLY H 103 -0.49 55.99 12.06
CA GLY H 103 -0.55 57.43 12.12
C GLY H 103 -1.94 57.94 12.48
N GLY H 104 -2.03 59.26 12.64
CA GLY H 104 -3.30 59.87 12.97
C GLY H 104 -4.30 59.86 11.83
N GLY H 105 -3.83 59.78 10.60
CA GLY H 105 -4.71 59.75 9.45
C GLY H 105 -4.84 61.12 8.79
N THR H 106 -5.06 61.11 7.49
CA THR H 106 -5.18 62.34 6.71
C THR H 106 -6.29 62.18 5.69
N LYS H 107 -7.23 63.13 5.68
CA LYS H 107 -8.33 63.11 4.72
C LYS H 107 -7.89 63.84 3.45
N LEU H 108 -8.00 63.17 2.32
CA LEU H 108 -7.68 63.74 1.02
C LEU H 108 -8.98 64.08 0.31
N THR H 109 -9.25 65.37 0.16
CA THR H 109 -10.46 65.85 -0.49
C THR H 109 -10.10 66.41 -1.87
N VAL H 110 -10.86 66.01 -2.89
CA VAL H 110 -10.64 66.47 -4.25
C VAL H 110 -11.69 67.50 -4.60
N LEU H 111 -11.35 68.36 -5.56
CA LEU H 111 -12.28 69.41 -6.00
C LEU H 111 -12.45 69.37 -7.51
N VAL I 3 34.06 12.28 -49.38
CA VAL I 3 33.94 10.83 -49.41
C VAL I 3 35.28 10.19 -49.04
N LEU I 4 35.26 8.90 -48.74
CA LEU I 4 36.45 8.15 -48.39
C LEU I 4 36.76 7.17 -49.52
N THR I 5 37.99 7.19 -49.99
CA THR I 5 38.42 6.38 -51.13
C THR I 5 39.23 5.19 -50.64
N GLN I 6 38.90 4.01 -51.14
CA GLN I 6 39.59 2.77 -50.85
C GLN I 6 39.93 2.07 -52.15
N PRO I 7 40.94 1.20 -52.14
CA PRO I 7 41.19 0.34 -53.31
C PRO I 7 40.01 -0.57 -53.56
N PRO I 8 39.63 -0.76 -54.83
CA PRO I 8 38.43 -1.58 -55.12
C PRO I 8 38.59 -3.05 -54.79
N SER I 9 39.81 -3.60 -54.84
CA SER I 9 39.98 -5.03 -54.63
C SER I 9 41.43 -5.31 -54.25
N VAL I 10 41.61 -6.15 -53.22
CA VAL I 10 42.92 -6.63 -52.81
C VAL I 10 42.82 -8.13 -52.54
N SER I 11 43.86 -8.87 -52.92
CA SER I 11 43.85 -10.32 -52.82
C SER I 11 45.20 -10.82 -52.30
N ALA I 12 45.17 -11.92 -51.56
CA ALA I 12 46.37 -12.53 -51.02
C ALA I 12 46.08 -13.98 -50.66
N ALA I 13 47.15 -14.74 -50.43
CA ALA I 13 47.09 -16.16 -50.11
C ALA I 13 46.74 -16.36 -48.64
N PRO I 14 46.19 -17.52 -48.29
CA PRO I 14 45.87 -17.80 -46.89
C PRO I 14 47.09 -17.74 -46.00
N GLY I 15 46.89 -17.26 -44.78
CA GLY I 15 47.97 -17.14 -43.81
C GLY I 15 48.88 -15.94 -43.99
N GLN I 16 48.54 -15.04 -44.90
CA GLN I 16 49.35 -13.87 -45.19
C GLN I 16 48.83 -12.67 -44.41
N LYS I 17 49.36 -11.49 -44.71
CA LYS I 17 48.96 -10.24 -44.07
C LYS I 17 48.49 -9.26 -45.12
N VAL I 18 47.33 -8.64 -44.88
CA VAL I 18 46.73 -7.71 -45.83
C VAL I 18 46.43 -6.41 -45.12
N THR I 19 46.77 -5.30 -45.79
CA THR I 19 46.44 -3.96 -45.32
C THR I 19 45.52 -3.30 -46.33
N ILE I 20 44.40 -2.77 -45.85
CA ILE I 20 43.42 -2.05 -46.66
C ILE I 20 43.44 -0.58 -46.25
N SER I 21 43.61 0.30 -47.22
CA SER I 21 43.75 1.72 -46.96
C SER I 21 42.45 2.47 -47.22
N CYS I 22 42.59 3.79 -47.30
CA CYS I 22 41.41 4.68 -47.47
C CYS I 22 41.89 6.11 -47.26
N SER I 23 41.79 6.95 -48.30
CA SER I 23 42.33 8.34 -48.17
C SER I 23 41.19 9.35 -48.29
N GLY I 24 40.83 10.01 -47.19
CA GLY I 24 39.82 11.05 -47.27
C GLY I 24 40.46 12.42 -47.35
N SER I 25 39.92 13.35 -46.56
CA SER I 25 40.39 14.72 -46.51
C SER I 25 40.51 15.16 -45.06
N SER I 26 40.94 16.41 -44.86
CA SER I 26 41.10 16.94 -43.50
C SER I 26 39.78 17.15 -42.79
N SER I 27 38.66 17.15 -43.51
CA SER I 27 37.35 17.38 -42.89
C SER I 27 36.74 16.10 -42.35
N ASN I 28 36.95 14.97 -43.03
CA ASN I 28 36.33 13.71 -42.62
C ASN I 28 37.24 12.88 -41.72
N ILE I 29 38.42 12.53 -42.19
CA ILE I 29 39.32 11.67 -41.43
C ILE I 29 40.34 12.48 -40.64
N GLY I 30 40.80 13.60 -41.17
CA GLY I 30 41.80 14.41 -40.51
C GLY I 30 41.34 15.11 -39.26
N ASN I 31 40.04 15.06 -38.94
CA ASN I 31 39.54 15.73 -37.75
C ASN I 31 38.54 14.86 -36.99
N ASP I 32 38.51 13.55 -37.23
CA ASP I 32 37.57 12.67 -36.56
C ASP I 32 38.11 11.25 -36.60
N TYR I 33 37.44 10.36 -35.86
CA TYR I 33 37.83 8.97 -35.77
C TYR I 33 37.31 8.18 -36.97
N VAL I 34 37.84 6.96 -37.10
CA VAL I 34 37.49 6.07 -38.20
C VAL I 34 37.04 4.73 -37.63
N SER I 35 36.02 4.15 -38.24
CA SER I 35 35.53 2.83 -37.85
C SER I 35 35.54 1.90 -39.05
N TRP I 36 35.72 0.61 -38.78
CA TRP I 36 35.83 -0.41 -39.82
C TRP I 36 34.76 -1.47 -39.60
N TYR I 37 33.99 -1.74 -40.65
CA TYR I 37 32.92 -2.73 -40.65
C TYR I 37 33.20 -3.80 -41.69
N GLN I 38 32.71 -5.01 -41.40
CA GLN I 38 32.78 -6.14 -42.32
C GLN I 38 31.37 -6.60 -42.68
N GLN I 39 31.16 -6.92 -43.95
CA GLN I 39 29.87 -7.37 -44.45
C GLN I 39 30.06 -8.64 -45.27
N LEU I 40 29.51 -9.74 -44.76
CA LEU I 40 29.39 -11.03 -45.44
C LEU I 40 28.15 -11.02 -46.32
N PRO I 41 28.09 -11.87 -47.34
CA PRO I 41 26.92 -11.85 -48.24
C PRO I 41 25.67 -12.38 -47.53
N GLY I 42 24.58 -11.64 -47.63
CA GLY I 42 23.32 -12.02 -47.03
C GLY I 42 23.16 -11.63 -45.57
N THR I 43 24.10 -10.88 -45.00
CA THR I 43 24.04 -10.48 -43.61
C THR I 43 24.28 -8.98 -43.49
N ALA I 44 23.89 -8.43 -42.34
CA ALA I 44 24.13 -7.02 -42.05
C ALA I 44 25.60 -6.79 -41.75
N PRO I 45 26.09 -5.57 -41.97
CA PRO I 45 27.49 -5.27 -41.67
C PRO I 45 27.80 -5.49 -40.19
N LYS I 46 29.01 -5.97 -39.93
CA LYS I 46 29.48 -6.28 -38.58
C LYS I 46 30.62 -5.35 -38.22
N LEU I 47 30.53 -4.72 -37.04
CA LEU I 47 31.56 -3.80 -36.60
C LEU I 47 32.85 -4.56 -36.28
N LEU I 48 33.97 -4.07 -36.83
CA LEU I 48 35.27 -4.67 -36.59
C LEU I 48 36.15 -3.79 -35.71
N ILE I 49 36.36 -2.53 -36.07
CA ILE I 49 37.25 -1.64 -35.35
C ILE I 49 36.53 -0.32 -35.07
N TYR I 50 36.69 0.21 -33.86
CA TYR I 50 36.18 1.52 -33.51
C TYR I 50 37.24 2.25 -32.67
N ASP I 51 37.06 3.57 -32.53
CA ASP I 51 38.00 4.43 -31.83
C ASP I 51 39.40 4.34 -32.42
N ASN I 52 39.46 3.90 -33.67
CA ASN I 52 40.64 3.94 -34.54
C ASN I 52 41.70 2.91 -34.18
N ASN I 53 41.59 2.28 -33.00
CA ASN I 53 42.41 1.11 -32.71
C ASN I 53 41.71 0.06 -31.87
N LYS I 54 40.49 0.30 -31.38
CA LYS I 54 39.87 -0.57 -30.41
C LYS I 54 39.03 -1.65 -31.09
N ARG I 55 38.88 -2.79 -30.40
CA ARG I 55 38.11 -3.91 -30.90
C ARG I 55 36.98 -4.26 -29.94
N PRO I 56 35.78 -4.55 -30.44
CA PRO I 56 34.70 -5.00 -29.57
C PRO I 56 34.93 -6.42 -29.08
N SER I 57 34.14 -6.81 -28.10
CA SER I 57 34.22 -8.16 -27.56
C SER I 57 33.85 -9.18 -28.62
N GLY I 58 34.65 -10.25 -28.71
CA GLY I 58 34.43 -11.29 -29.70
C GLY I 58 35.22 -11.14 -30.98
N ILE I 59 35.93 -10.02 -31.15
CA ILE I 59 36.75 -9.80 -32.33
C ILE I 59 38.15 -10.35 -32.09
N PRO I 60 38.66 -11.19 -32.98
CA PRO I 60 39.97 -11.81 -32.75
C PRO I 60 41.10 -10.79 -32.86
N ASP I 61 42.24 -11.15 -32.27
CA ASP I 61 43.39 -10.25 -32.20
C ASP I 61 44.02 -10.00 -33.56
N ARG I 62 43.77 -10.86 -34.55
CA ARG I 62 44.41 -10.71 -35.85
C ARG I 62 43.91 -9.50 -36.62
N PHE I 63 42.82 -8.87 -36.19
CA PHE I 63 42.34 -7.63 -36.78
C PHE I 63 42.95 -6.45 -36.03
N SER I 64 43.44 -5.46 -36.78
CA SER I 64 43.98 -4.27 -36.15
C SER I 64 43.75 -3.07 -37.05
N GLY I 65 43.84 -1.88 -36.47
CA GLY I 65 43.62 -0.67 -37.24
C GLY I 65 44.51 0.46 -36.75
N SER I 66 44.76 1.40 -37.64
CA SER I 66 45.56 2.57 -37.32
C SER I 66 45.19 3.71 -38.27
N LYS I 67 45.61 4.92 -37.93
CA LYS I 67 45.38 6.07 -38.78
C LYS I 67 46.53 7.06 -38.65
N SER I 68 47.14 7.39 -39.78
CA SER I 68 48.22 8.37 -39.83
C SER I 68 47.76 9.54 -40.69
N GLY I 69 47.78 10.73 -40.12
CA GLY I 69 47.43 11.93 -40.85
C GLY I 69 46.03 11.88 -41.43
N THR I 70 45.96 11.71 -42.75
CA THR I 70 44.70 11.65 -43.47
C THR I 70 44.26 10.22 -43.79
N SER I 71 45.18 9.26 -43.79
CA SER I 71 44.88 7.92 -44.28
C SER I 71 44.83 6.92 -43.13
N ALA I 72 43.82 6.06 -43.15
CA ALA I 72 43.65 5.00 -42.17
C ALA I 72 43.94 3.65 -42.83
N THR I 73 44.32 2.68 -42.01
CA THR I 73 44.71 1.36 -42.49
C THR I 73 44.12 0.29 -41.58
N LEU I 74 43.56 -0.75 -42.20
CA LEU I 74 43.08 -1.94 -41.50
C LEU I 74 43.96 -3.13 -41.87
N GLY I 75 44.49 -3.80 -40.86
CA GLY I 75 45.40 -4.91 -41.09
C GLY I 75 44.83 -6.22 -40.58
N ILE I 76 44.94 -7.26 -41.41
CA ILE I 76 44.43 -8.58 -41.10
C ILE I 76 45.54 -9.60 -41.32
N THR I 77 45.78 -10.44 -40.32
CA THR I 77 46.78 -11.50 -40.38
C THR I 77 46.12 -12.85 -40.18
N GLY I 78 46.83 -13.90 -40.58
CA GLY I 78 46.32 -15.25 -40.45
C GLY I 78 45.06 -15.48 -41.26
N LEU I 79 45.07 -15.08 -42.52
CA LEU I 79 43.88 -15.14 -43.36
C LEU I 79 43.37 -16.57 -43.48
N GLN I 80 42.05 -16.70 -43.43
CA GLN I 80 41.37 -17.97 -43.62
C GLN I 80 40.44 -17.90 -44.81
N THR I 81 39.70 -18.99 -45.05
CA THR I 81 38.73 -18.99 -46.13
C THR I 81 37.50 -18.16 -45.78
N GLY I 82 37.18 -18.05 -44.48
CA GLY I 82 36.03 -17.30 -44.02
C GLY I 82 36.24 -15.82 -43.87
N ASP I 83 37.42 -15.30 -44.19
CA ASP I 83 37.72 -13.89 -44.12
C ASP I 83 37.61 -13.20 -45.48
N GLU I 84 36.73 -13.68 -46.35
CA GLU I 84 36.49 -13.09 -47.65
C GLU I 84 35.10 -12.44 -47.64
N ALA I 85 35.07 -11.12 -47.67
CA ALA I 85 33.84 -10.36 -47.56
C ALA I 85 34.13 -8.93 -48.00
N ASN I 86 33.17 -8.03 -47.79
CA ASN I 86 33.35 -6.62 -48.07
C ASN I 86 33.77 -5.88 -46.80
N TYR I 87 34.60 -4.86 -46.96
CA TYR I 87 35.09 -4.08 -45.82
C TYR I 87 34.86 -2.60 -46.10
N TYR I 88 34.35 -1.90 -45.09
CA TYR I 88 33.98 -0.49 -45.24
C TYR I 88 34.58 0.35 -44.12
N CYS I 89 35.08 1.52 -44.50
CA CYS I 89 35.53 2.52 -43.54
C CYS I 89 34.48 3.62 -43.43
N ALA I 90 34.18 4.03 -42.20
CA ALA I 90 33.16 5.02 -41.93
C ALA I 90 33.70 6.09 -40.99
N THR I 91 33.22 7.31 -41.17
CA THR I 91 33.61 8.42 -40.30
C THR I 91 32.47 9.41 -40.21
N TRP I 92 32.64 10.38 -39.31
CA TRP I 92 31.61 11.36 -38.99
C TRP I 92 32.02 12.71 -39.58
N ASP I 93 31.63 12.95 -40.84
CA ASP I 93 31.95 14.21 -41.49
C ASP I 93 31.16 15.33 -40.81
N ARG I 94 31.80 16.49 -40.66
CA ARG I 94 31.16 17.61 -39.97
C ARG I 94 31.77 18.91 -40.47
N ARG I 95 31.04 19.61 -41.33
CA ARG I 95 31.36 21.00 -41.65
C ARG I 95 30.08 21.75 -42.03
N PRO I 96 29.50 21.56 -43.24
CA PRO I 96 28.26 22.27 -43.52
C PRO I 96 27.06 21.73 -42.78
N THR I 97 26.81 20.43 -42.90
CA THR I 97 25.82 19.69 -42.12
C THR I 97 26.43 18.32 -41.85
N ALA I 98 26.69 18.01 -40.58
CA ALA I 98 27.40 16.78 -40.25
C ALA I 98 26.58 15.55 -40.60
N TYR I 99 27.27 14.50 -41.07
CA TYR I 99 26.60 13.24 -41.36
C TYR I 99 27.63 12.12 -41.37
N VAL I 100 27.14 10.89 -41.25
CA VAL I 100 28.00 9.71 -41.34
C VAL I 100 28.31 9.44 -42.81
N VAL I 101 29.58 9.22 -43.12
CA VAL I 101 30.01 8.87 -44.47
C VAL I 101 30.72 7.53 -44.43
N PHE I 102 30.30 6.60 -45.30
CA PHE I 102 30.93 5.32 -45.49
C PHE I 102 31.91 5.38 -46.66
N GLY I 103 32.84 4.42 -46.67
CA GLY I 103 33.77 4.33 -47.77
C GLY I 103 33.18 3.63 -48.97
N GLY I 104 33.96 3.60 -50.05
CA GLY I 104 33.53 2.94 -51.27
C GLY I 104 33.44 1.44 -51.17
N GLY I 105 34.19 0.83 -50.26
CA GLY I 105 34.18 -0.60 -50.09
C GLY I 105 35.35 -1.26 -50.80
N THR I 106 35.79 -2.40 -50.25
CA THR I 106 36.93 -3.13 -50.79
C THR I 106 36.64 -4.63 -50.71
N LYS I 107 36.74 -5.32 -51.84
CA LYS I 107 36.54 -6.76 -51.87
C LYS I 107 37.85 -7.47 -51.56
N LEU I 108 37.82 -8.34 -50.54
CA LEU I 108 38.98 -9.13 -50.15
C LEU I 108 38.79 -10.55 -50.67
N THR I 109 39.58 -10.94 -51.65
CA THR I 109 39.51 -12.26 -52.24
C THR I 109 40.71 -13.09 -51.79
N VAL I 110 40.45 -14.32 -51.36
CA VAL I 110 41.50 -15.21 -50.89
C VAL I 110 41.78 -16.26 -51.96
N LEU I 111 42.99 -16.81 -51.94
CA LEU I 111 43.38 -17.82 -52.91
C LEU I 111 43.92 -19.06 -52.21
#